data_7SNM
#
_entry.id   7SNM
#
_cell.length_a   73.210
_cell.length_b   206.160
_cell.length_c   81.430
_cell.angle_alpha   90.000
_cell.angle_beta   114.090
_cell.angle_gamma   90.000
#
_symmetry.space_group_name_H-M   'P 1 21 1'
#
loop_
_entity.id
_entity.type
_entity.pdbx_description
1 polymer 'Cytochrome P450 51'
2 non-polymer 'PROTOPORPHYRIN IX CONTAINING FE'
3 non-polymer LANOSTEROL
4 water water
#
_entity_poly.entity_id   1
_entity_poly.type   'polypeptide(L)'
_entity_poly.pdbx_seq_one_letter_code
;MSHPPSNTPPVKPGGLPLLGHILEFGKNPHAFLMALRHEFGDVAEFRMFHQRMVLLTGSQASEAFYRAPDEVLDQGPAYR
IMTPIFGRGVVFDARIERKNQQLQMLMPALRDKPMRTYSEIIVAEVEAMLRDWKDAGTIDLLELTKELTIYTSSHCLLGA
EFRHELNTEFAGIYRDLEMGIQPIAYVFPNLPLPVFKRRDQARVRLQELVTQIMERRARSQERSTNVFQMLIDASYDDGS
KLTPHEITGMLIATIFAGHHTSSGTTAWVLIELLRRPEYLRRVRAEIDALFETHGRVTFESLRQMPQLENVIKEVLRLHP
PLILLMRKVMKDFEVQGMRIEAGKFVCAAPSVTHRIPELFPNPELFDPDRYTPERAEDKDLYGWQAFGGGRHKCSGNAFA
MFQIKAIVCVLLRNYEFELAAAPESYRDDYRKMVVEPASPCLIRYRRRDAPAAVDAKASAGEAPAETLRGAFRVTVDRDL
CKGHGNCMAEAPEIFRVDEDGRLTLLSETPDPVLVGAALAAERFCPARAIKILPQRDPATRDRSLSPSGED
;
_entity_poly.pdbx_strand_id   A,B,C,D
#
loop_
_chem_comp.id
_chem_comp.type
_chem_comp.name
_chem_comp.formula
HEM non-polymer 'PROTOPORPHYRIN IX CONTAINING FE' 'C34 H32 Fe N4 O4'
LAN non-polymer LANOSTEROL 'C30 H50 O'
#
# COMPACT_ATOMS: atom_id res chain seq x y z
N SER A 6 -17.20 -18.27 -49.23
CA SER A 6 -16.90 -19.67 -49.67
C SER A 6 -17.63 -20.66 -48.77
N ASN A 7 -16.98 -21.76 -48.40
CA ASN A 7 -17.56 -22.70 -47.41
C ASN A 7 -17.35 -22.09 -46.02
N THR A 8 -18.11 -22.52 -45.02
CA THR A 8 -18.01 -21.89 -43.68
C THR A 8 -17.61 -22.94 -42.65
N PRO A 9 -17.30 -22.57 -41.38
CA PRO A 9 -16.81 -23.55 -40.41
C PRO A 9 -17.85 -24.57 -39.97
N PRO A 10 -17.47 -25.82 -39.66
CA PRO A 10 -18.41 -26.79 -39.07
C PRO A 10 -18.89 -26.32 -37.69
N VAL A 11 -20.22 -26.26 -37.51
CA VAL A 11 -20.84 -25.84 -36.22
C VAL A 11 -21.19 -27.09 -35.40
N LYS A 12 -20.83 -27.08 -34.11
CA LYS A 12 -21.08 -28.25 -33.21
C LYS A 12 -22.58 -28.31 -32.91
N PRO A 13 -23.21 -29.51 -33.00
CA PRO A 13 -24.60 -29.66 -32.60
C PRO A 13 -24.78 -29.78 -31.08
N GLY A 14 -26.04 -29.81 -30.62
CA GLY A 14 -26.38 -30.13 -29.22
C GLY A 14 -26.55 -28.87 -28.40
N GLY A 15 -26.45 -27.71 -29.07
CA GLY A 15 -26.58 -26.38 -28.44
C GLY A 15 -27.96 -26.23 -27.84
N LEU A 16 -28.04 -26.11 -26.51
CA LEU A 16 -29.34 -25.89 -25.83
C LEU A 16 -29.95 -24.58 -26.35
N PRO A 17 -31.28 -24.43 -26.25
CA PRO A 17 -31.94 -23.20 -26.67
C PRO A 17 -31.52 -22.03 -25.76
N LEU A 18 -31.07 -20.92 -26.36
CA LEU A 18 -30.81 -19.65 -25.62
C LEU A 18 -29.46 -19.69 -24.90
N LEU A 19 -28.82 -20.86 -24.79
CA LEU A 19 -27.59 -21.02 -23.96
C LEU A 19 -26.45 -21.52 -24.84
N GLY A 20 -26.78 -22.05 -26.02
CA GLY A 20 -25.77 -22.70 -26.89
C GLY A 20 -25.06 -23.80 -26.13
N HIS A 21 -23.72 -23.81 -26.16
CA HIS A 21 -22.89 -24.88 -25.53
C HIS A 21 -22.31 -24.39 -24.20
N ILE A 22 -22.81 -23.27 -23.66
CA ILE A 22 -22.20 -22.59 -22.48
C ILE A 22 -22.15 -23.56 -21.29
N LEU A 23 -23.16 -24.42 -21.15
CA LEU A 23 -23.30 -25.36 -20.01
C LEU A 23 -22.20 -26.43 -20.09
N GLU A 24 -22.05 -27.03 -21.28
CA GLU A 24 -20.98 -28.01 -21.59
C GLU A 24 -19.62 -27.32 -21.47
N PHE A 25 -19.46 -26.15 -22.12
CA PHE A 25 -18.19 -25.38 -22.13
C PHE A 25 -17.77 -25.08 -20.68
N GLY A 26 -18.69 -24.50 -19.90
CA GLY A 26 -18.42 -23.91 -18.58
C GLY A 26 -18.04 -24.94 -17.53
N LYS A 27 -18.58 -26.16 -17.63
CA LYS A 27 -18.23 -27.26 -16.70
C LYS A 27 -16.71 -27.51 -16.80
N ASN A 28 -16.20 -27.62 -18.03
CA ASN A 28 -14.77 -27.94 -18.27
C ASN A 28 -14.36 -27.40 -19.63
N PRO A 29 -13.92 -26.12 -19.69
CA PRO A 29 -13.59 -25.48 -20.96
C PRO A 29 -12.52 -26.24 -21.77
N HIS A 30 -11.45 -26.66 -21.12
CA HIS A 30 -10.35 -27.43 -21.77
C HIS A 30 -10.94 -28.66 -22.47
N ALA A 31 -11.73 -29.45 -21.73
CA ALA A 31 -12.36 -30.71 -22.18
C ALA A 31 -13.27 -30.44 -23.39
N PHE A 32 -14.05 -29.36 -23.33
CA PHE A 32 -14.94 -28.94 -24.44
C PHE A 32 -14.10 -28.67 -25.69
N LEU A 33 -13.05 -27.85 -25.53
CA LEU A 33 -12.23 -27.38 -26.67
C LEU A 33 -11.47 -28.57 -27.28
N MET A 34 -10.91 -29.45 -26.45
CA MET A 34 -10.26 -30.70 -26.92
C MET A 34 -11.24 -31.50 -27.79
N ALA A 35 -12.42 -31.82 -27.23
CA ALA A 35 -13.50 -32.58 -27.89
C ALA A 35 -13.90 -31.89 -29.20
N LEU A 36 -13.96 -30.55 -29.21
CA LEU A 36 -14.40 -29.80 -30.40
C LEU A 36 -13.37 -30.00 -31.52
N ARG A 37 -12.07 -29.96 -31.19
CA ARG A 37 -11.03 -30.15 -32.22
C ARG A 37 -11.08 -31.60 -32.71
N HIS A 38 -11.12 -32.54 -31.77
CA HIS A 38 -11.19 -34.00 -32.05
C HIS A 38 -12.32 -34.27 -33.03
N GLU A 39 -13.46 -33.58 -32.90
CA GLU A 39 -14.67 -33.83 -33.72
C GLU A 39 -14.51 -33.15 -35.09
N PHE A 40 -14.11 -31.88 -35.16
CA PHE A 40 -14.24 -31.04 -36.37
C PHE A 40 -12.88 -30.53 -36.89
N GLY A 41 -11.78 -30.80 -36.19
CA GLY A 41 -10.43 -30.45 -36.64
C GLY A 41 -10.05 -29.01 -36.32
N ASP A 42 -9.38 -28.32 -37.26
CA ASP A 42 -8.54 -27.12 -37.00
C ASP A 42 -9.40 -25.87 -36.83
N VAL A 43 -10.59 -25.87 -37.46
CA VAL A 43 -11.56 -24.74 -37.43
C VAL A 43 -12.95 -25.31 -37.11
N ALA A 44 -13.52 -24.91 -35.97
CA ALA A 44 -14.78 -25.47 -35.44
C ALA A 44 -15.55 -24.38 -34.67
N GLU A 45 -16.82 -24.20 -35.04
CA GLU A 45 -17.69 -23.17 -34.41
C GLU A 45 -18.51 -23.82 -33.29
N PHE A 46 -18.67 -23.08 -32.19
CA PHE A 46 -19.63 -23.39 -31.10
C PHE A 46 -20.26 -22.08 -30.63
N ARG A 47 -21.27 -22.15 -29.75
CA ARG A 47 -22.04 -20.95 -29.35
C ARG A 47 -21.95 -20.78 -27.82
N MET A 48 -21.68 -19.56 -27.37
CA MET A 48 -21.76 -19.18 -25.94
C MET A 48 -22.91 -18.18 -25.80
N PHE A 49 -24.08 -18.66 -25.37
CA PHE A 49 -25.39 -18.00 -25.57
C PHE A 49 -25.54 -17.69 -27.08
N HIS A 50 -25.80 -16.43 -27.43
CA HIS A 50 -26.00 -15.97 -28.83
C HIS A 50 -24.65 -15.83 -29.57
N GLN A 51 -23.53 -15.82 -28.85
CA GLN A 51 -22.21 -15.49 -29.46
C GLN A 51 -21.68 -16.70 -30.23
N ARG A 52 -21.36 -16.49 -31.51
CA ARG A 52 -20.86 -17.56 -32.41
C ARG A 52 -19.32 -17.53 -32.36
N MET A 53 -18.71 -18.63 -31.91
CA MET A 53 -17.26 -18.68 -31.56
C MET A 53 -16.57 -19.72 -32.45
N VAL A 54 -15.41 -19.39 -33.03
CA VAL A 54 -14.67 -20.36 -33.90
C VAL A 54 -13.35 -20.72 -33.20
N LEU A 55 -13.21 -21.98 -32.79
CA LEU A 55 -11.94 -22.48 -32.20
C LEU A 55 -10.93 -22.70 -33.34
N LEU A 56 -9.78 -22.04 -33.19
CA LEU A 56 -8.65 -22.11 -34.16
C LEU A 56 -7.49 -22.85 -33.49
N THR A 57 -7.13 -24.01 -34.02
CA THR A 57 -6.18 -24.95 -33.36
C THR A 57 -5.22 -25.52 -34.42
N GLY A 58 -4.01 -25.90 -34.01
CA GLY A 58 -2.92 -26.31 -34.92
C GLY A 58 -2.18 -25.13 -35.51
N SER A 59 -1.07 -25.37 -36.22
CA SER A 59 -0.11 -24.32 -36.64
C SER A 59 -0.79 -23.33 -37.59
N GLN A 60 -1.36 -23.80 -38.70
CA GLN A 60 -1.92 -22.90 -39.75
C GLN A 60 -2.99 -21.97 -39.16
N ALA A 61 -3.94 -22.52 -38.41
CA ALA A 61 -5.07 -21.72 -37.88
C ALA A 61 -4.56 -20.79 -36.77
N SER A 62 -3.66 -21.29 -35.92
CA SER A 62 -3.06 -20.44 -34.86
C SER A 62 -2.27 -19.30 -35.51
N GLU A 63 -1.66 -19.54 -36.67
CA GLU A 63 -0.90 -18.50 -37.41
C GLU A 63 -1.87 -17.38 -37.81
N ALA A 64 -3.00 -17.76 -38.42
CA ALA A 64 -4.05 -16.81 -38.89
C ALA A 64 -4.51 -15.96 -37.70
N PHE A 65 -4.65 -16.57 -36.53
CA PHE A 65 -5.14 -15.92 -35.29
C PHE A 65 -4.15 -14.81 -34.88
N TYR A 66 -2.89 -15.20 -34.66
CA TYR A 66 -1.85 -14.34 -34.05
C TYR A 66 -1.37 -13.30 -35.07
N ARG A 67 -1.44 -13.60 -36.37
CA ARG A 67 -0.82 -12.74 -37.41
C ARG A 67 -1.85 -11.76 -38.00
N ALA A 68 -3.11 -11.80 -37.56
CA ALA A 68 -4.20 -11.00 -38.18
C ALA A 68 -4.05 -9.53 -37.79
N PRO A 69 -4.24 -8.58 -38.72
CA PRO A 69 -4.24 -7.16 -38.38
C PRO A 69 -5.30 -6.83 -37.32
N ASP A 70 -5.09 -5.77 -36.52
CA ASP A 70 -6.01 -5.35 -35.43
C ASP A 70 -7.33 -4.86 -36.03
N GLU A 71 -7.36 -4.57 -37.33
CA GLU A 71 -8.55 -4.03 -38.04
C GLU A 71 -9.47 -5.18 -38.43
N VAL A 72 -8.96 -6.42 -38.41
CA VAL A 72 -9.74 -7.63 -38.77
C VAL A 72 -10.08 -8.41 -37.49
N LEU A 73 -9.09 -8.56 -36.59
CA LEU A 73 -9.25 -9.30 -35.32
C LEU A 73 -8.91 -8.35 -34.17
N ASP A 74 -9.88 -8.05 -33.29
CA ASP A 74 -9.65 -7.11 -32.16
C ASP A 74 -9.92 -7.81 -30.82
N GLN A 75 -9.14 -7.44 -29.80
CA GLN A 75 -9.20 -8.01 -28.43
C GLN A 75 -10.34 -7.32 -27.67
N GLY A 76 -10.65 -6.08 -28.04
CA GLY A 76 -11.50 -5.17 -27.25
C GLY A 76 -12.83 -5.81 -26.88
N PRO A 77 -13.73 -6.04 -27.86
CA PRO A 77 -15.04 -6.61 -27.58
C PRO A 77 -14.95 -8.01 -26.94
N ALA A 78 -13.93 -8.80 -27.32
CA ALA A 78 -13.73 -10.18 -26.82
C ALA A 78 -13.47 -10.18 -25.31
N TYR A 79 -12.92 -9.10 -24.75
CA TYR A 79 -12.38 -9.11 -23.37
C TYR A 79 -13.13 -8.10 -22.49
N ARG A 80 -14.38 -7.80 -22.83
CA ARG A 80 -15.32 -7.04 -21.95
C ARG A 80 -15.28 -7.62 -20.54
N ILE A 81 -15.04 -8.93 -20.43
CA ILE A 81 -14.97 -9.66 -19.12
C ILE A 81 -14.09 -8.89 -18.15
N MET A 82 -13.04 -8.23 -18.66
CA MET A 82 -12.02 -7.60 -17.78
C MET A 82 -12.45 -6.19 -17.36
N THR A 83 -13.49 -5.64 -17.99
CA THR A 83 -13.89 -4.23 -17.73
C THR A 83 -14.36 -4.06 -16.29
N PRO A 84 -15.17 -4.97 -15.73
CA PRO A 84 -15.60 -4.84 -14.34
C PRO A 84 -14.45 -5.12 -13.34
N ILE A 85 -13.35 -5.69 -13.83
CA ILE A 85 -12.19 -6.07 -12.96
C ILE A 85 -11.19 -4.91 -12.91
N PHE A 86 -10.82 -4.40 -14.09
CA PHE A 86 -9.78 -3.35 -14.24
C PHE A 86 -10.43 -1.97 -14.13
N GLY A 87 -11.72 -1.86 -14.46
CA GLY A 87 -12.48 -0.59 -14.45
C GLY A 87 -12.73 -0.10 -15.85
N ARG A 88 -13.73 0.78 -16.02
CA ARG A 88 -14.03 1.42 -17.33
C ARG A 88 -12.86 2.32 -17.75
N GLY A 89 -12.56 2.30 -19.05
CA GLY A 89 -11.52 3.12 -19.69
C GLY A 89 -10.12 2.56 -19.47
N VAL A 90 -10.00 1.38 -18.86
CA VAL A 90 -8.67 0.74 -18.59
C VAL A 90 -8.43 -0.38 -19.60
N VAL A 91 -7.17 -0.57 -20.03
CA VAL A 91 -6.72 -1.55 -21.06
C VAL A 91 -7.83 -1.72 -22.10
N PHE A 92 -8.50 -2.87 -22.15
CA PHE A 92 -9.33 -3.25 -23.34
C PHE A 92 -10.58 -2.37 -23.45
N ASP A 93 -10.98 -1.67 -22.38
CA ASP A 93 -12.16 -0.79 -22.40
C ASP A 93 -11.76 0.65 -22.78
N ALA A 94 -10.50 0.86 -23.19
CA ALA A 94 -9.94 2.17 -23.57
C ALA A 94 -9.85 2.29 -25.10
N ARG A 95 -9.88 3.51 -25.63
CA ARG A 95 -9.33 3.80 -26.99
C ARG A 95 -7.92 3.21 -27.10
N ILE A 96 -7.51 2.84 -28.31
CA ILE A 96 -6.18 2.20 -28.57
C ILE A 96 -5.07 3.12 -28.03
N GLU A 97 -5.14 4.43 -28.32
CA GLU A 97 -4.04 5.38 -28.04
C GLU A 97 -3.83 5.41 -26.51
N ARG A 98 -4.92 5.30 -25.75
CA ARG A 98 -4.81 5.35 -24.26
C ARG A 98 -4.37 3.98 -23.74
N LYS A 99 -4.78 2.90 -24.42
CA LYS A 99 -4.38 1.53 -24.04
C LYS A 99 -2.86 1.40 -24.18
N ASN A 100 -2.33 1.76 -25.35
CA ASN A 100 -0.88 1.67 -25.67
C ASN A 100 -0.09 2.46 -24.63
N GLN A 101 -0.60 3.64 -24.26
CA GLN A 101 0.07 4.52 -23.26
C GLN A 101 0.05 3.84 -21.88
N GLN A 102 -1.05 3.15 -21.56
CA GLN A 102 -1.16 2.44 -20.26
C GLN A 102 -0.15 1.28 -20.25
N LEU A 103 -0.07 0.53 -21.35
CA LEU A 103 0.90 -0.60 -21.45
C LEU A 103 2.32 -0.04 -21.43
N GLN A 104 2.55 1.12 -22.05
CA GLN A 104 3.90 1.73 -22.16
C GLN A 104 4.40 2.17 -20.77
N MET A 105 3.53 2.36 -19.78
CA MET A 105 3.94 2.85 -18.43
C MET A 105 4.50 1.72 -17.57
N LEU A 106 4.29 0.45 -17.96
CA LEU A 106 4.94 -0.70 -17.26
C LEU A 106 6.27 -1.05 -17.96
N MET A 107 6.35 -0.86 -19.28
CA MET A 107 7.51 -1.27 -20.11
C MET A 107 8.82 -0.85 -19.43
N PRO A 108 8.97 0.39 -18.89
CA PRO A 108 10.19 0.79 -18.20
C PRO A 108 10.64 -0.18 -17.11
N ALA A 109 9.72 -0.80 -16.37
CA ALA A 109 10.02 -1.79 -15.31
C ALA A 109 10.59 -3.09 -15.89
N LEU A 110 10.57 -3.27 -17.22
CA LEU A 110 10.94 -4.55 -17.88
C LEU A 110 12.32 -4.43 -18.53
N ARG A 111 12.99 -3.29 -18.36
CA ARG A 111 14.25 -3.05 -19.12
C ARG A 111 15.43 -3.77 -18.46
N ASP A 112 16.57 -3.88 -19.15
CA ASP A 112 17.75 -4.64 -18.67
C ASP A 112 18.16 -4.14 -17.27
N LYS A 113 18.04 -2.82 -17.03
CA LYS A 113 18.68 -2.14 -15.87
C LYS A 113 17.97 -2.53 -14.57
N PRO A 114 16.63 -2.35 -14.46
CA PRO A 114 15.91 -2.71 -13.23
C PRO A 114 15.83 -4.22 -13.02
N MET A 115 16.12 -4.99 -14.07
CA MET A 115 16.09 -6.48 -14.01
C MET A 115 17.23 -6.96 -13.11
N ARG A 116 18.42 -6.34 -13.20
CA ARG A 116 19.53 -6.68 -12.28
C ARG A 116 19.06 -6.47 -10.83
N THR A 117 18.20 -5.46 -10.63
CA THR A 117 17.60 -5.11 -9.32
C THR A 117 16.70 -6.22 -8.77
N TYR A 118 15.94 -6.91 -9.62
CA TYR A 118 14.80 -7.77 -9.21
C TYR A 118 15.31 -9.04 -8.53
N SER A 119 16.44 -9.60 -8.98
CA SER A 119 17.03 -10.85 -8.41
C SER A 119 17.15 -10.73 -6.89
N GLU A 120 17.53 -9.56 -6.37
CA GLU A 120 17.79 -9.37 -4.92
C GLU A 120 16.46 -9.19 -4.19
N ILE A 121 15.47 -8.59 -4.86
CA ILE A 121 14.13 -8.32 -4.26
C ILE A 121 13.38 -9.65 -4.07
N ILE A 122 13.45 -10.53 -5.08
CA ILE A 122 12.70 -11.81 -5.07
C ILE A 122 13.25 -12.70 -3.95
N VAL A 123 14.58 -12.79 -3.86
CA VAL A 123 15.30 -13.58 -2.80
C VAL A 123 14.86 -13.03 -1.44
N ALA A 124 14.93 -11.71 -1.27
CA ALA A 124 14.48 -11.00 -0.06
C ALA A 124 13.08 -11.49 0.32
N GLU A 125 12.15 -11.48 -0.66
CA GLU A 125 10.73 -11.81 -0.43
C GLU A 125 10.59 -13.30 -0.08
N VAL A 126 11.31 -14.17 -0.81
CA VAL A 126 11.20 -15.64 -0.62
C VAL A 126 11.69 -15.99 0.79
N GLU A 127 12.86 -15.48 1.17
CA GLU A 127 13.47 -15.68 2.51
C GLU A 127 12.56 -15.08 3.59
N ALA A 128 11.89 -13.96 3.28
CA ALA A 128 10.97 -13.25 4.22
C ALA A 128 9.84 -14.18 4.66
N MET A 129 9.32 -15.02 3.75
CA MET A 129 8.20 -15.95 4.05
C MET A 129 8.75 -17.23 4.70
N LEU A 130 10.03 -17.53 4.46
CA LEU A 130 10.67 -18.79 4.91
C LEU A 130 11.16 -18.65 6.36
N ARG A 131 11.46 -17.42 6.81
CA ARG A 131 11.91 -17.18 8.21
C ARG A 131 10.84 -17.66 9.18
N ASP A 132 9.56 -17.47 8.85
CA ASP A 132 8.40 -17.79 9.74
C ASP A 132 8.12 -19.28 9.71
N TRP A 133 8.75 -20.06 8.81
CA TRP A 133 8.64 -21.54 8.77
C TRP A 133 9.41 -22.14 9.95
N LYS A 134 9.50 -23.47 10.00
CA LYS A 134 10.00 -24.21 11.19
C LYS A 134 10.62 -25.55 10.74
N ASP A 135 11.76 -25.51 10.05
CA ASP A 135 12.77 -26.61 10.03
C ASP A 135 12.26 -27.81 9.24
N ALA A 136 11.09 -28.36 9.60
CA ALA A 136 10.30 -29.31 8.79
C ALA A 136 8.80 -29.06 9.01
N GLY A 137 7.95 -29.35 8.03
CA GLY A 137 6.50 -29.17 8.16
C GLY A 137 5.73 -29.51 6.89
N THR A 138 4.43 -29.16 6.86
CA THR A 138 3.56 -29.31 5.66
C THR A 138 2.87 -27.98 5.33
N ILE A 139 2.94 -27.56 4.07
CA ILE A 139 2.31 -26.31 3.55
C ILE A 139 1.46 -26.66 2.32
N ASP A 140 0.47 -25.82 2.01
CA ASP A 140 -0.23 -25.84 0.70
C ASP A 140 0.62 -25.07 -0.32
N LEU A 141 1.16 -25.78 -1.31
CA LEU A 141 2.14 -25.22 -2.30
C LEU A 141 1.46 -24.10 -3.10
N LEU A 142 0.18 -24.24 -3.47
CA LEU A 142 -0.50 -23.20 -4.29
C LEU A 142 -0.81 -21.98 -3.43
N GLU A 143 -1.29 -22.18 -2.19
CA GLU A 143 -1.65 -21.10 -1.25
C GLU A 143 -0.42 -20.21 -1.04
N LEU A 144 0.75 -20.81 -0.86
CA LEU A 144 2.03 -20.07 -0.64
C LEU A 144 2.41 -19.35 -1.92
N THR A 145 2.49 -20.09 -3.04
CA THR A 145 2.97 -19.55 -4.34
C THR A 145 2.14 -18.34 -4.78
N LYS A 146 0.85 -18.35 -4.49
CA LYS A 146 -0.04 -17.21 -4.84
C LYS A 146 0.36 -16.01 -3.99
N GLU A 147 0.42 -16.21 -2.67
CA GLU A 147 0.85 -15.14 -1.72
C GLU A 147 2.20 -14.60 -2.14
N LEU A 148 3.17 -15.50 -2.39
CA LEU A 148 4.58 -15.13 -2.70
C LEU A 148 4.61 -14.29 -3.97
N THR A 149 3.90 -14.69 -5.04
CA THR A 149 3.97 -13.97 -6.34
C THR A 149 3.34 -12.58 -6.20
N ILE A 150 2.47 -12.37 -5.21
CA ILE A 150 1.93 -11.00 -4.97
C ILE A 150 3.05 -10.10 -4.45
N TYR A 151 3.72 -10.51 -3.37
CA TYR A 151 4.87 -9.75 -2.81
C TYR A 151 5.95 -9.57 -3.88
N THR A 152 6.32 -10.67 -4.53
CA THR A 152 7.39 -10.66 -5.57
C THR A 152 7.09 -9.69 -6.71
N SER A 153 5.83 -9.61 -7.18
CA SER A 153 5.55 -8.82 -8.40
C SER A 153 5.20 -7.39 -7.99
N SER A 154 4.70 -7.22 -6.78
CA SER A 154 4.33 -5.89 -6.26
C SER A 154 5.64 -5.12 -6.04
N HIS A 155 6.56 -5.80 -5.36
CA HIS A 155 7.88 -5.19 -5.01
C HIS A 155 8.61 -4.87 -6.32
N CYS A 156 8.70 -5.84 -7.24
CA CYS A 156 9.56 -5.69 -8.44
C CYS A 156 8.99 -4.62 -9.39
N LEU A 157 7.70 -4.65 -9.70
CA LEU A 157 7.14 -3.85 -10.82
C LEU A 157 6.44 -2.58 -10.34
N LEU A 158 6.01 -2.50 -9.09
CA LEU A 158 5.33 -1.30 -8.52
C LEU A 158 6.19 -0.65 -7.43
N GLY A 159 7.11 -1.40 -6.82
CA GLY A 159 8.10 -0.88 -5.85
C GLY A 159 7.75 -1.21 -4.41
N ALA A 160 8.68 -0.94 -3.50
CA ALA A 160 8.59 -1.30 -2.06
C ALA A 160 7.45 -0.50 -1.40
N GLU A 161 7.17 0.69 -1.94
CA GLU A 161 6.18 1.62 -1.36
C GLU A 161 4.79 0.95 -1.45
N PHE A 162 4.40 0.45 -2.61
CA PHE A 162 3.11 -0.26 -2.82
C PHE A 162 3.12 -1.61 -2.09
N ARG A 163 4.24 -2.35 -2.15
CA ARG A 163 4.38 -3.65 -1.43
C ARG A 163 4.17 -3.47 0.07
N HIS A 164 4.53 -2.33 0.65
CA HIS A 164 4.44 -2.14 2.12
C HIS A 164 2.97 -2.16 2.59
N GLU A 165 2.02 -1.88 1.70
CA GLU A 165 0.59 -1.78 2.12
C GLU A 165 -0.17 -3.07 1.83
N LEU A 166 0.39 -3.99 1.02
CA LEU A 166 -0.30 -5.28 0.74
C LEU A 166 -0.57 -6.01 2.07
N ASN A 167 -1.82 -6.36 2.32
CA ASN A 167 -2.28 -6.97 3.60
C ASN A 167 -3.21 -8.15 3.30
N THR A 168 -4.06 -8.49 4.28
CA THR A 168 -5.06 -9.59 4.10
C THR A 168 -6.24 -9.03 3.29
N GLU A 169 -6.69 -7.83 3.63
CA GLU A 169 -7.74 -7.13 2.84
C GLU A 169 -7.36 -7.17 1.36
N PHE A 170 -6.10 -6.86 1.06
CA PHE A 170 -5.57 -6.84 -0.33
C PHE A 170 -5.62 -8.27 -0.87
N ALA A 171 -5.19 -9.25 -0.06
CA ALA A 171 -5.17 -10.68 -0.43
C ALA A 171 -6.58 -11.12 -0.87
N GLY A 172 -7.59 -10.89 -0.03
CA GLY A 172 -9.00 -11.25 -0.34
C GLY A 172 -9.50 -10.48 -1.55
N ILE A 173 -9.14 -9.20 -1.64
CA ILE A 173 -9.58 -8.30 -2.75
C ILE A 173 -9.15 -8.92 -4.09
N TYR A 174 -7.92 -9.41 -4.18
CA TYR A 174 -7.35 -10.00 -5.42
C TYR A 174 -8.00 -11.37 -5.68
N ARG A 175 -8.36 -12.13 -4.65
CA ARG A 175 -9.08 -13.42 -4.88
C ARG A 175 -10.48 -13.11 -5.43
N ASP A 176 -11.18 -12.15 -4.86
CA ASP A 176 -12.53 -11.73 -5.31
C ASP A 176 -12.45 -11.21 -6.75
N LEU A 177 -11.40 -10.47 -7.06
CA LEU A 177 -11.21 -9.90 -8.43
C LEU A 177 -10.94 -11.07 -9.39
N GLU A 178 -10.11 -12.02 -8.98
CA GLU A 178 -9.71 -13.17 -9.83
C GLU A 178 -10.96 -14.02 -10.10
N MET A 179 -11.80 -14.21 -9.08
CA MET A 179 -13.04 -15.03 -9.16
C MET A 179 -14.04 -14.38 -10.13
N GLY A 180 -13.80 -13.14 -10.54
CA GLY A 180 -14.63 -12.45 -11.55
C GLY A 180 -14.44 -13.08 -12.92
N ILE A 181 -13.35 -13.83 -13.09
CA ILE A 181 -13.05 -14.43 -14.42
C ILE A 181 -13.85 -15.72 -14.58
N GLN A 182 -15.04 -15.60 -15.19
CA GLN A 182 -16.08 -16.66 -15.25
C GLN A 182 -16.41 -16.93 -16.71
N PRO A 183 -16.57 -18.23 -17.10
CA PRO A 183 -17.04 -18.56 -18.45
C PRO A 183 -18.23 -17.70 -18.92
N ILE A 184 -19.19 -17.42 -18.04
CA ILE A 184 -20.41 -16.66 -18.41
C ILE A 184 -20.00 -15.20 -18.70
N ALA A 185 -18.96 -14.72 -18.02
CA ALA A 185 -18.56 -13.29 -17.96
C ALA A 185 -17.95 -12.82 -19.29
N TYR A 186 -17.54 -13.73 -20.19
CA TYR A 186 -17.07 -13.39 -21.56
C TYR A 186 -18.22 -12.79 -22.37
N VAL A 187 -19.45 -13.20 -22.06
CA VAL A 187 -20.64 -12.77 -22.85
C VAL A 187 -21.39 -11.68 -22.07
N PHE A 188 -21.69 -11.96 -20.79
CA PHE A 188 -22.45 -11.04 -19.90
C PHE A 188 -21.62 -10.81 -18.64
N PRO A 189 -20.67 -9.85 -18.72
CA PRO A 189 -19.81 -9.52 -17.59
C PRO A 189 -20.52 -8.80 -16.44
N ASN A 190 -21.74 -8.28 -16.69
CA ASN A 190 -22.58 -7.71 -15.61
C ASN A 190 -23.88 -8.51 -15.50
N LEU A 191 -24.08 -9.13 -14.32
CA LEU A 191 -25.28 -9.94 -13.98
C LEU A 191 -25.47 -9.87 -12.47
N PRO A 192 -26.74 -9.86 -11.99
CA PRO A 192 -27.02 -9.92 -10.56
C PRO A 192 -26.64 -11.29 -9.97
N LEU A 193 -25.33 -11.54 -9.83
CA LEU A 193 -24.79 -12.82 -9.27
C LEU A 193 -23.97 -12.49 -8.04
N PRO A 194 -23.86 -13.43 -7.09
CA PRO A 194 -23.02 -13.22 -5.91
C PRO A 194 -21.51 -13.11 -6.20
N VAL A 195 -21.01 -13.76 -7.24
CA VAL A 195 -19.56 -13.77 -7.61
C VAL A 195 -19.20 -12.40 -8.20
N PHE A 196 -20.14 -11.80 -8.93
CA PHE A 196 -19.98 -10.49 -9.62
C PHE A 196 -20.05 -9.34 -8.61
N LYS A 197 -21.04 -9.36 -7.71
CA LYS A 197 -21.17 -8.31 -6.65
C LYS A 197 -19.88 -8.28 -5.83
N ARG A 198 -19.34 -9.46 -5.51
CA ARG A 198 -18.15 -9.56 -4.65
C ARG A 198 -16.92 -9.01 -5.38
N ARG A 199 -16.86 -9.15 -6.71
CA ARG A 199 -15.74 -8.60 -7.51
C ARG A 199 -15.88 -7.07 -7.59
N ASP A 200 -17.10 -6.62 -7.83
CA ASP A 200 -17.44 -5.17 -7.89
C ASP A 200 -17.09 -4.51 -6.56
N GLN A 201 -17.44 -5.17 -5.44
CA GLN A 201 -17.17 -4.64 -4.08
C GLN A 201 -15.65 -4.61 -3.85
N ALA A 202 -14.95 -5.67 -4.26
CA ALA A 202 -13.48 -5.77 -4.16
C ALA A 202 -12.86 -4.56 -4.89
N ARG A 203 -13.31 -4.27 -6.11
CA ARG A 203 -12.70 -3.16 -6.88
C ARG A 203 -12.97 -1.82 -6.18
N VAL A 204 -14.23 -1.57 -5.81
CA VAL A 204 -14.63 -0.30 -5.13
C VAL A 204 -13.73 -0.12 -3.90
N ARG A 205 -13.60 -1.19 -3.10
CA ARG A 205 -12.75 -1.18 -1.87
C ARG A 205 -11.30 -0.87 -2.23
N LEU A 206 -10.73 -1.56 -3.23
CA LEU A 206 -9.31 -1.38 -3.64
C LEU A 206 -9.08 0.07 -4.11
N GLN A 207 -10.06 0.66 -4.79
CA GLN A 207 -9.96 2.07 -5.26
C GLN A 207 -10.01 3.02 -4.06
N GLU A 208 -10.73 2.68 -2.98
CA GLU A 208 -10.78 3.52 -1.77
C GLU A 208 -9.44 3.49 -1.04
N LEU A 209 -8.78 2.33 -0.96
CA LEU A 209 -7.50 2.16 -0.25
C LEU A 209 -6.34 2.80 -1.03
N VAL A 210 -6.31 2.68 -2.37
CA VAL A 210 -5.26 3.27 -3.24
C VAL A 210 -5.40 4.79 -3.19
N THR A 211 -6.64 5.28 -3.17
CA THR A 211 -6.92 6.74 -3.08
C THR A 211 -6.38 7.29 -1.76
N GLN A 212 -6.62 6.58 -0.66
CA GLN A 212 -6.15 6.96 0.69
C GLN A 212 -4.62 6.93 0.73
N ILE A 213 -4.00 5.88 0.18
CA ILE A 213 -2.52 5.75 0.11
C ILE A 213 -1.95 6.94 -0.66
N MET A 214 -2.71 7.45 -1.63
CA MET A 214 -2.30 8.59 -2.48
C MET A 214 -2.44 9.90 -1.71
N GLU A 215 -3.55 10.07 -0.99
CA GLU A 215 -3.76 11.26 -0.11
C GLU A 215 -2.58 11.35 0.85
N ARG A 216 -2.24 10.25 1.52
CA ARG A 216 -1.12 10.18 2.48
C ARG A 216 0.20 10.53 1.78
N ARG A 217 0.48 9.91 0.64
CA ARG A 217 1.79 10.17 0.00
C ARG A 217 1.89 11.66 -0.36
N ALA A 218 0.76 12.31 -0.59
CA ALA A 218 0.77 13.76 -0.91
C ALA A 218 1.19 14.54 0.34
N ARG A 219 0.50 14.34 1.46
CA ARG A 219 0.92 15.00 2.73
C ARG A 219 2.40 14.76 3.05
N SER A 220 2.80 13.50 3.12
CA SER A 220 4.24 13.21 3.38
C SER A 220 5.01 13.96 2.29
N GLN A 221 4.59 13.76 1.03
CA GLN A 221 5.24 14.42 -0.13
C GLN A 221 6.75 14.12 -0.09
N GLU A 222 7.16 13.24 0.81
CA GLU A 222 8.61 12.94 0.99
C GLU A 222 8.80 11.75 0.05
N ARG A 223 7.82 10.85 0.04
CA ARG A 223 7.98 9.62 -0.78
C ARG A 223 8.12 10.03 -2.25
N SER A 224 9.08 9.43 -2.95
CA SER A 224 9.20 9.65 -4.42
C SER A 224 9.97 8.47 -4.99
N THR A 225 10.45 8.58 -6.24
CA THR A 225 11.33 7.55 -6.84
C THR A 225 10.69 6.16 -6.98
N ASN A 226 9.62 6.00 -7.77
CA ASN A 226 9.01 4.67 -8.01
C ASN A 226 8.23 4.56 -9.34
N VAL A 227 7.68 3.38 -9.65
CA VAL A 227 6.73 3.14 -10.77
C VAL A 227 5.31 3.52 -10.33
N PHE A 228 4.98 3.22 -9.06
CA PHE A 228 3.71 3.65 -8.43
C PHE A 228 3.68 5.17 -8.33
N GLN A 229 4.77 5.78 -7.87
CA GLN A 229 4.90 7.26 -7.77
C GLN A 229 4.69 7.86 -9.16
N MET A 230 5.30 7.27 -10.18
CA MET A 230 5.15 7.73 -11.59
C MET A 230 3.68 7.73 -11.97
N LEU A 231 2.97 6.62 -11.73
CA LEU A 231 1.51 6.47 -12.00
C LEU A 231 0.77 7.58 -11.26
N ILE A 232 1.07 7.79 -9.98
CA ILE A 232 0.39 8.84 -9.13
C ILE A 232 0.54 10.20 -9.82
N ASP A 233 1.68 10.42 -10.49
CA ASP A 233 2.05 11.72 -11.12
C ASP A 233 1.75 11.69 -12.62
N ALA A 234 1.31 10.53 -13.13
CA ALA A 234 1.25 10.22 -14.58
C ALA A 234 0.16 11.07 -15.25
N SER A 235 0.43 11.49 -16.48
CA SER A 235 -0.59 12.10 -17.38
C SER A 235 -0.41 11.44 -18.76
N TYR A 236 -1.46 11.46 -19.58
CA TYR A 236 -1.36 11.03 -21.00
C TYR A 236 -0.66 12.12 -21.80
N ASP A 237 -0.24 11.76 -23.02
CA ASP A 237 0.44 12.67 -23.99
C ASP A 237 -0.45 13.87 -24.30
N ASP A 238 -1.78 13.77 -24.17
CA ASP A 238 -2.70 14.93 -24.33
C ASP A 238 -2.75 15.74 -23.03
N GLY A 239 -1.98 15.33 -22.02
CA GLY A 239 -1.89 16.06 -20.74
C GLY A 239 -3.05 15.75 -19.80
N SER A 240 -3.91 14.79 -20.13
CA SER A 240 -4.99 14.36 -19.19
C SER A 240 -4.33 13.63 -18.00
N LYS A 241 -4.69 14.00 -16.78
CA LYS A 241 -4.14 13.38 -15.53
C LYS A 241 -4.82 12.03 -15.32
N LEU A 242 -4.04 10.96 -15.07
CA LEU A 242 -4.57 9.64 -14.67
C LEU A 242 -5.32 9.81 -13.34
N THR A 243 -6.53 9.26 -13.27
CA THR A 243 -7.41 9.39 -12.08
C THR A 243 -7.08 8.29 -11.08
N PRO A 244 -7.57 8.37 -9.82
CA PRO A 244 -7.46 7.23 -8.90
C PRO A 244 -8.03 5.95 -9.52
N HIS A 245 -9.13 6.08 -10.27
CA HIS A 245 -9.86 4.94 -10.90
C HIS A 245 -8.94 4.22 -11.87
N GLU A 246 -8.29 4.98 -12.77
CA GLU A 246 -7.36 4.41 -13.79
C GLU A 246 -6.16 3.80 -13.08
N ILE A 247 -5.60 4.51 -12.10
CA ILE A 247 -4.38 4.08 -11.36
C ILE A 247 -4.70 2.74 -10.69
N THR A 248 -5.86 2.64 -10.04
CA THR A 248 -6.32 1.40 -9.37
C THR A 248 -6.40 0.27 -10.41
N GLY A 249 -6.99 0.57 -11.57
CA GLY A 249 -7.13 -0.38 -12.69
C GLY A 249 -5.79 -0.93 -13.14
N MET A 250 -4.77 -0.07 -13.17
CA MET A 250 -3.46 -0.45 -13.74
C MET A 250 -2.63 -1.19 -12.68
N LEU A 251 -2.90 -0.92 -11.39
CA LEU A 251 -2.31 -1.72 -10.29
C LEU A 251 -2.90 -3.13 -10.32
N ILE A 252 -4.22 -3.23 -10.54
CA ILE A 252 -4.88 -4.57 -10.66
C ILE A 252 -4.30 -5.29 -11.88
N ALA A 253 -4.33 -4.65 -13.05
CA ALA A 253 -3.82 -5.27 -14.29
C ALA A 253 -2.41 -5.77 -14.00
N THR A 254 -1.64 -5.00 -13.23
CA THR A 254 -0.17 -5.27 -13.12
C THR A 254 0.05 -6.46 -12.19
N ILE A 255 -0.83 -6.65 -11.20
CA ILE A 255 -0.76 -7.87 -10.33
C ILE A 255 -1.35 -9.07 -11.06
N PHE A 256 -2.41 -8.90 -11.86
CA PHE A 256 -2.91 -10.02 -12.70
C PHE A 256 -1.75 -10.54 -13.55
N ALA A 257 -1.03 -9.63 -14.21
CA ALA A 257 0.12 -9.95 -15.09
C ALA A 257 1.21 -10.66 -14.30
N GLY A 258 1.59 -10.11 -13.14
CA GLY A 258 2.82 -10.53 -12.43
C GLY A 258 2.55 -11.73 -11.53
N HIS A 259 1.29 -11.92 -11.11
CA HIS A 259 0.96 -12.82 -9.98
C HIS A 259 0.00 -13.91 -10.48
N HIS A 260 -1.13 -13.52 -11.08
CA HIS A 260 -2.23 -14.47 -11.41
C HIS A 260 -1.82 -15.38 -12.58
N THR A 261 -0.90 -14.91 -13.45
CA THR A 261 -0.41 -15.74 -14.58
C THR A 261 0.51 -16.84 -14.04
N SER A 262 1.13 -16.60 -12.87
CA SER A 262 2.46 -17.19 -12.54
C SER A 262 2.36 -18.07 -11.29
N SER A 263 1.32 -17.90 -10.47
CA SER A 263 1.19 -18.67 -9.21
C SER A 263 1.14 -20.17 -9.53
N GLY A 264 0.21 -20.54 -10.42
CA GLY A 264 0.01 -21.94 -10.85
C GLY A 264 1.29 -22.53 -11.40
N THR A 265 1.93 -21.83 -12.34
CA THR A 265 3.01 -22.44 -13.17
C THR A 265 4.28 -22.54 -12.31
N THR A 266 4.37 -21.75 -11.24
CA THR A 266 5.54 -21.87 -10.32
C THR A 266 5.30 -23.08 -9.40
N ALA A 267 4.07 -23.28 -8.91
CA ALA A 267 3.68 -24.51 -8.18
C ALA A 267 3.97 -25.74 -9.05
N TRP A 268 3.57 -25.73 -10.32
CA TRP A 268 3.67 -26.89 -11.24
C TRP A 268 5.14 -27.30 -11.41
N VAL A 269 6.04 -26.33 -11.57
CA VAL A 269 7.50 -26.61 -11.76
C VAL A 269 7.96 -27.51 -10.61
N LEU A 270 7.70 -27.10 -9.37
CA LEU A 270 8.09 -27.85 -8.13
C LEU A 270 7.41 -29.23 -8.13
N ILE A 271 6.09 -29.27 -8.38
CA ILE A 271 5.31 -30.54 -8.42
C ILE A 271 5.94 -31.48 -9.45
N GLU A 272 6.21 -30.96 -10.65
CA GLU A 272 6.59 -31.79 -11.82
C GLU A 272 8.02 -32.32 -11.62
N LEU A 273 8.89 -31.54 -10.97
CA LEU A 273 10.28 -31.99 -10.64
C LEU A 273 10.23 -33.10 -9.58
N LEU A 274 9.37 -32.97 -8.56
CA LEU A 274 9.22 -34.00 -7.50
C LEU A 274 8.60 -35.28 -8.10
N ARG A 275 7.79 -35.13 -9.14
CA ARG A 275 7.13 -36.29 -9.79
C ARG A 275 8.15 -37.05 -10.66
N ARG A 276 9.08 -36.31 -11.27
CA ARG A 276 10.12 -36.89 -12.17
C ARG A 276 11.50 -36.67 -11.58
N PRO A 277 11.90 -37.39 -10.50
CA PRO A 277 13.12 -37.08 -9.75
C PRO A 277 14.39 -37.06 -10.61
N GLU A 278 14.35 -37.64 -11.82
CA GLU A 278 15.44 -37.60 -12.81
C GLU A 278 15.69 -36.14 -13.26
N TYR A 279 14.65 -35.31 -13.35
CA TYR A 279 14.78 -33.89 -13.75
C TYR A 279 15.05 -33.01 -12.53
N LEU A 280 14.53 -33.39 -11.36
CA LEU A 280 14.89 -32.76 -10.06
C LEU A 280 16.41 -32.79 -9.89
N ARG A 281 17.05 -33.94 -10.11
CA ARG A 281 18.51 -34.10 -9.92
C ARG A 281 19.26 -33.19 -10.90
N ARG A 282 18.81 -33.09 -12.16
CA ARG A 282 19.50 -32.23 -13.17
C ARG A 282 19.33 -30.74 -12.82
N VAL A 283 18.12 -30.34 -12.42
CA VAL A 283 17.80 -28.94 -12.04
C VAL A 283 18.58 -28.61 -10.75
N ARG A 284 18.50 -29.49 -9.75
CA ARG A 284 19.15 -29.20 -8.44
C ARG A 284 20.68 -29.17 -8.63
N ALA A 285 21.19 -29.89 -9.63
CA ALA A 285 22.62 -29.85 -10.01
C ALA A 285 23.00 -28.43 -10.44
N GLU A 286 22.29 -27.87 -11.43
CA GLU A 286 22.71 -26.60 -12.10
C GLU A 286 22.39 -25.41 -11.19
N ILE A 287 21.57 -25.60 -10.15
CA ILE A 287 21.28 -24.59 -9.10
C ILE A 287 22.49 -24.51 -8.16
N ASP A 288 22.83 -25.64 -7.53
CA ASP A 288 23.98 -25.76 -6.59
C ASP A 288 25.27 -25.39 -7.35
N ALA A 289 25.32 -25.68 -8.66
CA ALA A 289 26.46 -25.37 -9.55
C ALA A 289 26.70 -23.86 -9.63
N LEU A 290 25.64 -23.05 -9.58
CA LEU A 290 25.73 -21.58 -9.66
C LEU A 290 25.68 -20.97 -8.26
N PHE A 291 25.22 -21.73 -7.27
CA PHE A 291 25.44 -21.45 -5.82
C PHE A 291 26.93 -21.56 -5.52
N GLU A 292 27.62 -22.54 -6.12
CA GLU A 292 29.09 -22.72 -5.99
C GLU A 292 29.80 -21.58 -6.73
N THR A 293 29.68 -21.54 -8.06
CA THR A 293 30.51 -20.64 -8.93
C THR A 293 30.22 -19.16 -8.63
N HIS A 294 28.95 -18.72 -8.66
CA HIS A 294 28.53 -17.37 -8.23
C HIS A 294 28.29 -17.39 -6.72
N GLY A 295 28.11 -16.22 -6.09
CA GLY A 295 27.95 -16.13 -4.63
C GLY A 295 26.52 -16.41 -4.22
N ARG A 296 25.65 -15.42 -4.40
CA ARG A 296 24.17 -15.62 -4.25
C ARG A 296 23.58 -15.69 -5.66
N VAL A 297 22.26 -15.57 -5.81
CA VAL A 297 21.56 -15.68 -7.13
C VAL A 297 21.59 -14.31 -7.82
N THR A 298 22.30 -14.23 -8.95
CA THR A 298 22.46 -12.99 -9.75
C THR A 298 21.43 -13.03 -10.88
N PHE A 299 21.44 -12.07 -11.81
CA PHE A 299 20.52 -12.10 -12.97
C PHE A 299 21.14 -12.95 -14.09
N GLU A 300 22.43 -12.75 -14.35
CA GLU A 300 23.13 -13.49 -15.43
C GLU A 300 23.24 -14.96 -15.04
N SER A 301 23.36 -15.24 -13.74
CA SER A 301 23.38 -16.65 -13.27
C SER A 301 22.10 -17.36 -13.72
N LEU A 302 20.94 -16.72 -13.51
CA LEU A 302 19.63 -17.33 -13.87
C LEU A 302 19.44 -17.34 -15.39
N ARG A 303 20.09 -16.44 -16.12
CA ARG A 303 19.98 -16.46 -17.61
C ARG A 303 20.65 -17.71 -18.20
N GLN A 304 21.70 -18.22 -17.54
CA GLN A 304 22.46 -19.44 -17.94
C GLN A 304 22.02 -20.62 -17.08
N MET A 305 20.74 -21.00 -17.14
CA MET A 305 20.18 -22.18 -16.42
C MET A 305 19.27 -22.95 -17.36
N PRO A 306 19.83 -23.73 -18.32
CA PRO A 306 19.04 -24.31 -19.41
C PRO A 306 18.11 -25.44 -18.94
N GLN A 307 18.56 -26.25 -17.98
CA GLN A 307 17.75 -27.36 -17.41
C GLN A 307 16.43 -26.79 -16.88
N LEU A 308 16.52 -25.79 -15.99
CA LEU A 308 15.34 -25.20 -15.32
C LEU A 308 14.49 -24.45 -16.35
N GLU A 309 15.13 -23.62 -17.18
CA GLU A 309 14.45 -22.91 -18.29
C GLU A 309 13.54 -23.90 -19.03
N ASN A 310 14.02 -25.13 -19.23
CA ASN A 310 13.31 -26.12 -20.08
C ASN A 310 12.17 -26.79 -19.31
N VAL A 311 12.33 -27.02 -18.00
CA VAL A 311 11.24 -27.62 -17.20
C VAL A 311 10.08 -26.61 -17.13
N ILE A 312 10.39 -25.31 -17.04
CA ILE A 312 9.36 -24.22 -17.06
C ILE A 312 8.70 -24.23 -18.44
N LYS A 313 9.50 -24.33 -19.51
CA LYS A 313 9.01 -24.37 -20.91
C LYS A 313 8.05 -25.55 -21.09
N GLU A 314 8.33 -26.69 -20.44
CA GLU A 314 7.51 -27.92 -20.62
C GLU A 314 6.27 -27.82 -19.72
N VAL A 315 6.43 -27.27 -18.52
CA VAL A 315 5.31 -26.94 -17.58
C VAL A 315 4.31 -26.05 -18.31
N LEU A 316 4.78 -25.07 -19.08
CA LEU A 316 3.90 -24.15 -19.85
C LEU A 316 3.25 -24.87 -21.04
N ARG A 317 3.88 -25.90 -21.61
CA ARG A 317 3.23 -26.64 -22.73
C ARG A 317 2.03 -27.41 -22.17
N LEU A 318 2.18 -28.06 -21.00
CA LEU A 318 1.16 -28.99 -20.43
C LEU A 318 0.24 -28.25 -19.45
N HIS A 319 0.70 -27.15 -18.86
CA HIS A 319 -0.08 -26.34 -17.88
C HIS A 319 -0.06 -24.87 -18.28
N PRO A 320 -0.47 -24.56 -19.53
CA PRO A 320 -0.65 -23.18 -19.96
C PRO A 320 -1.81 -22.55 -19.19
N PRO A 321 -1.55 -21.52 -18.36
CA PRO A 321 -2.58 -20.96 -17.49
C PRO A 321 -3.72 -20.28 -18.25
N LEU A 322 -3.42 -19.54 -19.34
CA LEU A 322 -4.47 -18.91 -20.18
C LEU A 322 -4.79 -19.87 -21.34
N ILE A 323 -5.99 -20.46 -21.31
CA ILE A 323 -6.37 -21.59 -22.21
C ILE A 323 -7.29 -21.09 -23.32
N LEU A 324 -7.80 -19.85 -23.21
CA LEU A 324 -8.75 -19.29 -24.20
C LEU A 324 -8.40 -17.82 -24.50
N LEU A 325 -7.74 -17.61 -25.63
CA LEU A 325 -7.45 -16.24 -26.15
C LEU A 325 -8.49 -15.97 -27.24
N MET A 326 -9.02 -14.74 -27.28
CA MET A 326 -10.22 -14.42 -28.09
C MET A 326 -10.01 -13.11 -28.85
N ARG A 327 -10.63 -13.02 -30.03
CA ARG A 327 -10.82 -11.73 -30.76
C ARG A 327 -12.23 -11.69 -31.35
N LYS A 328 -12.84 -10.50 -31.35
CA LYS A 328 -14.02 -10.18 -32.21
C LYS A 328 -13.54 -10.06 -33.66
N VAL A 329 -14.24 -10.72 -34.59
CA VAL A 329 -13.97 -10.62 -36.06
C VAL A 329 -14.68 -9.38 -36.60
N MET A 330 -13.90 -8.40 -37.05
CA MET A 330 -14.37 -7.04 -37.44
C MET A 330 -14.59 -7.01 -38.96
N LYS A 331 -13.86 -7.89 -39.65
CA LYS A 331 -13.89 -8.03 -41.13
C LYS A 331 -13.83 -9.52 -41.49
N ASP A 332 -14.70 -9.98 -42.40
CA ASP A 332 -14.67 -11.38 -42.91
C ASP A 332 -13.21 -11.75 -43.19
N PHE A 333 -12.76 -12.95 -42.82
CA PHE A 333 -11.43 -13.48 -43.24
C PHE A 333 -11.50 -15.01 -43.30
N GLU A 334 -10.55 -15.64 -44.00
CA GLU A 334 -10.56 -17.09 -44.30
C GLU A 334 -9.45 -17.79 -43.51
N VAL A 335 -9.67 -19.05 -43.10
CA VAL A 335 -8.60 -19.98 -42.64
C VAL A 335 -8.91 -21.36 -43.23
N GLN A 336 -7.91 -21.98 -43.85
CA GLN A 336 -8.07 -23.32 -44.50
C GLN A 336 -9.31 -23.27 -45.40
N GLY A 337 -9.52 -22.13 -46.07
CA GLY A 337 -10.56 -21.98 -47.11
C GLY A 337 -11.97 -21.95 -46.54
N MET A 338 -12.14 -21.52 -45.28
CA MET A 338 -13.48 -21.32 -44.66
C MET A 338 -13.67 -19.84 -44.28
N ARG A 339 -14.79 -19.24 -44.69
CA ARG A 339 -15.09 -17.81 -44.45
C ARG A 339 -15.59 -17.65 -43.01
N ILE A 340 -14.75 -17.08 -42.13
CA ILE A 340 -15.18 -16.66 -40.76
C ILE A 340 -15.73 -15.23 -40.85
N GLU A 341 -17.04 -15.09 -40.66
CA GLU A 341 -17.78 -13.84 -40.96
C GLU A 341 -17.60 -12.83 -39.82
N ALA A 342 -17.55 -11.54 -40.17
CA ALA A 342 -17.54 -10.41 -39.22
C ALA A 342 -18.73 -10.55 -38.26
N GLY A 343 -18.52 -10.29 -36.97
CA GLY A 343 -19.55 -10.41 -35.91
C GLY A 343 -19.35 -11.68 -35.11
N LYS A 344 -18.74 -12.70 -35.73
CA LYS A 344 -18.32 -13.92 -35.00
C LYS A 344 -17.13 -13.55 -34.11
N PHE A 345 -16.80 -14.45 -33.18
CA PHE A 345 -15.55 -14.38 -32.36
C PHE A 345 -14.67 -15.59 -32.72
N VAL A 346 -13.40 -15.48 -32.33
CA VAL A 346 -12.35 -16.42 -32.82
C VAL A 346 -11.42 -16.68 -31.64
N CYS A 347 -11.02 -17.95 -31.48
CA CYS A 347 -10.42 -18.45 -30.21
C CYS A 347 -9.15 -19.22 -30.54
N ALA A 348 -8.11 -19.01 -29.72
CA ALA A 348 -6.90 -19.86 -29.66
C ALA A 348 -6.91 -20.64 -28.35
N ALA A 349 -6.38 -21.87 -28.36
CA ALA A 349 -6.45 -22.81 -27.22
C ALA A 349 -5.09 -23.48 -27.04
N PRO A 350 -4.14 -22.78 -26.36
CA PRO A 350 -2.83 -23.35 -26.05
C PRO A 350 -2.94 -24.76 -25.44
N SER A 351 -3.80 -24.92 -24.42
CA SER A 351 -4.09 -26.24 -23.78
C SER A 351 -4.22 -27.32 -24.86
N VAL A 352 -4.90 -27.07 -25.98
CA VAL A 352 -5.24 -28.14 -26.96
C VAL A 352 -4.21 -28.18 -28.09
N THR A 353 -3.79 -27.04 -28.64
CA THR A 353 -2.77 -27.00 -29.71
C THR A 353 -1.47 -27.66 -29.22
N HIS A 354 -1.12 -27.48 -27.94
CA HIS A 354 0.10 -28.05 -27.30
C HIS A 354 0.01 -29.58 -27.21
N ARG A 355 -1.19 -30.13 -27.33
CA ARG A 355 -1.36 -31.60 -27.09
C ARG A 355 -1.52 -32.30 -28.45
N ILE A 356 -1.30 -31.58 -29.56
CA ILE A 356 -1.36 -32.14 -30.94
C ILE A 356 -0.08 -32.94 -31.21
N PRO A 357 -0.18 -34.24 -31.54
CA PRO A 357 1.01 -35.10 -31.65
C PRO A 357 1.90 -34.82 -32.85
N GLU A 358 1.30 -34.31 -33.93
CA GLU A 358 2.04 -33.82 -35.13
C GLU A 358 2.98 -32.66 -34.76
N LEU A 359 2.73 -31.97 -33.64
CA LEU A 359 3.56 -30.80 -33.23
C LEU A 359 4.47 -31.17 -32.06
N PHE A 360 3.97 -32.01 -31.14
CA PHE A 360 4.73 -32.49 -29.95
C PHE A 360 4.56 -34.00 -29.84
N PRO A 361 5.41 -34.76 -30.56
CA PRO A 361 5.35 -36.23 -30.55
C PRO A 361 5.22 -36.77 -29.11
N ASN A 362 4.21 -37.61 -28.91
CA ASN A 362 3.88 -38.21 -27.58
C ASN A 362 3.51 -37.09 -26.62
N PRO A 363 2.44 -36.33 -26.92
CA PRO A 363 2.21 -35.02 -26.31
C PRO A 363 2.12 -35.09 -24.77
N GLU A 364 1.59 -36.20 -24.25
CA GLU A 364 1.22 -36.32 -22.81
C GLU A 364 2.47 -36.67 -22.00
N LEU A 365 3.61 -36.89 -22.65
CA LEU A 365 4.90 -37.14 -21.96
C LEU A 365 5.52 -35.79 -21.57
N PHE A 366 5.83 -35.62 -20.28
CA PHE A 366 6.63 -34.48 -19.78
C PHE A 366 8.09 -34.70 -20.17
N ASP A 367 8.58 -33.99 -21.19
CA ASP A 367 9.98 -34.08 -21.67
C ASP A 367 10.50 -32.67 -21.93
N PRO A 368 11.47 -32.16 -21.13
CA PRO A 368 11.98 -30.80 -21.32
C PRO A 368 13.01 -30.67 -22.44
N ASP A 369 12.94 -31.51 -23.49
CA ASP A 369 13.82 -31.35 -24.68
C ASP A 369 13.30 -30.19 -25.53
N ARG A 370 13.73 -29.00 -25.11
CA ARG A 370 13.24 -27.67 -25.58
C ARG A 370 14.47 -26.90 -26.12
N TYR A 371 15.41 -26.49 -25.28
CA TYR A 371 16.57 -25.69 -25.76
C TYR A 371 17.50 -26.59 -26.58
N THR A 372 17.07 -27.83 -26.80
CA THR A 372 17.95 -28.83 -27.47
C THR A 372 17.81 -28.71 -28.98
N PRO A 373 18.56 -29.50 -29.80
CA PRO A 373 18.40 -29.46 -31.25
C PRO A 373 16.91 -29.57 -31.61
N GLU A 374 16.13 -30.38 -30.88
CA GLU A 374 14.68 -30.48 -31.14
C GLU A 374 13.99 -29.12 -31.35
N ARG A 375 14.06 -28.20 -30.39
CA ARG A 375 13.43 -26.86 -30.55
C ARG A 375 11.99 -26.99 -31.03
N ALA A 376 11.12 -27.54 -30.18
CA ALA A 376 9.71 -27.78 -30.58
C ALA A 376 8.91 -26.48 -30.40
N GLU A 377 9.49 -25.49 -29.72
CA GLU A 377 8.78 -24.23 -29.39
C GLU A 377 8.97 -23.21 -30.52
N ASP A 378 10.18 -23.11 -31.07
CA ASP A 378 10.47 -22.13 -32.15
C ASP A 378 10.20 -22.81 -33.50
N LYS A 379 10.12 -24.14 -33.50
CA LYS A 379 9.79 -24.90 -34.73
C LYS A 379 8.65 -24.17 -35.44
N ASP A 380 7.64 -23.74 -34.69
CA ASP A 380 6.50 -22.98 -35.25
C ASP A 380 6.09 -22.01 -34.14
N LEU A 381 6.40 -20.72 -34.30
CA LEU A 381 6.09 -19.70 -33.25
C LEU A 381 4.58 -19.75 -32.96
N TYR A 382 3.83 -20.44 -33.82
CA TYR A 382 2.34 -20.53 -33.77
C TYR A 382 1.92 -21.94 -33.34
N GLY A 383 2.90 -22.74 -32.91
CA GLY A 383 2.66 -24.05 -32.29
C GLY A 383 2.58 -23.94 -30.77
N TRP A 384 3.72 -24.00 -30.09
CA TRP A 384 3.87 -23.58 -28.67
C TRP A 384 3.41 -22.13 -28.52
N GLN A 385 2.42 -21.85 -27.66
CA GLN A 385 1.75 -20.52 -27.61
C GLN A 385 1.21 -20.21 -26.22
N ALA A 386 1.94 -20.58 -25.16
CA ALA A 386 1.59 -20.21 -23.77
C ALA A 386 1.61 -18.68 -23.62
N PHE A 387 2.45 -17.97 -24.38
CA PHE A 387 2.62 -16.49 -24.31
C PHE A 387 1.93 -15.82 -25.50
N GLY A 388 1.13 -16.57 -26.25
CA GLY A 388 0.46 -16.07 -27.46
C GLY A 388 1.43 -15.93 -28.62
N GLY A 389 1.20 -14.94 -29.50
CA GLY A 389 2.01 -14.73 -30.72
C GLY A 389 1.58 -13.50 -31.50
N GLY A 390 2.36 -13.12 -32.51
CA GLY A 390 2.06 -11.98 -33.40
C GLY A 390 2.02 -10.67 -32.62
N ARG A 391 1.29 -9.66 -33.10
CA ARG A 391 1.41 -8.29 -32.54
C ARG A 391 1.23 -8.33 -31.02
N HIS A 392 0.24 -9.07 -30.51
CA HIS A 392 -0.25 -8.91 -29.11
C HIS A 392 0.27 -10.07 -28.24
N LYS A 393 1.41 -10.63 -28.64
CA LYS A 393 2.20 -11.60 -27.84
C LYS A 393 2.43 -11.04 -26.42
N CYS A 394 2.60 -11.90 -25.42
CA CYS A 394 3.02 -11.44 -24.06
C CYS A 394 4.25 -10.52 -24.20
N SER A 395 4.21 -9.31 -23.65
CA SER A 395 5.40 -8.41 -23.59
C SER A 395 6.09 -8.51 -22.22
N GLY A 396 5.83 -9.56 -21.44
CA GLY A 396 6.42 -9.70 -20.09
C GLY A 396 6.99 -11.09 -19.84
N ASN A 397 7.20 -11.87 -20.90
CA ASN A 397 7.69 -13.28 -20.79
C ASN A 397 9.06 -13.29 -20.12
N ALA A 398 9.93 -12.36 -20.50
CA ALA A 398 11.31 -12.22 -19.95
C ALA A 398 11.25 -12.20 -18.43
N PHE A 399 10.41 -11.33 -17.86
CA PHE A 399 10.25 -11.17 -16.39
C PHE A 399 9.51 -12.39 -15.81
N ALA A 400 8.52 -12.92 -16.54
CA ALA A 400 7.71 -14.07 -16.09
C ALA A 400 8.62 -15.27 -15.80
N MET A 401 9.42 -15.67 -16.80
CA MET A 401 10.39 -16.80 -16.73
C MET A 401 11.42 -16.50 -15.64
N PHE A 402 11.86 -15.25 -15.57
CA PHE A 402 12.87 -14.78 -14.58
C PHE A 402 12.32 -14.98 -13.17
N GLN A 403 11.07 -14.56 -12.96
CA GLN A 403 10.47 -14.49 -11.59
C GLN A 403 10.34 -15.91 -11.03
N ILE A 404 9.90 -16.87 -11.86
CA ILE A 404 9.62 -18.25 -11.39
C ILE A 404 10.97 -18.99 -11.23
N LYS A 405 11.92 -18.78 -12.15
CA LYS A 405 13.31 -19.27 -11.98
C LYS A 405 13.84 -18.85 -10.61
N ALA A 406 13.91 -17.53 -10.39
CA ALA A 406 14.41 -16.90 -9.15
C ALA A 406 13.75 -17.56 -7.93
N ILE A 407 12.43 -17.72 -7.96
CA ILE A 407 11.66 -18.27 -6.80
C ILE A 407 12.07 -19.73 -6.57
N VAL A 408 12.07 -20.57 -7.61
CA VAL A 408 12.22 -22.05 -7.42
C VAL A 408 13.65 -22.34 -6.97
N CYS A 409 14.67 -21.72 -7.57
CA CYS A 409 16.08 -22.08 -7.24
C CYS A 409 16.51 -21.38 -5.95
N VAL A 410 15.64 -20.58 -5.33
CA VAL A 410 15.83 -20.11 -3.93
C VAL A 410 15.14 -21.09 -2.98
N LEU A 411 14.00 -21.65 -3.37
CA LEU A 411 13.24 -22.63 -2.54
C LEU A 411 14.06 -23.93 -2.44
N LEU A 412 14.56 -24.41 -3.59
CA LEU A 412 15.24 -25.73 -3.69
C LEU A 412 16.70 -25.62 -3.23
N ARG A 413 17.19 -24.40 -3.00
CA ARG A 413 18.59 -24.26 -2.49
C ARG A 413 18.64 -24.52 -0.99
N ASN A 414 17.53 -24.32 -0.25
CA ASN A 414 17.57 -24.44 1.23
C ASN A 414 16.32 -25.16 1.78
N TYR A 415 15.55 -25.85 0.93
CA TYR A 415 14.44 -26.71 1.42
C TYR A 415 14.32 -27.96 0.56
N GLU A 416 14.12 -29.10 1.22
CA GLU A 416 13.89 -30.39 0.53
C GLU A 416 12.38 -30.57 0.45
N PHE A 417 11.87 -31.02 -0.69
CA PHE A 417 10.40 -31.07 -0.84
C PHE A 417 9.96 -32.51 -1.14
N GLU A 418 8.75 -32.83 -0.72
CA GLU A 418 8.17 -34.19 -0.85
C GLU A 418 6.65 -34.05 -1.03
N LEU A 419 6.07 -34.80 -1.96
CA LEU A 419 4.61 -34.71 -2.29
C LEU A 419 3.80 -35.34 -1.15
N ALA A 420 3.02 -34.54 -0.41
CA ALA A 420 2.26 -34.95 0.79
C ALA A 420 1.11 -35.90 0.42
N ALA A 421 0.91 -36.16 -0.87
CA ALA A 421 -0.11 -37.12 -1.37
C ALA A 421 0.42 -37.87 -2.59
N ALA A 422 -0.41 -38.73 -3.19
CA ALA A 422 -0.04 -39.62 -4.31
C ALA A 422 0.34 -38.78 -5.53
N PRO A 423 1.48 -39.05 -6.20
CA PRO A 423 1.92 -38.22 -7.32
C PRO A 423 0.90 -38.01 -8.46
N GLU A 424 -0.07 -38.91 -8.63
CA GLU A 424 -1.09 -38.77 -9.70
C GLU A 424 -2.26 -37.91 -9.18
N SER A 425 -2.34 -37.76 -7.85
CA SER A 425 -3.41 -36.95 -7.20
C SER A 425 -3.35 -35.50 -7.68
N TYR A 426 -2.16 -35.02 -8.06
CA TYR A 426 -1.89 -33.62 -8.51
C TYR A 426 -2.33 -33.47 -9.96
N ARG A 427 -3.43 -32.74 -10.17
CA ARG A 427 -4.06 -32.51 -11.49
C ARG A 427 -4.36 -31.01 -11.65
N ASP A 428 -4.79 -30.58 -12.83
CA ASP A 428 -5.22 -29.19 -13.02
C ASP A 428 -6.73 -29.08 -12.74
N ASP A 429 -7.17 -27.99 -12.11
CA ASP A 429 -8.63 -27.71 -11.99
C ASP A 429 -9.08 -27.08 -13.31
N TYR A 430 -9.54 -27.92 -14.25
CA TYR A 430 -9.94 -27.45 -15.60
C TYR A 430 -11.36 -26.86 -15.53
N ARG A 431 -11.80 -26.50 -14.33
CA ARG A 431 -13.11 -25.80 -14.23
C ARG A 431 -12.90 -24.28 -14.31
N LYS A 432 -11.65 -23.81 -14.18
CA LYS A 432 -11.31 -22.37 -14.16
C LYS A 432 -10.75 -21.98 -15.53
N MET A 433 -10.78 -20.69 -15.87
CA MET A 433 -10.27 -20.12 -17.15
C MET A 433 -8.79 -19.78 -17.00
N VAL A 434 -8.38 -19.42 -15.79
CA VAL A 434 -6.94 -19.34 -15.42
C VAL A 434 -6.61 -20.62 -14.65
N VAL A 435 -6.05 -21.60 -15.36
CA VAL A 435 -5.93 -23.00 -14.88
C VAL A 435 -4.70 -23.11 -13.97
N GLU A 436 -4.94 -23.51 -12.73
CA GLU A 436 -3.85 -23.78 -11.75
C GLU A 436 -4.06 -25.19 -11.21
N PRO A 437 -3.07 -25.79 -10.52
CA PRO A 437 -3.28 -27.07 -9.84
C PRO A 437 -4.56 -27.08 -9.00
N ALA A 438 -5.07 -28.27 -8.67
CA ALA A 438 -6.38 -28.46 -7.98
C ALA A 438 -6.43 -27.75 -6.63
N SER A 439 -7.62 -27.67 -6.02
CA SER A 439 -7.74 -26.85 -4.78
C SER A 439 -6.79 -27.16 -3.64
N PRO A 440 -6.87 -28.31 -2.93
CA PRO A 440 -5.88 -28.67 -1.90
C PRO A 440 -4.62 -29.30 -2.52
N CYS A 441 -3.50 -28.59 -2.43
CA CYS A 441 -2.22 -29.02 -3.06
C CYS A 441 -1.11 -28.98 -2.00
N LEU A 442 -0.81 -30.09 -1.38
CA LEU A 442 0.06 -30.10 -0.17
C LEU A 442 1.46 -30.57 -0.56
N ILE A 443 2.36 -30.21 0.33
CA ILE A 443 3.81 -30.48 0.10
C ILE A 443 4.50 -30.49 1.48
N ARG A 444 5.66 -31.13 1.55
CA ARG A 444 6.38 -31.19 2.85
C ARG A 444 7.80 -30.66 2.62
N TYR A 445 8.39 -30.06 3.66
CA TYR A 445 9.69 -29.38 3.49
C TYR A 445 10.68 -29.78 4.60
N ARG A 446 11.94 -29.41 4.40
CA ARG A 446 12.99 -29.68 5.41
C ARG A 446 14.25 -28.93 5.00
N ARG A 447 14.86 -28.17 5.93
CA ARG A 447 16.04 -27.32 5.60
C ARG A 447 17.20 -28.21 5.10
N ARG A 448 18.19 -27.59 4.45
CA ARG A 448 19.45 -28.29 4.06
C ARG A 448 20.63 -27.71 4.84
N SER B 6 55.89 -21.32 -3.90
CA SER B 6 55.45 -20.10 -4.65
C SER B 6 56.01 -18.84 -3.99
N ASN B 7 55.61 -17.65 -4.45
CA ASN B 7 55.98 -16.34 -3.84
C ASN B 7 55.32 -16.22 -2.46
N THR B 8 55.85 -15.34 -1.59
CA THR B 8 55.31 -15.14 -0.23
C THR B 8 54.81 -13.70 -0.11
N PRO B 9 54.10 -13.32 0.98
CA PRO B 9 53.50 -11.99 1.09
C PRO B 9 54.55 -10.88 1.24
N PRO B 10 54.29 -9.67 0.70
CA PRO B 10 55.17 -8.51 0.94
C PRO B 10 55.21 -8.14 2.42
N VAL B 11 56.41 -8.09 3.00
CA VAL B 11 56.61 -7.75 4.44
C VAL B 11 56.93 -6.25 4.54
N LYS B 12 56.26 -5.55 5.46
CA LYS B 12 56.46 -4.08 5.64
C LYS B 12 57.82 -3.84 6.28
N PRO B 13 58.64 -2.91 5.75
CA PRO B 13 59.92 -2.59 6.39
C PRO B 13 59.76 -1.67 7.60
N GLY B 14 60.87 -1.43 8.31
CA GLY B 14 60.95 -0.44 9.40
C GLY B 14 60.72 -1.09 10.76
N GLY B 15 60.54 -2.41 10.77
CA GLY B 15 60.22 -3.15 12.00
C GLY B 15 61.37 -3.05 13.00
N LEU B 16 61.15 -2.43 14.16
CA LEU B 16 62.21 -2.35 15.21
C LEU B 16 62.61 -3.76 15.63
N PRO B 17 63.85 -3.96 16.12
CA PRO B 17 64.26 -5.26 16.66
C PRO B 17 63.44 -5.64 17.90
N LEU B 18 62.86 -6.85 17.93
CA LEU B 18 62.17 -7.40 19.12
C LEU B 18 60.79 -6.77 19.32
N LEU B 19 60.45 -5.69 18.60
CA LEU B 19 59.15 -5.00 18.75
C LEU B 19 58.34 -5.11 17.45
N GLY B 20 59.02 -5.34 16.33
CA GLY B 20 58.39 -5.27 14.99
C GLY B 20 57.73 -3.91 14.79
N HIS B 21 56.46 -3.90 14.36
CA HIS B 21 55.69 -2.67 14.07
C HIS B 21 54.73 -2.33 15.21
N ILE B 22 54.90 -2.96 16.38
CA ILE B 22 53.90 -2.89 17.50
C ILE B 22 53.67 -1.44 17.92
N LEU B 23 54.71 -0.61 17.86
CA LEU B 23 54.68 0.81 18.31
C LEU B 23 53.84 1.64 17.34
N GLU B 24 54.09 1.48 16.05
CA GLU B 24 53.28 2.12 14.98
C GLU B 24 51.85 1.57 15.03
N PHE B 25 51.70 0.24 15.09
CA PHE B 25 50.38 -0.45 15.13
C PHE B 25 49.55 0.08 16.31
N GLY B 26 50.14 0.07 17.50
CA GLY B 26 49.45 0.32 18.79
C GLY B 26 48.96 1.75 18.94
N LYS B 27 49.68 2.71 18.37
CA LYS B 27 49.25 4.14 18.40
C LYS B 27 47.87 4.26 17.74
N ASN B 28 47.70 3.64 16.57
CA ASN B 28 46.44 3.75 15.78
C ASN B 28 46.31 2.53 14.87
N PRO B 29 45.75 1.41 15.38
CA PRO B 29 45.65 0.17 14.60
C PRO B 29 44.92 0.34 13.26
N HIS B 30 43.80 1.05 13.23
CA HIS B 30 43.04 1.32 11.98
C HIS B 30 43.98 1.96 10.94
N ALA B 31 44.65 3.04 11.34
CA ALA B 31 45.54 3.86 10.48
C ALA B 31 46.70 2.99 9.96
N PHE B 32 47.26 2.14 10.82
CA PHE B 32 48.36 1.21 10.46
C PHE B 32 47.85 0.28 9.35
N LEU B 33 46.70 -0.34 9.59
CA LEU B 33 46.13 -1.38 8.68
C LEU B 33 45.75 -0.74 7.34
N MET B 34 45.12 0.45 7.36
CA MET B 34 44.80 1.22 6.13
C MET B 34 46.08 1.44 5.32
N ALA B 35 47.11 2.02 5.95
CA ALA B 35 48.41 2.35 5.33
C ALA B 35 49.06 1.07 4.78
N LEU B 36 48.93 -0.05 5.50
CA LEU B 36 49.57 -1.32 5.07
C LEU B 36 48.91 -1.80 3.78
N ARG B 37 47.57 -1.67 3.67
CA ARG B 37 46.86 -2.08 2.44
C ARG B 37 47.27 -1.14 1.30
N HIS B 38 47.22 0.16 1.57
CA HIS B 38 47.57 1.22 0.59
C HIS B 38 48.96 0.94 0.02
N GLU B 39 49.90 0.45 0.84
CA GLU B 39 51.31 0.21 0.40
C GLU B 39 51.40 -1.12 -0.37
N PHE B 40 50.83 -2.22 0.13
CA PHE B 40 51.14 -3.58 -0.36
C PHE B 40 49.89 -4.32 -0.89
N GLY B 41 48.70 -3.72 -0.77
CA GLY B 41 47.47 -4.26 -1.37
C GLY B 41 46.80 -5.30 -0.49
N ASP B 42 46.32 -6.41 -1.09
CA ASP B 42 45.28 -7.31 -0.54
C ASP B 42 45.89 -8.25 0.51
N VAL B 43 47.19 -8.55 0.36
CA VAL B 43 47.93 -9.47 1.28
C VAL B 43 49.26 -8.80 1.65
N ALA B 44 49.45 -8.52 2.95
CA ALA B 44 50.59 -7.72 3.47
C ALA B 44 50.97 -8.22 4.87
N GLU B 45 52.25 -8.55 5.05
CA GLU B 45 52.79 -9.04 6.35
C GLU B 45 53.36 -7.87 7.15
N PHE B 46 53.10 -7.87 8.46
CA PHE B 46 53.76 -6.99 9.45
C PHE B 46 54.05 -7.82 10.71
N ARG B 47 54.79 -7.25 11.67
CA ARG B 47 55.23 -8.03 12.85
C ARG B 47 54.71 -7.34 14.12
N MET B 48 54.15 -8.12 15.05
CA MET B 48 53.78 -7.66 16.41
C MET B 48 54.67 -8.41 17.40
N PHE B 49 55.76 -7.75 17.84
CA PHE B 49 56.95 -8.41 18.43
C PHE B 49 57.44 -9.46 17.45
N HIS B 50 57.59 -10.71 17.91
CA HIS B 50 58.10 -11.86 17.10
C HIS B 50 57.00 -12.39 16.17
N GLN B 51 55.73 -12.03 16.42
CA GLN B 51 54.59 -12.67 15.72
C GLN B 51 54.45 -12.09 14.31
N ARG B 52 54.46 -12.97 13.31
CA ARG B 52 54.38 -12.57 11.87
C ARG B 52 52.91 -12.60 11.48
N MET B 53 52.37 -11.45 11.05
CA MET B 53 50.91 -11.25 10.86
C MET B 53 50.66 -10.88 9.40
N VAL B 54 49.64 -11.49 8.77
CA VAL B 54 49.32 -11.16 7.35
C VAL B 54 47.94 -10.51 7.30
N LEU B 55 47.90 -9.22 6.94
CA LEU B 55 46.60 -8.50 6.74
C LEU B 55 45.99 -8.96 5.42
N LEU B 56 44.76 -9.50 5.52
CA LEU B 56 43.95 -9.95 4.36
C LEU B 56 42.78 -8.97 4.18
N THR B 57 42.73 -8.31 3.03
CA THR B 57 41.79 -7.18 2.77
C THR B 57 41.24 -7.29 1.34
N GLY B 58 40.04 -6.78 1.09
CA GLY B 58 39.30 -6.95 -0.17
C GLY B 58 38.55 -8.27 -0.20
N SER B 59 37.71 -8.46 -1.22
CA SER B 59 36.77 -9.61 -1.36
C SER B 59 37.54 -10.94 -1.37
N GLN B 60 38.41 -11.13 -2.38
CA GLN B 60 39.12 -12.43 -2.61
C GLN B 60 39.79 -12.85 -1.30
N ALA B 61 40.61 -11.96 -0.73
CA ALA B 61 41.43 -12.23 0.48
C ALA B 61 40.50 -12.47 1.67
N SER B 62 39.47 -11.61 1.85
CA SER B 62 38.49 -11.80 2.94
C SER B 62 37.86 -13.19 2.83
N GLU B 63 37.57 -13.62 1.60
CA GLU B 63 36.88 -14.91 1.32
C GLU B 63 37.75 -16.05 1.87
N ALA B 64 39.04 -16.05 1.53
CA ALA B 64 40.00 -17.08 1.98
C ALA B 64 40.02 -17.13 3.51
N PHE B 65 39.94 -15.98 4.17
CA PHE B 65 39.99 -15.85 5.66
C PHE B 65 38.78 -16.58 6.26
N TYR B 66 37.59 -16.16 5.85
CA TYR B 66 36.29 -16.59 6.45
C TYR B 66 35.96 -18.01 6.03
N ARG B 67 36.42 -18.46 4.86
CA ARG B 67 35.97 -19.76 4.30
C ARG B 67 36.97 -20.88 4.61
N ALA B 68 38.07 -20.58 5.32
CA ALA B 68 39.15 -21.57 5.58
C ALA B 68 38.67 -22.60 6.61
N PRO B 69 38.95 -23.91 6.41
CA PRO B 69 38.65 -24.91 7.43
C PRO B 69 39.33 -24.59 8.78
N ASP B 70 38.73 -25.04 9.88
CA ASP B 70 39.23 -24.81 11.26
C ASP B 70 40.57 -25.51 11.48
N GLU B 71 40.93 -26.44 10.59
CA GLU B 71 42.18 -27.25 10.69
C GLU B 71 43.34 -26.46 10.11
N VAL B 72 43.06 -25.42 9.32
CA VAL B 72 44.08 -24.58 8.65
C VAL B 72 44.16 -23.22 9.36
N LEU B 73 43.02 -22.58 9.63
CA LEU B 73 43.00 -21.30 10.38
C LEU B 73 42.19 -21.48 11.66
N ASP B 74 42.79 -21.22 12.83
CA ASP B 74 42.11 -21.42 14.13
C ASP B 74 42.08 -20.10 14.92
N GLN B 75 41.02 -19.88 15.68
CA GLN B 75 40.83 -18.64 16.48
C GLN B 75 41.62 -18.74 17.78
N GLY B 76 41.82 -19.98 18.25
CA GLY B 76 42.26 -20.29 19.62
C GLY B 76 43.52 -19.52 20.01
N PRO B 77 44.68 -19.86 19.40
CA PRO B 77 45.94 -19.18 19.72
C PRO B 77 45.89 -17.66 19.49
N ALA B 78 45.15 -17.23 18.46
CA ALA B 78 45.06 -15.81 18.04
C ALA B 78 44.40 -14.98 19.14
N TYR B 79 43.56 -15.59 20.00
CA TYR B 79 42.66 -14.85 20.92
C TYR B 79 43.02 -15.15 22.38
N ARG B 80 44.27 -15.55 22.65
CA ARG B 80 44.83 -15.64 24.03
C ARG B 80 44.49 -14.37 24.81
N ILE B 81 44.42 -13.22 24.13
CA ILE B 81 44.10 -11.90 24.74
C ILE B 81 42.89 -12.03 25.67
N MET B 82 41.93 -12.90 25.32
CA MET B 82 40.64 -12.95 26.05
C MET B 82 40.73 -13.91 27.24
N THR B 83 41.83 -14.66 27.37
CA THR B 83 41.96 -15.68 28.45
C THR B 83 41.97 -15.01 29.82
N PRO B 84 42.70 -13.90 30.04
CA PRO B 84 42.71 -13.25 31.35
C PRO B 84 41.36 -12.55 31.65
N ILE B 85 40.53 -12.37 30.62
CA ILE B 85 39.26 -11.59 30.74
C ILE B 85 38.11 -12.57 31.03
N PHE B 86 37.99 -13.63 30.23
CA PHE B 86 36.91 -14.65 30.36
C PHE B 86 37.32 -15.74 31.37
N GLY B 87 38.63 -15.96 31.56
CA GLY B 87 39.12 -17.00 32.47
C GLY B 87 39.72 -18.18 31.70
N ARG B 88 40.56 -18.96 32.36
CA ARG B 88 41.13 -20.19 31.74
C ARG B 88 40.04 -21.24 31.55
N GLY B 89 40.13 -21.96 30.41
CA GLY B 89 39.21 -23.01 29.98
C GLY B 89 37.88 -22.47 29.48
N VAL B 90 37.77 -21.15 29.30
CA VAL B 90 36.53 -20.51 28.76
C VAL B 90 36.75 -20.14 27.29
N VAL B 91 35.70 -20.32 26.47
CA VAL B 91 35.68 -20.05 25.00
C VAL B 91 37.05 -20.44 24.41
N PHE B 92 37.85 -19.46 23.98
CA PHE B 92 39.02 -19.73 23.09
C PHE B 92 40.13 -20.44 23.86
N ASP B 93 40.10 -20.48 25.19
CA ASP B 93 41.14 -21.18 25.98
C ASP B 93 40.68 -22.61 26.29
N ALA B 94 39.57 -23.07 25.68
CA ALA B 94 38.95 -24.38 25.93
C ALA B 94 39.25 -25.34 24.78
N ARG B 95 39.30 -26.65 25.06
CA ARG B 95 39.12 -27.69 24.01
C ARG B 95 37.89 -27.33 23.17
N ILE B 96 37.86 -27.72 21.90
CA ILE B 96 36.77 -27.34 20.96
C ILE B 96 35.45 -27.88 21.52
N GLU B 97 35.42 -29.13 22.01
CA GLU B 97 34.16 -29.81 22.40
C GLU B 97 33.53 -29.02 23.55
N ARG B 98 34.37 -28.47 24.44
CA ARG B 98 33.87 -27.70 25.62
C ARG B 98 33.47 -26.29 25.17
N LYS B 99 34.19 -25.73 24.18
CA LYS B 99 33.89 -24.38 23.66
C LYS B 99 32.51 -24.40 22.98
N ASN B 100 32.30 -25.36 22.07
CA ASN B 100 31.03 -25.49 21.30
C ASN B 100 29.87 -25.61 22.31
N GLN B 101 30.08 -26.35 23.39
CA GLN B 101 29.02 -26.58 24.42
C GLN B 101 28.73 -25.27 25.17
N GLN B 102 29.77 -24.55 25.57
CA GLN B 102 29.62 -23.26 26.28
C GLN B 102 28.84 -22.30 25.39
N LEU B 103 29.14 -22.27 24.09
CA LEU B 103 28.48 -21.35 23.13
C LEU B 103 27.05 -21.84 22.85
N GLN B 104 26.82 -23.15 22.86
CA GLN B 104 25.48 -23.74 22.64
C GLN B 104 24.58 -23.42 23.85
N MET B 105 25.17 -23.08 25.00
CA MET B 105 24.36 -22.68 26.19
C MET B 105 23.84 -21.23 26.12
N LEU B 106 24.23 -20.35 25.19
CA LEU B 106 23.60 -19.01 24.96
C LEU B 106 22.52 -19.11 23.90
N MET B 107 22.73 -19.99 22.90
CA MET B 107 21.87 -20.09 21.69
C MET B 107 20.39 -20.10 22.09
N PRO B 108 19.95 -20.85 23.12
CA PRO B 108 18.55 -20.84 23.53
C PRO B 108 17.95 -19.44 23.73
N ALA B 109 18.73 -18.48 24.24
CA ALA B 109 18.29 -17.08 24.47
C ALA B 109 18.07 -16.35 23.14
N LEU B 110 18.47 -16.93 22.01
CA LEU B 110 18.47 -16.24 20.69
C LEU B 110 17.33 -16.75 19.81
N ARG B 111 16.52 -17.71 20.29
CA ARG B 111 15.44 -18.32 19.47
C ARG B 111 14.34 -17.29 19.18
N ASP B 112 13.36 -17.66 18.34
CA ASP B 112 12.18 -16.82 17.98
C ASP B 112 11.38 -16.46 19.23
N LYS B 113 11.25 -17.42 20.16
CA LYS B 113 10.21 -17.38 21.24
C LYS B 113 10.58 -16.31 22.27
N PRO B 114 11.80 -16.36 22.88
CA PRO B 114 12.18 -15.37 23.88
C PRO B 114 12.43 -13.99 23.27
N MET B 115 12.58 -13.91 21.94
CA MET B 115 12.79 -12.64 21.22
C MET B 115 11.51 -11.79 21.30
N ARG B 116 10.33 -12.40 21.19
CA ARG B 116 9.06 -11.64 21.38
C ARG B 116 9.05 -11.04 22.80
N THR B 117 9.68 -11.73 23.76
CA THR B 117 9.82 -11.28 25.17
C THR B 117 10.69 -10.03 25.30
N TYR B 118 11.75 -9.89 24.50
CA TYR B 118 12.84 -8.90 24.73
C TYR B 118 12.36 -7.48 24.45
N SER B 119 11.49 -7.31 23.45
CA SER B 119 10.97 -5.97 23.04
C SER B 119 10.39 -5.23 24.26
N GLU B 120 9.67 -5.92 25.14
CA GLU B 120 9.02 -5.34 26.33
C GLU B 120 10.10 -4.92 27.34
N ILE B 121 11.12 -5.77 27.50
CA ILE B 121 12.20 -5.62 28.52
C ILE B 121 13.05 -4.39 28.17
N ILE B 122 13.40 -4.23 26.90
CA ILE B 122 14.31 -3.14 26.43
C ILE B 122 13.61 -1.80 26.66
N VAL B 123 12.33 -1.71 26.28
CA VAL B 123 11.48 -0.49 26.47
C VAL B 123 11.44 -0.15 27.97
N ALA B 124 11.12 -1.15 28.79
CA ALA B 124 11.13 -1.04 30.27
C ALA B 124 12.44 -0.40 30.72
N GLU B 125 13.57 -0.94 30.25
CA GLU B 125 14.93 -0.51 30.68
C GLU B 125 15.18 0.93 30.20
N VAL B 126 14.82 1.23 28.95
CA VAL B 126 15.12 2.56 28.34
C VAL B 126 14.35 3.63 29.10
N GLU B 127 13.04 3.40 29.31
CA GLU B 127 12.14 4.30 30.07
C GLU B 127 12.65 4.43 31.51
N ALA B 128 13.18 3.34 32.09
CA ALA B 128 13.69 3.28 33.47
C ALA B 128 14.80 4.32 33.68
N MET B 129 15.67 4.51 32.69
CA MET B 129 16.81 5.47 32.80
C MET B 129 16.36 6.88 32.42
N LEU B 130 15.26 6.98 31.67
CA LEU B 130 14.72 8.27 31.16
C LEU B 130 13.87 8.95 32.25
N ARG B 131 13.27 8.17 33.17
CA ARG B 131 12.45 8.74 34.27
C ARG B 131 13.32 9.69 35.12
N ASP B 132 14.60 9.35 35.32
CA ASP B 132 15.53 10.13 36.18
C ASP B 132 16.00 11.40 35.46
N TRP B 133 15.73 11.53 34.16
CA TRP B 133 16.05 12.75 33.36
C TRP B 133 15.10 13.89 33.75
N LYS B 134 15.14 15.01 33.04
CA LYS B 134 14.45 16.27 33.43
C LYS B 134 14.17 17.11 32.18
N ASP B 135 13.25 16.67 31.31
CA ASP B 135 12.46 17.54 30.40
C ASP B 135 13.35 18.10 29.28
N ALA B 136 14.42 18.82 29.62
CA ALA B 136 15.52 19.21 28.71
C ALA B 136 16.86 19.19 29.46
N GLY B 137 17.96 18.91 28.77
CA GLY B 137 19.31 18.88 29.40
C GLY B 137 20.41 18.48 28.45
N THR B 138 21.59 18.18 29.01
CA THR B 138 22.76 17.63 28.26
C THR B 138 23.30 16.37 28.92
N ILE B 139 23.50 15.31 28.13
CA ILE B 139 24.06 14.01 28.60
C ILE B 139 25.26 13.65 27.72
N ASP B 140 26.18 12.82 28.24
CA ASP B 140 27.19 12.10 27.43
C ASP B 140 26.51 10.88 26.79
N LEU B 141 26.39 10.90 25.46
CA LEU B 141 25.63 9.86 24.69
C LEU B 141 26.32 8.50 24.87
N LEU B 142 27.65 8.45 24.90
CA LEU B 142 28.36 7.15 25.00
C LEU B 142 28.25 6.60 26.44
N GLU B 143 28.32 7.44 27.47
CA GLU B 143 28.13 6.94 28.86
C GLU B 143 26.73 6.35 29.01
N LEU B 144 25.71 7.07 28.54
CA LEU B 144 24.30 6.60 28.60
C LEU B 144 24.19 5.24 27.90
N THR B 145 24.64 5.17 26.65
CA THR B 145 24.55 3.94 25.83
C THR B 145 25.33 2.81 26.50
N LYS B 146 26.51 3.07 27.07
CA LYS B 146 27.34 2.02 27.71
C LYS B 146 26.57 1.44 28.89
N GLU B 147 25.86 2.28 29.65
CA GLU B 147 25.14 1.78 30.86
C GLU B 147 23.87 1.05 30.41
N LEU B 148 23.15 1.63 29.45
CA LEU B 148 21.84 1.07 29.02
C LEU B 148 22.07 -0.31 28.40
N THR B 149 23.13 -0.46 27.61
CA THR B 149 23.39 -1.75 26.92
C THR B 149 23.64 -2.87 27.94
N ILE B 150 24.32 -2.58 29.04
CA ILE B 150 24.53 -3.60 30.10
C ILE B 150 23.17 -4.06 30.64
N TYR B 151 22.35 -3.12 31.08
CA TYR B 151 20.98 -3.40 31.59
C TYR B 151 20.17 -4.14 30.53
N THR B 152 20.31 -3.75 29.25
CA THR B 152 19.40 -4.31 28.22
C THR B 152 19.83 -5.74 27.87
N SER B 153 21.13 -6.02 27.87
CA SER B 153 21.63 -7.36 27.49
C SER B 153 21.59 -8.24 28.73
N SER B 154 21.87 -7.63 29.88
CA SER B 154 21.74 -8.38 31.16
C SER B 154 20.36 -9.03 31.20
N HIS B 155 19.35 -8.16 31.23
CA HIS B 155 17.92 -8.51 31.45
C HIS B 155 17.54 -9.52 30.36
N CYS B 156 17.84 -9.22 29.09
CA CYS B 156 17.35 -10.06 27.96
C CYS B 156 18.01 -11.44 27.97
N LEU B 157 19.33 -11.51 28.12
CA LEU B 157 20.14 -12.70 27.77
C LEU B 157 20.43 -13.55 29.02
N LEU B 158 20.44 -12.93 30.20
CA LEU B 158 20.77 -13.59 31.49
C LEU B 158 19.56 -13.59 32.42
N GLY B 159 18.63 -12.65 32.24
CA GLY B 159 17.35 -12.62 32.96
C GLY B 159 17.31 -11.54 34.03
N ALA B 160 16.12 -11.31 34.61
CA ALA B 160 15.84 -10.21 35.58
C ALA B 160 16.62 -10.47 36.87
N GLU B 161 16.89 -11.73 37.16
CA GLU B 161 17.65 -12.11 38.38
C GLU B 161 19.04 -11.47 38.32
N PHE B 162 19.77 -11.71 37.23
CA PHE B 162 21.13 -11.16 37.06
C PHE B 162 21.09 -9.63 37.03
N ARG B 163 20.17 -9.04 36.26
CA ARG B 163 20.09 -7.57 36.14
C ARG B 163 19.81 -6.96 37.51
N HIS B 164 19.07 -7.67 38.37
CA HIS B 164 18.67 -7.15 39.70
C HIS B 164 19.88 -7.02 40.63
N GLU B 165 20.91 -7.84 40.44
CA GLU B 165 22.10 -7.85 41.33
C GLU B 165 23.22 -7.00 40.71
N LEU B 166 22.85 -5.94 39.99
CA LEU B 166 23.79 -5.13 39.19
C LEU B 166 23.95 -3.74 39.84
N ASN B 167 25.18 -3.37 40.21
CA ASN B 167 25.42 -2.08 40.90
C ASN B 167 26.56 -1.34 40.20
N THR B 168 27.13 -0.33 40.89
CA THR B 168 28.22 0.50 40.28
C THR B 168 29.56 -0.24 40.30
N GLU B 169 29.72 -1.19 41.23
CA GLU B 169 30.95 -2.03 41.26
C GLU B 169 31.01 -2.83 39.96
N PHE B 170 29.87 -3.39 39.55
CA PHE B 170 29.73 -4.14 38.27
C PHE B 170 30.12 -3.23 37.10
N ALA B 171 29.63 -1.98 37.11
CA ALA B 171 29.93 -0.97 36.07
C ALA B 171 31.45 -0.82 35.93
N GLY B 172 32.16 -0.52 37.03
CA GLY B 172 33.62 -0.38 37.03
C GLY B 172 34.32 -1.65 36.58
N ILE B 173 33.81 -2.79 37.06
CA ILE B 173 34.41 -4.13 36.79
C ILE B 173 34.45 -4.35 35.28
N TYR B 174 33.37 -4.00 34.58
CA TYR B 174 33.25 -4.21 33.10
C TYR B 174 34.14 -3.19 32.38
N ARG B 175 34.31 -1.98 32.93
CA ARG B 175 35.26 -1.00 32.30
C ARG B 175 36.68 -1.56 32.40
N ASP B 176 37.07 -2.03 33.58
CA ASP B 176 38.43 -2.59 33.83
C ASP B 176 38.65 -3.81 32.93
N LEU B 177 37.61 -4.63 32.76
CA LEU B 177 37.70 -5.86 31.93
C LEU B 177 37.88 -5.43 30.47
N GLU B 178 37.10 -4.43 30.03
CA GLU B 178 37.13 -3.94 28.63
C GLU B 178 38.51 -3.35 28.33
N MET B 179 39.08 -2.61 29.30
CA MET B 179 40.40 -1.96 29.15
C MET B 179 41.51 -3.01 29.03
N GLY B 180 41.21 -4.28 29.31
CA GLY B 180 42.16 -5.39 29.17
C GLY B 180 42.44 -5.66 27.70
N ILE B 181 41.55 -5.16 26.84
CA ILE B 181 41.71 -5.39 25.37
C ILE B 181 42.71 -4.36 24.81
N GLN B 182 43.98 -4.76 24.76
CA GLN B 182 45.14 -3.87 24.47
C GLN B 182 45.88 -4.43 23.26
N PRO B 183 46.36 -3.55 22.35
CA PRO B 183 47.16 -4.02 21.22
C PRO B 183 48.32 -4.94 21.65
N ILE B 184 48.96 -4.65 22.78
CA ILE B 184 50.11 -5.47 23.27
C ILE B 184 49.59 -6.86 23.68
N ALA B 185 48.34 -6.92 24.14
CA ALA B 185 47.74 -8.07 24.84
C ALA B 185 47.44 -9.22 23.87
N TYR B 186 47.45 -8.98 22.55
CA TYR B 186 47.31 -10.06 21.53
C TYR B 186 48.54 -10.98 21.58
N VAL B 187 49.69 -10.43 21.96
CA VAL B 187 50.97 -11.21 21.94
C VAL B 187 51.33 -11.63 23.37
N PHE B 188 51.32 -10.67 24.29
CA PHE B 188 51.64 -10.89 25.73
C PHE B 188 50.46 -10.41 26.55
N PRO B 189 49.44 -11.28 26.73
CA PRO B 189 48.24 -10.93 27.50
C PRO B 189 48.52 -10.82 29.01
N ASN B 190 49.63 -11.36 29.48
CA ASN B 190 50.06 -11.24 30.90
C ASN B 190 51.40 -10.51 30.99
N LEU B 191 51.39 -9.37 31.68
CA LEU B 191 52.56 -8.48 31.89
C LEU B 191 52.32 -7.71 33.18
N PRO B 192 53.37 -7.44 33.97
CA PRO B 192 53.22 -6.62 35.19
C PRO B 192 52.91 -5.16 34.87
N LEU B 193 51.70 -4.87 34.38
CA LEU B 193 51.28 -3.51 33.95
C LEU B 193 50.06 -3.10 34.78
N PRO B 194 49.84 -1.78 35.00
CA PRO B 194 48.70 -1.36 35.81
C PRO B 194 47.32 -1.64 35.18
N VAL B 195 47.22 -1.66 33.84
CA VAL B 195 45.96 -1.91 33.10
C VAL B 195 45.59 -3.39 33.23
N PHE B 196 46.60 -4.25 33.25
CA PHE B 196 46.45 -5.73 33.38
C PHE B 196 46.08 -6.12 34.82
N LYS B 197 46.75 -5.56 35.84
CA LYS B 197 46.48 -5.88 37.27
C LYS B 197 45.02 -5.53 37.54
N ARG B 198 44.57 -4.41 36.97
CA ARG B 198 43.21 -3.89 37.25
C ARG B 198 42.16 -4.79 36.59
N ARG B 199 42.47 -5.38 35.44
CA ARG B 199 41.53 -6.32 34.76
C ARG B 199 41.48 -7.64 35.55
N ASP B 200 42.66 -8.10 35.98
CA ASP B 200 42.79 -9.35 36.78
C ASP B 200 41.98 -9.20 38.07
N GLN B 201 42.08 -8.04 38.72
CA GLN B 201 41.40 -7.76 40.00
C GLN B 201 39.88 -7.71 39.73
N ALA B 202 39.49 -7.04 38.64
CA ALA B 202 38.08 -6.96 38.21
C ALA B 202 37.50 -8.38 38.06
N ARG B 203 38.22 -9.28 37.39
CA ARG B 203 37.69 -10.65 37.16
C ARG B 203 37.56 -11.37 38.51
N VAL B 204 38.62 -11.36 39.32
CA VAL B 204 38.61 -12.05 40.65
C VAL B 204 37.39 -11.56 41.42
N ARG B 205 37.20 -10.23 41.46
CA ARG B 205 36.07 -9.61 42.19
C ARG B 205 34.72 -10.09 41.60
N LEU B 206 34.57 -10.05 40.27
CA LEU B 206 33.31 -10.48 39.61
C LEU B 206 33.04 -11.96 39.89
N GLN B 207 34.07 -12.80 39.98
CA GLN B 207 33.89 -14.24 40.31
C GLN B 207 33.46 -14.40 41.77
N GLU B 208 34.00 -13.55 42.65
CA GLU B 208 33.62 -13.45 44.08
C GLU B 208 32.12 -13.12 44.18
N LEU B 209 31.64 -12.16 43.40
CA LEU B 209 30.23 -11.65 43.48
C LEU B 209 29.26 -12.69 42.91
N VAL B 210 29.61 -13.32 41.78
CA VAL B 210 28.79 -14.36 41.11
C VAL B 210 28.70 -15.60 42.01
N THR B 211 29.82 -16.01 42.62
CA THR B 211 29.82 -17.10 43.63
C THR B 211 28.85 -16.75 44.76
N GLN B 212 28.96 -15.56 45.35
CA GLN B 212 28.06 -15.09 46.44
C GLN B 212 26.61 -15.22 45.96
N ILE B 213 26.28 -14.78 44.75
CA ILE B 213 24.88 -14.78 44.22
C ILE B 213 24.37 -16.21 44.03
N MET B 214 25.11 -17.02 43.28
CA MET B 214 24.73 -18.43 43.00
C MET B 214 24.28 -19.08 44.31
N GLU B 215 25.06 -18.92 45.38
CA GLU B 215 24.75 -19.53 46.69
C GLU B 215 23.32 -19.19 47.10
N ARG B 216 23.01 -17.89 47.19
CA ARG B 216 21.63 -17.44 47.52
C ARG B 216 20.66 -18.03 46.49
N ARG B 217 20.90 -17.78 45.21
CA ARG B 217 19.89 -18.13 44.17
C ARG B 217 19.76 -19.65 44.02
N ALA B 218 20.80 -20.39 44.41
CA ALA B 218 20.76 -21.87 44.30
C ALA B 218 20.07 -22.37 45.57
N ARG B 219 20.35 -21.77 46.72
CA ARG B 219 19.59 -22.15 47.94
C ARG B 219 18.11 -21.80 47.71
N SER B 220 17.83 -21.04 46.64
CA SER B 220 16.44 -20.62 46.34
C SER B 220 15.96 -21.29 45.04
N GLN B 221 15.75 -22.61 45.05
CA GLN B 221 15.42 -23.33 43.79
C GLN B 221 13.90 -23.34 43.56
N GLU B 222 13.15 -22.47 44.24
CA GLU B 222 11.67 -22.45 44.11
C GLU B 222 11.29 -21.62 42.88
N ARG B 223 12.06 -20.56 42.61
CA ARG B 223 11.83 -19.76 41.38
C ARG B 223 13.01 -19.93 40.43
N SER B 224 12.87 -20.78 39.41
CA SER B 224 13.93 -20.90 38.38
C SER B 224 13.48 -20.17 37.11
N THR B 225 14.28 -19.20 36.63
CA THR B 225 14.03 -18.54 35.33
C THR B 225 15.25 -18.94 34.51
N ASN B 226 15.46 -18.45 33.28
CA ASN B 226 16.48 -19.09 32.39
C ASN B 226 17.85 -18.41 32.30
N VAL B 227 18.81 -19.14 31.73
CA VAL B 227 20.20 -18.72 31.33
C VAL B 227 21.14 -18.60 32.52
N PHE B 228 20.85 -17.75 33.52
CA PHE B 228 21.75 -17.72 34.71
C PHE B 228 21.39 -18.97 35.51
N GLN B 229 20.09 -19.25 35.72
CA GLN B 229 19.72 -20.42 36.57
C GLN B 229 20.19 -21.69 35.85
N MET B 230 19.95 -21.74 34.54
CA MET B 230 20.38 -22.89 33.70
C MET B 230 21.90 -23.09 33.86
N LEU B 231 22.67 -22.00 33.68
CA LEU B 231 24.16 -22.02 33.81
C LEU B 231 24.52 -22.54 35.20
N ILE B 232 23.86 -22.02 36.26
CA ILE B 232 24.12 -22.43 37.67
C ILE B 232 23.93 -23.95 37.79
N ASP B 233 22.99 -24.52 37.03
CA ASP B 233 22.61 -25.96 37.09
C ASP B 233 23.31 -26.74 35.95
N ALA B 234 24.02 -26.05 35.07
CA ALA B 234 24.51 -26.59 33.78
C ALA B 234 25.61 -27.64 34.02
N SER B 235 25.61 -28.69 33.19
CA SER B 235 26.72 -29.67 33.13
C SER B 235 27.08 -29.93 31.66
N TYR B 236 28.31 -30.38 31.39
CA TYR B 236 28.72 -30.81 30.04
C TYR B 236 28.11 -32.20 29.76
N ASP B 237 28.14 -32.59 28.47
CA ASP B 237 27.63 -33.89 27.97
C ASP B 237 28.34 -35.05 28.67
N ASP B 238 29.57 -34.87 29.16
CA ASP B 238 30.29 -35.90 29.95
C ASP B 238 29.82 -35.86 31.42
N GLY B 239 28.88 -34.97 31.73
CA GLY B 239 28.30 -34.84 33.08
C GLY B 239 29.17 -34.05 34.04
N SER B 240 30.26 -33.45 33.57
CA SER B 240 31.05 -32.49 34.40
C SER B 240 30.19 -31.25 34.67
N LYS B 241 30.15 -30.80 35.94
CA LYS B 241 29.43 -29.58 36.36
C LYS B 241 30.26 -28.35 35.97
N LEU B 242 29.63 -27.33 35.39
CA LEU B 242 30.26 -26.00 35.21
C LEU B 242 30.59 -25.40 36.58
N THR B 243 31.81 -24.88 36.73
CA THR B 243 32.29 -24.28 38.01
C THR B 243 31.88 -22.81 38.09
N PRO B 244 31.94 -22.18 39.29
CA PRO B 244 31.76 -20.73 39.38
C PRO B 244 32.67 -19.98 38.42
N HIS B 245 33.91 -20.47 38.24
CA HIS B 245 34.94 -19.82 37.39
C HIS B 245 34.46 -19.79 35.94
N GLU B 246 34.01 -20.94 35.42
CA GLU B 246 33.49 -21.05 34.03
C GLU B 246 32.24 -20.18 33.88
N ILE B 247 31.31 -20.27 34.85
CA ILE B 247 30.00 -19.55 34.80
C ILE B 247 30.30 -18.04 34.75
N THR B 248 31.22 -17.57 35.60
CA THR B 248 31.64 -16.14 35.63
C THR B 248 32.15 -15.76 34.24
N GLY B 249 32.99 -16.62 33.65
CA GLY B 249 33.59 -16.42 32.32
C GLY B 249 32.52 -16.22 31.26
N MET B 250 31.44 -17.01 31.36
CA MET B 250 30.42 -17.04 30.29
C MET B 250 29.41 -15.90 30.49
N LEU B 251 29.26 -15.43 31.73
CA LEU B 251 28.51 -14.18 32.02
C LEU B 251 29.28 -13.00 31.42
N ILE B 252 30.61 -12.98 31.59
CA ILE B 252 31.45 -11.87 31.06
C ILE B 252 31.33 -11.91 29.52
N ALA B 253 31.58 -13.08 28.94
CA ALA B 253 31.51 -13.25 27.48
C ALA B 253 30.16 -12.72 27.00
N THR B 254 29.10 -12.97 27.78
CA THR B 254 27.72 -12.71 27.30
C THR B 254 27.44 -11.20 27.39
N ILE B 255 28.06 -10.50 28.34
CA ILE B 255 27.96 -9.01 28.42
C ILE B 255 28.91 -8.35 27.40
N PHE B 256 30.07 -8.93 27.11
CA PHE B 256 30.91 -8.41 26.00
C PHE B 256 30.09 -8.46 24.71
N ALA B 257 29.44 -9.60 24.45
CA ALA B 257 28.61 -9.83 23.24
C ALA B 257 27.47 -8.80 23.19
N GLY B 258 26.75 -8.65 24.31
CA GLY B 258 25.45 -7.95 24.32
C GLY B 258 25.64 -6.45 24.47
N HIS B 259 26.76 -6.03 25.05
CA HIS B 259 26.95 -4.64 25.53
C HIS B 259 28.16 -4.00 24.83
N HIS B 260 29.33 -4.65 24.89
CA HIS B 260 30.61 -4.02 24.45
C HIS B 260 30.68 -3.95 22.92
N THR B 261 29.95 -4.81 22.21
CA THR B 261 29.90 -4.76 20.72
C THR B 261 29.02 -3.59 20.28
N SER B 262 28.11 -3.15 21.15
CA SER B 262 26.84 -2.49 20.72
C SER B 262 26.75 -1.07 21.27
N SER B 263 27.47 -0.73 22.33
CA SER B 263 27.39 0.61 22.97
C SER B 263 27.75 1.67 21.93
N GLY B 264 28.94 1.54 21.34
CA GLY B 264 29.46 2.47 20.32
C GLY B 264 28.46 2.64 19.19
N THR B 265 28.00 1.53 18.61
CA THR B 265 27.30 1.56 17.29
C THR B 265 25.88 2.09 17.53
N THR B 266 25.37 2.01 18.76
CA THR B 266 24.04 2.58 19.09
C THR B 266 24.18 4.10 19.26
N ALA B 267 25.25 4.57 19.92
CA ALA B 267 25.62 6.00 19.94
C ALA B 267 25.75 6.55 18.51
N TRP B 268 26.46 5.84 17.64
CA TRP B 268 26.80 6.30 16.27
C TRP B 268 25.52 6.50 15.45
N VAL B 269 24.55 5.59 15.56
CA VAL B 269 23.25 5.68 14.84
C VAL B 269 22.63 7.05 15.11
N LEU B 270 22.48 7.40 16.39
CA LEU B 270 21.91 8.70 16.84
C LEU B 270 22.76 9.85 16.31
N ILE B 271 24.08 9.77 16.48
CA ILE B 271 25.03 10.83 16.02
C ILE B 271 24.86 11.03 14.51
N GLU B 272 24.83 9.93 13.76
CA GLU B 272 24.88 9.97 12.28
C GLU B 272 23.54 10.45 11.71
N LEU B 273 22.42 10.16 12.38
CA LEU B 273 21.08 10.68 12.00
C LEU B 273 21.03 12.20 12.24
N LEU B 274 21.56 12.68 13.36
CA LEU B 274 21.56 14.13 13.68
C LEU B 274 22.50 14.87 12.71
N ARG B 275 23.54 14.18 12.23
CA ARG B 275 24.52 14.79 11.29
C ARG B 275 23.90 14.90 9.89
N ARG B 276 23.07 13.93 9.52
CA ARG B 276 22.39 13.90 8.19
C ARG B 276 20.87 13.97 8.39
N PRO B 277 20.31 15.15 8.71
CA PRO B 277 18.91 15.25 9.14
C PRO B 277 17.90 14.72 8.11
N GLU B 278 18.37 14.45 6.90
CA GLU B 278 17.51 13.89 5.83
C GLU B 278 17.17 12.44 6.20
N TYR B 279 18.12 11.74 6.83
CA TYR B 279 17.91 10.33 7.24
C TYR B 279 17.22 10.28 8.59
N LEU B 280 17.45 11.27 9.46
CA LEU B 280 16.66 11.44 10.71
C LEU B 280 15.17 11.52 10.37
N ARG B 281 14.80 12.33 9.37
CA ARG B 281 13.37 12.49 8.97
C ARG B 281 12.80 11.14 8.53
N ARG B 282 13.53 10.43 7.67
CA ARG B 282 13.02 9.12 7.13
C ARG B 282 12.88 8.10 8.26
N VAL B 283 13.87 8.03 9.16
CA VAL B 283 13.87 7.09 10.32
C VAL B 283 12.75 7.51 11.26
N ARG B 284 12.68 8.80 11.62
CA ARG B 284 11.66 9.27 12.60
C ARG B 284 10.26 9.09 12.00
N ALA B 285 10.13 9.12 10.68
CA ALA B 285 8.87 8.84 9.95
C ALA B 285 8.42 7.40 10.26
N GLU B 286 9.28 6.41 9.99
CA GLU B 286 8.88 4.98 10.02
C GLU B 286 8.76 4.49 11.46
N ILE B 287 9.30 5.25 12.43
CA ILE B 287 9.12 4.99 13.89
C ILE B 287 7.72 5.43 14.30
N ASP B 288 7.40 6.71 14.10
CA ASP B 288 6.07 7.29 14.42
C ASP B 288 5.00 6.53 13.63
N ALA B 289 5.34 6.05 12.44
CA ALA B 289 4.43 5.29 11.54
C ALA B 289 4.00 3.98 12.21
N LEU B 290 4.89 3.35 13.00
CA LEU B 290 4.61 2.07 13.69
C LEU B 290 4.20 2.33 15.15
N PHE B 291 4.47 3.54 15.67
CA PHE B 291 3.84 4.10 16.89
C PHE B 291 2.34 4.31 16.60
N GLU B 292 2.00 4.79 15.40
CA GLU B 292 0.59 4.97 14.96
C GLU B 292 -0.06 3.59 14.75
N THR B 293 0.41 2.83 13.77
CA THR B 293 -0.28 1.59 13.31
C THR B 293 -0.30 0.52 14.41
N HIS B 294 0.84 0.17 15.01
CA HIS B 294 0.93 -0.72 16.20
C HIS B 294 0.68 0.12 17.45
N GLY B 295 0.64 -0.50 18.63
CA GLY B 295 0.38 0.25 19.88
C GLY B 295 1.68 0.72 20.49
N ARG B 296 2.37 -0.18 21.19
CA ARG B 296 3.77 0.08 21.63
C ARG B 296 4.71 -0.69 20.69
N VAL B 297 6.01 -0.77 21.00
CA VAL B 297 7.04 -1.34 20.08
C VAL B 297 7.07 -2.86 20.23
N THR B 298 6.69 -3.57 19.16
CA THR B 298 6.57 -5.06 19.14
C THR B 298 7.86 -5.64 18.54
N PHE B 299 8.02 -6.96 18.54
CA PHE B 299 9.14 -7.66 17.85
C PHE B 299 8.93 -7.61 16.33
N GLU B 300 7.68 -7.81 15.90
CA GLU B 300 7.31 -7.93 14.46
C GLU B 300 7.43 -6.56 13.78
N SER B 301 6.96 -5.50 14.46
CA SER B 301 7.02 -4.11 13.96
C SER B 301 8.47 -3.73 13.62
N LEU B 302 9.41 -4.13 14.48
CA LEU B 302 10.86 -3.77 14.38
C LEU B 302 11.48 -4.49 13.17
N ARG B 303 10.99 -5.68 12.82
CA ARG B 303 11.58 -6.42 11.67
C ARG B 303 11.16 -5.75 10.36
N GLN B 304 10.08 -4.96 10.38
CA GLN B 304 9.60 -4.18 9.20
C GLN B 304 9.96 -2.71 9.38
N MET B 305 11.26 -2.40 9.52
CA MET B 305 11.78 -1.01 9.63
C MET B 305 13.02 -0.87 8.75
N PRO B 306 12.85 -0.76 7.41
CA PRO B 306 13.98 -0.85 6.48
C PRO B 306 14.91 0.36 6.54
N GLN B 307 14.34 1.56 6.74
CA GLN B 307 15.13 2.81 6.84
C GLN B 307 16.15 2.65 7.97
N LEU B 308 15.68 2.29 9.17
CA LEU B 308 16.54 2.18 10.38
C LEU B 308 17.53 1.02 10.21
N GLU B 309 17.03 -0.14 9.79
CA GLU B 309 17.88 -1.32 9.47
C GLU B 309 19.08 -0.85 8.64
N ASN B 310 18.87 0.06 7.69
CA ASN B 310 19.91 0.46 6.72
C ASN B 310 20.87 1.48 7.36
N VAL B 311 20.39 2.37 8.22
CA VAL B 311 21.30 3.37 8.87
C VAL B 311 22.23 2.60 9.82
N ILE B 312 21.73 1.54 10.47
CA ILE B 312 22.56 0.66 11.35
C ILE B 312 23.57 -0.09 10.48
N LYS B 313 23.11 -0.62 9.34
CA LYS B 313 23.98 -1.33 8.36
C LYS B 313 25.09 -0.39 7.89
N GLU B 314 24.83 0.91 7.72
CA GLU B 314 25.84 1.87 7.18
C GLU B 314 26.75 2.32 8.32
N VAL B 315 26.19 2.50 9.51
CA VAL B 315 26.94 2.78 10.77
C VAL B 315 27.98 1.67 10.98
N LEU B 316 27.59 0.42 10.74
CA LEU B 316 28.51 -0.73 10.91
C LEU B 316 29.56 -0.78 9.79
N ARG B 317 29.26 -0.25 8.60
CA ARG B 317 30.29 -0.21 7.52
C ARG B 317 31.38 0.77 7.93
N LEU B 318 31.02 1.95 8.44
CA LEU B 318 31.96 3.06 8.70
C LEU B 318 32.48 3.01 10.15
N HIS B 319 31.72 2.41 11.06
CA HIS B 319 32.09 2.29 12.50
C HIS B 319 31.96 0.84 12.94
N PRO B 320 32.65 -0.08 12.24
CA PRO B 320 32.75 -1.47 12.70
C PRO B 320 33.53 -1.53 14.00
N PRO B 321 32.90 -1.96 15.11
CA PRO B 321 33.55 -1.94 16.41
C PRO B 321 34.75 -2.92 16.51
N LEU B 322 34.65 -4.12 15.94
CA LEU B 322 35.80 -5.06 15.89
C LEU B 322 36.53 -4.87 14.55
N ILE B 323 37.76 -4.33 14.62
CA ILE B 323 38.53 -3.86 13.42
C ILE B 323 39.65 -4.85 13.10
N LEU B 324 39.91 -5.81 13.99
CA LEU B 324 40.97 -6.83 13.76
C LEU B 324 40.48 -8.22 14.21
N LEU B 325 40.10 -9.06 13.24
CA LEU B 325 39.79 -10.49 13.48
C LEU B 325 41.04 -11.30 13.08
N MET B 326 41.36 -12.34 13.85
CA MET B 326 42.67 -13.03 13.73
C MET B 326 42.47 -14.55 13.74
N ARG B 327 43.36 -15.27 13.04
CA ARG B 327 43.54 -16.74 13.19
C ARG B 327 45.03 -17.07 13.18
N LYS B 328 45.45 -18.07 13.99
CA LYS B 328 46.74 -18.78 13.82
C LYS B 328 46.66 -19.68 12.58
N VAL B 329 47.68 -19.64 11.72
CA VAL B 329 47.79 -20.53 10.54
C VAL B 329 48.43 -21.85 10.98
N MET B 330 47.64 -22.94 10.93
CA MET B 330 48.01 -24.27 11.47
C MET B 330 48.61 -25.13 10.34
N LYS B 331 48.23 -24.81 9.10
CA LYS B 331 48.71 -25.49 7.87
C LYS B 331 48.93 -24.45 6.77
N ASP B 332 50.05 -24.55 6.04
CA ASP B 332 50.35 -23.65 4.89
C ASP B 332 49.09 -23.51 4.05
N PHE B 333 48.75 -22.31 3.58
CA PHE B 333 47.68 -22.11 2.57
C PHE B 333 47.97 -20.85 1.76
N GLU B 334 47.36 -20.74 0.58
CA GLU B 334 47.66 -19.69 -0.42
C GLU B 334 46.49 -18.71 -0.49
N VAL B 335 46.78 -17.44 -0.82
CA VAL B 335 45.74 -16.40 -1.08
C VAL B 335 46.30 -15.48 -2.18
N GLN B 336 45.56 -15.34 -3.27
CA GLN B 336 45.99 -14.52 -4.43
C GLN B 336 47.43 -14.89 -4.81
N GLY B 337 47.81 -16.16 -4.69
CA GLY B 337 49.06 -16.69 -5.26
C GLY B 337 50.26 -16.51 -4.35
N MET B 338 50.06 -16.49 -3.02
CA MET B 338 51.16 -16.29 -2.05
C MET B 338 51.03 -17.32 -0.92
N ARG B 339 52.14 -18.00 -0.58
CA ARG B 339 52.17 -19.06 0.47
C ARG B 339 52.23 -18.37 1.84
N ILE B 340 51.11 -18.40 2.58
CA ILE B 340 51.07 -18.01 4.02
C ILE B 340 51.41 -19.24 4.85
N GLU B 341 52.60 -19.24 5.46
CA GLU B 341 53.21 -20.44 6.09
C GLU B 341 52.58 -20.67 7.47
N ALA B 342 52.41 -21.94 7.84
CA ALA B 342 51.99 -22.35 9.21
C ALA B 342 52.90 -21.68 10.24
N GLY B 343 52.31 -21.21 11.35
CA GLY B 343 53.05 -20.52 12.43
C GLY B 343 52.85 -19.01 12.36
N LYS B 344 52.64 -18.49 11.15
CA LYS B 344 52.21 -17.09 10.96
C LYS B 344 50.76 -16.94 11.43
N PHE B 345 50.30 -15.70 11.60
CA PHE B 345 48.90 -15.36 11.93
C PHE B 345 48.31 -14.55 10.77
N VAL B 346 46.98 -14.47 10.76
CA VAL B 346 46.25 -13.95 9.57
C VAL B 346 45.10 -13.07 10.10
N CYS B 347 44.88 -11.93 9.43
CA CYS B 347 44.03 -10.84 9.99
C CYS B 347 43.01 -10.43 8.93
N ALA B 348 41.79 -10.14 9.37
CA ALA B 348 40.76 -9.45 8.57
C ALA B 348 40.51 -8.07 9.20
N ALA B 349 40.19 -7.07 8.39
CA ALA B 349 40.09 -5.66 8.82
C ALA B 349 38.85 -5.03 8.23
N PRO B 350 37.67 -5.24 8.88
CA PRO B 350 36.42 -4.64 8.42
C PRO B 350 36.58 -3.14 8.16
N SER B 351 37.16 -2.42 9.13
CA SER B 351 37.43 -0.96 9.03
C SER B 351 37.99 -0.63 7.64
N VAL B 352 38.91 -1.44 7.10
CA VAL B 352 39.67 -1.06 5.87
C VAL B 352 39.03 -1.69 4.63
N THR B 353 38.61 -2.96 4.68
CA THR B 353 37.89 -3.58 3.54
C THR B 353 36.62 -2.78 3.20
N HIS B 354 35.94 -2.24 4.22
CA HIS B 354 34.70 -1.43 4.07
C HIS B 354 34.98 -0.10 3.37
N ARG B 355 36.25 0.32 3.30
CA ARG B 355 36.54 1.68 2.75
C ARG B 355 37.15 1.53 1.36
N ILE B 356 37.13 0.32 0.80
CA ILE B 356 37.60 0.03 -0.59
C ILE B 356 36.56 0.54 -1.60
N PRO B 357 36.93 1.44 -2.52
CA PRO B 357 35.97 2.11 -3.40
C PRO B 357 35.37 1.19 -4.48
N GLU B 358 36.13 0.17 -4.90
CA GLU B 358 35.65 -0.89 -5.82
C GLU B 358 34.47 -1.64 -5.19
N LEU B 359 34.32 -1.63 -3.87
CA LEU B 359 33.25 -2.39 -3.17
C LEU B 359 32.15 -1.45 -2.68
N PHE B 360 32.53 -0.23 -2.26
CA PHE B 360 31.59 0.80 -1.77
C PHE B 360 31.95 2.12 -2.45
N PRO B 361 31.45 2.35 -3.69
CA PRO B 361 31.71 3.59 -4.41
C PRO B 361 31.53 4.82 -3.50
N ASN B 362 32.53 5.70 -3.47
CA ASN B 362 32.57 6.91 -2.59
C ASN B 362 32.55 6.46 -1.13
N PRO B 363 33.55 5.67 -0.68
CA PRO B 363 33.44 4.89 0.55
C PRO B 363 33.16 5.75 1.79
N GLU B 364 33.70 6.98 1.80
CA GLU B 364 33.72 7.83 3.02
C GLU B 364 32.36 8.54 3.16
N LEU B 365 31.45 8.26 2.21
CA LEU B 365 30.12 8.91 2.27
C LEU B 365 29.14 8.00 3.01
N PHE B 366 28.49 8.57 4.02
CA PHE B 366 27.38 7.85 4.73
C PHE B 366 26.17 7.79 3.81
N ASP B 367 25.90 6.62 3.21
CA ASP B 367 24.71 6.39 2.35
C ASP B 367 24.09 5.04 2.72
N PRO B 368 22.89 5.01 3.34
CA PRO B 368 22.27 3.75 3.71
C PRO B 368 21.54 3.04 2.55
N ASP B 369 22.04 3.18 1.31
CA ASP B 369 21.52 2.39 0.16
C ASP B 369 22.07 0.96 0.25
N ARG B 370 21.35 0.19 1.06
CA ARG B 370 21.73 -1.18 1.53
C ARG B 370 20.60 -2.14 1.13
N TYR B 371 19.43 -2.05 1.76
CA TYR B 371 18.24 -2.91 1.48
C TYR B 371 17.74 -2.69 0.05
N THR B 372 18.28 -1.67 -0.62
CA THR B 372 17.81 -1.22 -1.96
C THR B 372 18.23 -2.24 -3.01
N PRO B 373 17.81 -2.05 -4.28
CA PRO B 373 18.25 -2.90 -5.39
C PRO B 373 19.76 -2.95 -5.55
N GLU B 374 20.49 -2.07 -4.83
CA GLU B 374 21.96 -1.94 -4.98
C GLU B 374 22.64 -3.08 -4.21
N ARG B 375 22.18 -3.35 -2.99
CA ARG B 375 22.72 -4.45 -2.15
C ARG B 375 24.24 -4.67 -2.11
N ALA B 376 25.00 -3.65 -1.71
CA ALA B 376 26.47 -3.72 -1.57
C ALA B 376 26.97 -4.61 -0.42
N GLU B 377 26.08 -5.09 0.44
CA GLU B 377 26.48 -5.93 1.60
C GLU B 377 26.45 -7.41 1.20
N ASP B 378 25.43 -7.83 0.44
CA ASP B 378 25.26 -9.22 -0.04
C ASP B 378 26.04 -9.39 -1.35
N LYS B 379 26.34 -8.27 -2.02
CA LYS B 379 27.13 -8.30 -3.28
C LYS B 379 28.27 -9.30 -3.12
N ASP B 380 29.05 -9.12 -2.04
CA ASP B 380 30.16 -10.07 -1.74
C ASP B 380 30.04 -10.36 -0.25
N LEU B 381 29.76 -11.62 0.12
CA LEU B 381 29.53 -11.90 1.57
C LEU B 381 30.83 -11.61 2.31
N TYR B 382 31.90 -11.30 1.58
CA TYR B 382 33.23 -11.13 2.21
C TYR B 382 33.73 -9.70 1.98
N GLY B 383 32.82 -8.82 1.58
CA GLY B 383 33.16 -7.39 1.46
C GLY B 383 32.70 -6.66 2.71
N TRP B 384 31.38 -6.52 2.88
CA TRP B 384 30.82 -6.04 4.17
C TRP B 384 31.01 -7.18 5.17
N GLN B 385 31.66 -6.89 6.30
CA GLN B 385 32.06 -7.97 7.25
C GLN B 385 32.13 -7.45 8.69
N ALA B 386 31.21 -6.58 9.11
CA ALA B 386 31.14 -6.13 10.52
C ALA B 386 30.83 -7.32 11.44
N PHE B 387 30.11 -8.33 10.93
CA PHE B 387 29.71 -9.54 11.70
C PHE B 387 30.58 -10.74 11.30
N GLY B 388 31.65 -10.49 10.55
CA GLY B 388 32.57 -11.55 10.09
C GLY B 388 31.98 -12.33 8.93
N GLY B 389 32.30 -13.62 8.83
CA GLY B 389 31.84 -14.49 7.73
C GLY B 389 32.27 -15.94 7.89
N GLY B 390 31.72 -16.83 7.04
CA GLY B 390 32.07 -18.26 7.02
C GLY B 390 31.69 -18.92 8.34
N ARG B 391 32.36 -20.02 8.70
CA ARG B 391 31.89 -20.88 9.82
C ARG B 391 31.64 -20.02 11.06
N HIS B 392 32.55 -19.10 11.40
CA HIS B 392 32.60 -18.48 12.75
C HIS B 392 31.99 -17.06 12.73
N LYS B 393 31.16 -16.78 11.72
CA LYS B 393 30.35 -15.55 11.59
C LYS B 393 29.60 -15.27 12.90
N CYS B 394 29.32 -14.01 13.22
CA CYS B 394 28.51 -13.67 14.42
C CYS B 394 27.23 -14.50 14.42
N SER B 395 26.92 -15.23 15.50
CA SER B 395 25.64 -15.96 15.65
C SER B 395 24.66 -15.16 16.53
N GLY B 396 24.88 -13.84 16.68
CA GLY B 396 24.04 -12.99 17.53
C GLY B 396 23.60 -11.72 16.82
N ASN B 397 23.77 -11.64 15.50
CA ASN B 397 23.48 -10.43 14.69
C ASN B 397 21.98 -10.10 14.80
N ALA B 398 21.12 -11.12 14.74
CA ALA B 398 19.65 -10.95 14.84
C ALA B 398 19.31 -10.14 16.09
N PHE B 399 19.86 -10.53 17.24
CA PHE B 399 19.59 -9.86 18.54
C PHE B 399 20.31 -8.50 18.56
N ALA B 400 21.52 -8.44 18.00
CA ALA B 400 22.35 -7.22 17.99
C ALA B 400 21.57 -6.08 17.30
N MET B 401 21.15 -6.32 16.06
CA MET B 401 20.38 -5.37 15.22
C MET B 401 19.07 -5.01 15.93
N PHE B 402 18.44 -6.02 16.52
CA PHE B 402 17.15 -5.90 17.26
C PHE B 402 17.34 -4.93 18.42
N GLN B 403 18.40 -5.12 19.19
CA GLN B 403 18.57 -4.43 20.50
C GLN B 403 18.78 -2.94 20.25
N ILE B 404 19.58 -2.60 19.24
CA ILE B 404 19.92 -1.19 18.86
C ILE B 404 18.67 -0.53 18.27
N LYS B 405 18.00 -1.22 17.35
CA LYS B 405 16.69 -0.78 16.79
C LYS B 405 15.76 -0.36 17.94
N ALA B 406 15.45 -1.33 18.81
CA ALA B 406 14.55 -1.16 19.98
C ALA B 406 14.97 0.07 20.79
N ILE B 407 16.27 0.21 21.06
CA ILE B 407 16.79 1.32 21.92
C ILE B 407 16.56 2.67 21.20
N VAL B 408 16.96 2.79 19.93
CA VAL B 408 16.96 4.11 19.24
C VAL B 408 15.51 4.58 19.05
N CYS B 409 14.60 3.70 18.60
CA CYS B 409 13.21 4.15 18.26
C CYS B 409 12.37 4.26 19.52
N VAL B 410 12.92 3.95 20.70
CA VAL B 410 12.30 4.32 22.01
C VAL B 410 12.85 5.69 22.45
N LEU B 411 14.13 5.96 22.19
CA LEU B 411 14.76 7.28 22.52
C LEU B 411 14.13 8.37 21.66
N LEU B 412 14.00 8.13 20.35
CA LEU B 412 13.56 9.16 19.38
C LEU B 412 12.03 9.29 19.40
N ARG B 413 11.34 8.35 20.04
CA ARG B 413 9.85 8.47 20.09
C ARG B 413 9.45 9.53 21.12
N ASN B 414 10.30 9.73 22.14
CA ASN B 414 9.91 10.59 23.28
C ASN B 414 11.00 11.61 23.60
N TYR B 415 12.00 11.78 22.74
CA TYR B 415 12.99 12.85 23.02
C TYR B 415 13.57 13.41 21.72
N GLU B 416 13.78 14.74 21.67
CA GLU B 416 14.42 15.33 20.48
C GLU B 416 15.90 15.51 20.80
N PHE B 417 16.76 15.28 19.81
CA PHE B 417 18.22 15.30 20.11
C PHE B 417 18.92 16.33 19.22
N GLU B 418 20.01 16.89 19.75
CA GLU B 418 20.79 17.95 19.08
C GLU B 418 22.27 17.78 19.47
N LEU B 419 23.18 17.94 18.50
CA LEU B 419 24.63 17.76 18.73
C LEU B 419 25.18 18.93 19.56
N ALA B 420 25.62 18.67 20.80
CA ALA B 420 26.11 19.69 21.75
C ALA B 420 27.41 20.35 21.26
N ALA B 421 27.97 19.88 20.15
CA ALA B 421 29.23 20.39 19.57
C ALA B 421 29.16 20.34 18.04
N ALA B 422 30.27 20.71 17.40
CA ALA B 422 30.40 20.84 15.92
C ALA B 422 30.23 19.46 15.28
N PRO B 423 29.34 19.32 14.27
CA PRO B 423 29.10 18.02 13.61
C PRO B 423 30.32 17.18 13.23
N GLU B 424 31.47 17.80 12.93
CA GLU B 424 32.70 17.08 12.50
C GLU B 424 33.52 16.70 13.74
N SER B 425 33.23 17.33 14.89
CA SER B 425 33.93 17.08 16.18
C SER B 425 33.80 15.59 16.55
N TYR B 426 32.69 14.96 16.17
CA TYR B 426 32.34 13.56 16.50
C TYR B 426 33.13 12.59 15.61
N ARG B 427 34.13 11.91 16.19
CA ARG B 427 35.05 11.00 15.45
C ARG B 427 35.19 9.69 16.23
N ASP B 428 35.73 8.64 15.59
CA ASP B 428 36.08 7.36 16.27
C ASP B 428 37.38 7.54 17.06
N ASP B 429 37.44 6.99 18.27
CA ASP B 429 38.70 6.81 19.05
C ASP B 429 39.47 5.62 18.46
N TYR B 430 40.33 5.89 17.48
CA TYR B 430 41.00 4.83 16.68
C TYR B 430 42.22 4.29 17.44
N ARG B 431 42.36 4.67 18.72
CA ARG B 431 43.48 4.17 19.55
C ARG B 431 43.08 2.86 20.25
N LYS B 432 41.79 2.49 20.20
CA LYS B 432 41.24 1.28 20.87
C LYS B 432 41.10 0.17 19.83
N MET B 433 40.96 -1.08 20.28
CA MET B 433 40.71 -2.27 19.41
C MET B 433 39.19 -2.47 19.24
N VAL B 434 38.45 -2.12 20.29
CA VAL B 434 36.97 -2.06 20.22
C VAL B 434 36.58 -0.59 20.07
N VAL B 435 36.38 -0.17 18.82
CA VAL B 435 36.38 1.28 18.44
C VAL B 435 34.98 1.84 18.71
N GLU B 436 34.91 2.86 19.56
CA GLU B 436 33.67 3.63 19.86
C GLU B 436 33.93 5.10 19.54
N PRO B 437 32.88 5.97 19.50
CA PRO B 437 33.06 7.42 19.41
C PRO B 437 34.09 7.94 20.42
N ALA B 438 34.64 9.13 20.14
CA ALA B 438 35.74 9.74 20.92
C ALA B 438 35.30 10.01 22.36
N SER B 439 36.25 10.38 23.22
CA SER B 439 35.99 10.24 24.68
C SER B 439 34.82 11.05 25.23
N PRO B 440 34.84 12.40 25.21
CA PRO B 440 33.67 13.20 25.60
C PRO B 440 32.69 13.32 24.43
N CYS B 441 31.52 12.68 24.57
CA CYS B 441 30.54 12.53 23.46
C CYS B 441 29.19 13.13 23.87
N LEU B 442 29.04 14.46 23.81
CA LEU B 442 27.92 15.22 24.43
C LEU B 442 26.76 15.39 23.44
N ILE B 443 25.53 15.47 23.98
CA ILE B 443 24.26 15.53 23.20
C ILE B 443 23.21 16.27 24.04
N ARG B 444 22.22 16.87 23.38
CA ARG B 444 21.17 17.64 24.12
C ARG B 444 19.80 17.03 23.82
N TYR B 445 18.85 17.12 24.75
CA TYR B 445 17.55 16.42 24.59
C TYR B 445 16.36 17.32 24.94
N ARG B 446 15.15 16.82 24.72
CA ARG B 446 13.89 17.58 24.99
C ARG B 446 12.69 16.66 24.74
N ARG B 447 11.76 16.55 25.69
CA ARG B 447 10.65 15.59 25.52
C ARG B 447 9.73 16.01 24.37
N ARG B 448 8.90 15.09 23.89
CA ARG B 448 7.85 15.39 22.86
C ARG B 448 6.46 15.16 23.48
N SER C 6 -58.36 -7.24 -27.64
CA SER C 6 -58.39 -6.05 -26.75
C SER C 6 -56.99 -5.46 -26.61
N ASN C 7 -56.83 -4.43 -25.76
CA ASN C 7 -55.53 -3.78 -25.44
C ASN C 7 -54.64 -4.77 -24.66
N THR C 8 -53.33 -4.56 -24.64
CA THR C 8 -52.37 -5.44 -23.93
C THR C 8 -51.67 -4.64 -22.83
N PRO C 9 -50.87 -5.26 -21.94
CA PRO C 9 -50.30 -4.56 -20.79
C PRO C 9 -49.24 -3.54 -21.17
N PRO C 10 -49.09 -2.43 -20.40
CA PRO C 10 -47.96 -1.52 -20.59
C PRO C 10 -46.61 -2.20 -20.31
N VAL C 11 -45.69 -2.15 -21.26
CA VAL C 11 -44.32 -2.75 -21.12
C VAL C 11 -43.34 -1.66 -20.68
N LYS C 12 -42.51 -1.95 -19.69
CA LYS C 12 -41.52 -0.97 -19.16
C LYS C 12 -40.39 -0.78 -20.17
N PRO C 13 -39.99 0.48 -20.48
CA PRO C 13 -38.84 0.71 -21.35
C PRO C 13 -37.50 0.53 -20.64
N GLY C 14 -36.40 0.59 -21.41
CA GLY C 14 -35.02 0.60 -20.87
C GLY C 14 -34.45 -0.80 -20.81
N GLY C 15 -35.19 -1.77 -21.37
CA GLY C 15 -34.77 -3.18 -21.39
C GLY C 15 -33.50 -3.32 -22.21
N LEU C 16 -32.38 -3.65 -21.56
CA LEU C 16 -31.11 -3.85 -22.30
C LEU C 16 -31.32 -5.02 -23.26
N PRO C 17 -30.52 -5.08 -24.35
CA PRO C 17 -30.71 -6.12 -25.34
C PRO C 17 -30.22 -7.47 -24.82
N LEU C 18 -31.05 -8.51 -24.93
CA LEU C 18 -30.70 -9.89 -24.52
C LEU C 18 -30.85 -10.05 -23.00
N LEU C 19 -30.96 -8.96 -22.24
CA LEU C 19 -30.95 -9.05 -20.75
C LEU C 19 -32.29 -8.52 -20.21
N GLY C 20 -33.07 -7.85 -21.05
CA GLY C 20 -34.29 -7.15 -20.58
C GLY C 20 -33.99 -6.29 -19.37
N HIS C 21 -34.78 -6.42 -18.30
CA HIS C 21 -34.64 -5.62 -17.05
C HIS C 21 -33.96 -6.44 -15.94
N ILE C 22 -33.31 -7.55 -16.29
CA ILE C 22 -32.79 -8.53 -15.30
C ILE C 22 -31.79 -7.83 -14.37
N LEU C 23 -31.02 -6.88 -14.90
CA LEU C 23 -29.92 -6.20 -14.16
C LEU C 23 -30.54 -5.27 -13.11
N GLU C 24 -31.52 -4.48 -13.54
CA GLU C 24 -32.30 -3.58 -12.63
C GLU C 24 -33.06 -4.44 -11.63
N PHE C 25 -33.79 -5.46 -12.11
CA PHE C 25 -34.60 -6.37 -11.27
C PHE C 25 -33.71 -7.00 -10.19
N GLY C 26 -32.60 -7.61 -10.62
CA GLY C 26 -31.74 -8.48 -9.78
C GLY C 26 -31.04 -7.72 -8.66
N LYS C 27 -30.69 -6.45 -8.90
CA LYS C 27 -30.02 -5.62 -7.85
C LYS C 27 -30.97 -5.51 -6.66
N ASN C 28 -32.25 -5.22 -6.91
CA ASN C 28 -33.27 -5.02 -5.83
C ASN C 28 -34.66 -5.32 -6.41
N PRO C 29 -35.08 -6.60 -6.36
CA PRO C 29 -36.37 -7.00 -6.93
C PRO C 29 -37.55 -6.21 -6.36
N HIS C 30 -37.62 -6.04 -5.04
CA HIS C 30 -38.70 -5.29 -4.36
C HIS C 30 -38.80 -3.89 -4.97
N ALA C 31 -37.67 -3.18 -5.00
CA ALA C 31 -37.55 -1.78 -5.50
C ALA C 31 -38.01 -1.70 -6.96
N PHE C 32 -37.60 -2.66 -7.78
CA PHE C 32 -38.02 -2.76 -9.20
C PHE C 32 -39.54 -2.87 -9.29
N LEU C 33 -40.11 -3.83 -8.55
CA LEU C 33 -41.56 -4.14 -8.61
C LEU C 33 -42.37 -2.95 -8.12
N MET C 34 -41.95 -2.31 -7.01
CA MET C 34 -42.61 -1.09 -6.48
C MET C 34 -42.64 -0.01 -7.57
N ALA C 35 -41.47 0.32 -8.13
CA ALA C 35 -41.29 1.32 -9.20
C ALA C 35 -42.17 0.96 -10.39
N LEU C 36 -42.26 -0.32 -10.74
CA LEU C 36 -43.05 -0.77 -11.92
C LEU C 36 -44.53 -0.47 -11.68
N ARG C 37 -45.03 -0.73 -10.46
CA ARG C 37 -46.45 -0.44 -10.16
C ARG C 37 -46.67 1.08 -10.19
N HIS C 38 -45.80 1.81 -9.49
CA HIS C 38 -45.85 3.30 -9.40
C HIS C 38 -45.94 3.89 -10.81
N GLU C 39 -45.22 3.31 -11.79
CA GLU C 39 -45.17 3.84 -13.17
C GLU C 39 -46.42 3.43 -13.95
N PHE C 40 -46.84 2.15 -13.91
CA PHE C 40 -47.83 1.60 -14.88
C PHE C 40 -49.09 1.08 -14.17
N GLY C 41 -49.13 1.07 -12.84
CA GLY C 41 -50.32 0.66 -12.07
C GLY C 41 -50.45 -0.85 -11.91
N ASP C 42 -51.66 -1.40 -12.05
CA ASP C 42 -52.08 -2.71 -11.48
C ASP C 42 -51.54 -3.86 -12.34
N VAL C 43 -51.35 -3.60 -13.64
CA VAL C 43 -50.86 -4.60 -14.63
C VAL C 43 -49.74 -3.95 -15.44
N ALA C 44 -48.53 -4.53 -15.37
CA ALA C 44 -47.30 -3.94 -15.94
C ALA C 44 -46.34 -5.06 -16.37
N GLU C 45 -45.91 -5.03 -17.63
CA GLU C 45 -44.99 -6.06 -18.19
C GLU C 45 -43.55 -5.57 -18.07
N PHE C 46 -42.64 -6.49 -17.74
CA PHE C 46 -41.17 -6.30 -17.85
C PHE C 46 -40.56 -7.60 -18.37
N ARG C 47 -39.26 -7.59 -18.69
CA ARG C 47 -38.60 -8.76 -19.32
C ARG C 47 -37.44 -9.23 -18.44
N MET C 48 -37.36 -10.54 -18.21
CA MET C 48 -36.19 -11.20 -17.56
C MET C 48 -35.52 -12.09 -18.60
N PHE C 49 -34.45 -11.58 -19.21
CA PHE C 49 -33.92 -12.07 -20.51
C PHE C 49 -35.07 -12.05 -21.51
N HIS C 50 -35.34 -13.18 -22.18
CA HIS C 50 -36.39 -13.33 -23.22
C HIS C 50 -37.79 -13.44 -22.57
N GLN C 51 -37.86 -13.71 -21.27
CA GLN C 51 -39.14 -14.05 -20.60
C GLN C 51 -39.95 -12.77 -20.37
N ARG C 52 -41.19 -12.75 -20.87
CA ARG C 52 -42.10 -11.58 -20.72
C ARG C 52 -42.93 -11.81 -19.46
N MET C 53 -42.82 -10.90 -18.49
CA MET C 53 -43.38 -11.06 -17.12
C MET C 53 -44.41 -9.96 -16.87
N VAL C 54 -45.60 -10.29 -16.37
CA VAL C 54 -46.63 -9.26 -16.07
C VAL C 54 -46.82 -9.17 -14.54
N LEU C 55 -46.43 -8.05 -13.94
CA LEU C 55 -46.67 -7.81 -12.49
C LEU C 55 -48.14 -7.48 -12.27
N LEU C 56 -48.79 -8.28 -11.42
CA LEU C 56 -50.22 -8.13 -11.05
C LEU C 56 -50.29 -7.70 -9.58
N THR C 57 -50.80 -6.49 -9.34
CA THR C 57 -50.73 -5.83 -8.01
C THR C 57 -52.08 -5.16 -7.72
N GLY C 58 -52.45 -5.07 -6.44
CA GLY C 58 -53.80 -4.56 -6.11
C GLY C 58 -54.83 -5.68 -6.10
N SER C 59 -55.89 -5.53 -5.31
CA SER C 59 -56.94 -6.56 -5.14
C SER C 59 -57.38 -7.24 -6.44
N GLN C 60 -57.92 -6.51 -7.40
CA GLN C 60 -58.52 -7.15 -8.59
C GLN C 60 -57.49 -8.07 -9.25
N ALA C 61 -56.29 -7.56 -9.52
CA ALA C 61 -55.25 -8.34 -10.25
C ALA C 61 -54.72 -9.46 -9.36
N SER C 62 -54.47 -9.20 -8.08
CA SER C 62 -54.04 -10.27 -7.15
C SER C 62 -55.06 -11.40 -7.18
N GLU C 63 -56.34 -11.06 -7.35
CA GLU C 63 -57.45 -12.05 -7.35
C GLU C 63 -57.44 -12.85 -8.66
N ALA C 64 -57.40 -12.15 -9.80
CA ALA C 64 -57.27 -12.87 -11.09
C ALA C 64 -56.12 -13.87 -10.99
N PHE C 65 -55.03 -13.48 -10.32
CA PHE C 65 -53.80 -14.32 -10.16
C PHE C 65 -54.15 -15.59 -9.37
N TYR C 66 -54.66 -15.40 -8.15
CA TYR C 66 -54.87 -16.48 -7.16
C TYR C 66 -56.07 -17.34 -7.54
N ARG C 67 -57.05 -16.77 -8.25
CA ARG C 67 -58.35 -17.46 -8.51
C ARG C 67 -58.35 -18.16 -9.88
N ALA C 68 -57.27 -18.07 -10.64
CA ALA C 68 -57.21 -18.61 -12.02
C ALA C 68 -57.14 -20.14 -11.97
N PRO C 69 -57.87 -20.85 -12.85
CA PRO C 69 -57.72 -22.30 -12.96
C PRO C 69 -56.28 -22.71 -13.29
N ASP C 70 -55.85 -23.91 -12.88
CA ASP C 70 -54.49 -24.45 -13.11
C ASP C 70 -54.23 -24.63 -14.61
N GLU C 71 -55.30 -24.66 -15.41
CA GLU C 71 -55.24 -24.94 -16.87
C GLU C 71 -54.88 -23.66 -17.62
N VAL C 72 -55.01 -22.50 -16.96
CA VAL C 72 -54.71 -21.17 -17.57
C VAL C 72 -53.40 -20.64 -16.95
N LEU C 73 -53.20 -20.90 -15.67
CA LEU C 73 -52.04 -20.34 -14.92
C LEU C 73 -51.38 -21.45 -14.09
N ASP C 74 -50.18 -21.89 -14.48
CA ASP C 74 -49.48 -23.03 -13.84
C ASP C 74 -48.19 -22.59 -13.13
N GLN C 75 -47.88 -23.17 -11.97
CA GLN C 75 -46.64 -22.86 -11.21
C GLN C 75 -45.47 -23.69 -11.76
N GLY C 76 -45.79 -24.74 -12.53
CA GLY C 76 -44.77 -25.73 -12.94
C GLY C 76 -43.60 -25.06 -13.66
N PRO C 77 -43.83 -24.54 -14.88
CA PRO C 77 -42.78 -23.88 -15.65
C PRO C 77 -42.16 -22.66 -14.93
N ALA C 78 -42.97 -21.94 -14.16
CA ALA C 78 -42.55 -20.71 -13.44
C ALA C 78 -41.49 -21.04 -12.39
N TYR C 79 -41.49 -22.27 -11.85
CA TYR C 79 -40.69 -22.62 -10.65
C TYR C 79 -39.65 -23.70 -11.00
N ARG C 80 -39.23 -23.77 -12.25
CA ARG C 80 -38.04 -24.59 -12.67
C ARG C 80 -36.87 -24.33 -11.73
N ILE C 81 -36.77 -23.11 -11.21
CA ILE C 81 -35.69 -22.68 -10.27
C ILE C 81 -35.53 -23.74 -9.18
N MET C 82 -36.63 -24.37 -8.77
CA MET C 82 -36.62 -25.26 -7.56
C MET C 82 -36.13 -26.66 -7.95
N THR C 83 -36.13 -26.98 -9.25
CA THR C 83 -35.88 -28.38 -9.71
C THR C 83 -34.48 -28.81 -9.30
N PRO C 84 -33.42 -27.98 -9.46
CA PRO C 84 -32.08 -28.43 -9.06
C PRO C 84 -31.90 -28.43 -7.54
N ILE C 85 -32.85 -27.86 -6.80
CA ILE C 85 -32.78 -27.78 -5.31
C ILE C 85 -33.49 -29.00 -4.71
N PHE C 86 -34.72 -29.27 -5.15
CA PHE C 86 -35.57 -30.36 -4.62
C PHE C 86 -35.28 -31.68 -5.36
N GLY C 87 -34.80 -31.57 -6.60
CA GLY C 87 -34.50 -32.73 -7.46
C GLY C 87 -35.55 -32.88 -8.54
N ARG C 88 -35.21 -33.60 -9.61
CA ARG C 88 -36.15 -33.91 -10.71
C ARG C 88 -37.27 -34.82 -10.19
N GLY C 89 -38.49 -34.57 -10.65
CA GLY C 89 -39.71 -35.34 -10.31
C GLY C 89 -40.26 -34.99 -8.95
N VAL C 90 -39.71 -33.98 -8.26
CA VAL C 90 -40.18 -33.55 -6.91
C VAL C 90 -41.00 -32.25 -7.04
N VAL C 91 -42.05 -32.10 -6.22
CA VAL C 91 -43.02 -30.97 -6.23
C VAL C 91 -43.20 -30.46 -7.66
N PHE C 92 -42.69 -29.28 -8.01
CA PHE C 92 -43.13 -28.58 -9.25
C PHE C 92 -42.59 -29.28 -10.50
N ASP C 93 -41.63 -30.19 -10.37
CA ASP C 93 -41.07 -30.91 -11.55
C ASP C 93 -41.79 -32.25 -11.71
N ALA C 94 -42.86 -32.46 -10.93
CA ALA C 94 -43.66 -33.71 -10.95
C ALA C 94 -44.95 -33.48 -11.72
N ARG C 95 -45.54 -34.59 -12.19
CA ARG C 95 -46.91 -34.51 -12.73
C ARG C 95 -47.77 -34.12 -11.53
N ILE C 96 -48.97 -33.61 -11.79
CA ILE C 96 -49.87 -33.09 -10.70
C ILE C 96 -50.16 -34.21 -9.70
N GLU C 97 -50.53 -35.41 -10.16
CA GLU C 97 -51.00 -36.44 -9.19
C GLU C 97 -49.84 -36.87 -8.29
N ARG C 98 -48.61 -36.84 -8.81
CA ARG C 98 -47.46 -37.20 -7.93
C ARG C 98 -47.15 -36.03 -6.99
N LYS C 99 -47.34 -34.79 -7.46
CA LYS C 99 -47.12 -33.57 -6.64
C LYS C 99 -48.10 -33.58 -5.46
N ASN C 100 -49.39 -33.73 -5.74
CA ASN C 100 -50.47 -33.74 -4.72
C ASN C 100 -50.16 -34.81 -3.68
N GLN C 101 -49.72 -36.00 -4.14
CA GLN C 101 -49.40 -37.12 -3.22
C GLN C 101 -48.20 -36.74 -2.35
N GLN C 102 -47.23 -36.04 -2.92
CA GLN C 102 -46.03 -35.64 -2.13
C GLN C 102 -46.45 -34.61 -1.07
N LEU C 103 -47.26 -33.63 -1.45
CA LEU C 103 -47.79 -32.62 -0.49
C LEU C 103 -48.63 -33.34 0.57
N GLN C 104 -49.42 -34.34 0.17
CA GLN C 104 -50.36 -35.06 1.07
C GLN C 104 -49.58 -35.86 2.12
N MET C 105 -48.30 -36.18 1.92
CA MET C 105 -47.51 -36.97 2.89
C MET C 105 -46.95 -36.11 4.03
N LEU C 106 -46.99 -34.78 3.92
CA LEU C 106 -46.67 -33.88 5.07
C LEU C 106 -47.96 -33.54 5.83
N MET C 107 -49.06 -33.37 5.11
CA MET C 107 -50.34 -32.93 5.73
C MET C 107 -50.52 -33.60 7.08
N PRO C 108 -50.46 -34.94 7.20
CA PRO C 108 -50.70 -35.62 8.47
C PRO C 108 -50.02 -34.89 9.64
N ALA C 109 -48.77 -34.47 9.46
CA ALA C 109 -47.99 -33.75 10.49
C ALA C 109 -48.66 -32.42 10.86
N LEU C 110 -49.70 -31.99 10.13
CA LEU C 110 -50.33 -30.65 10.31
C LEU C 110 -51.69 -30.77 11.00
N ARG C 111 -52.14 -32.01 11.25
CA ARG C 111 -53.44 -32.22 11.92
C ARG C 111 -53.37 -31.65 13.34
N ASP C 112 -54.52 -31.52 14.01
CA ASP C 112 -54.56 -30.94 15.39
C ASP C 112 -53.83 -31.89 16.35
N LYS C 113 -54.05 -33.20 16.16
CA LYS C 113 -53.45 -34.23 17.05
C LYS C 113 -51.96 -33.96 17.25
N PRO C 114 -51.10 -34.03 16.22
CA PRO C 114 -49.66 -33.89 16.42
C PRO C 114 -49.33 -32.45 16.86
N MET C 115 -50.28 -31.54 16.65
CA MET C 115 -50.06 -30.11 16.98
C MET C 115 -49.96 -29.95 18.50
N ARG C 116 -50.80 -30.65 19.27
CA ARG C 116 -50.66 -30.64 20.76
C ARG C 116 -49.25 -31.13 21.13
N THR C 117 -48.69 -32.05 20.34
CA THR C 117 -47.32 -32.61 20.52
C THR C 117 -46.23 -31.55 20.31
N TYR C 118 -46.37 -30.66 19.33
CA TYR C 118 -45.27 -29.78 18.84
C TYR C 118 -44.84 -28.74 19.87
N SER C 119 -45.74 -28.30 20.75
CA SER C 119 -45.43 -27.25 21.75
C SER C 119 -44.25 -27.70 22.60
N GLU C 120 -44.30 -28.94 23.07
CA GLU C 120 -43.26 -29.50 23.98
C GLU C 120 -41.93 -29.56 23.24
N ILE C 121 -41.97 -29.92 21.96
CA ILE C 121 -40.74 -30.07 21.11
C ILE C 121 -40.11 -28.71 20.88
N ILE C 122 -40.92 -27.67 20.63
CA ILE C 122 -40.38 -26.32 20.29
C ILE C 122 -39.72 -25.74 21.54
N VAL C 123 -40.40 -25.84 22.70
CA VAL C 123 -39.89 -25.36 24.02
C VAL C 123 -38.58 -26.10 24.32
N ALA C 124 -38.61 -27.42 24.22
CA ALA C 124 -37.44 -28.31 24.39
C ALA C 124 -36.27 -27.75 23.57
N GLU C 125 -36.52 -27.49 22.29
CA GLU C 125 -35.46 -27.07 21.32
C GLU C 125 -34.93 -25.69 21.71
N VAL C 126 -35.81 -24.77 22.12
CA VAL C 126 -35.34 -23.37 22.36
C VAL C 126 -34.44 -23.34 23.60
N GLU C 127 -34.86 -24.02 24.67
CA GLU C 127 -34.14 -23.95 25.97
C GLU C 127 -32.76 -24.61 25.82
N ALA C 128 -32.58 -25.44 24.78
CA ALA C 128 -31.30 -26.14 24.56
C ALA C 128 -30.24 -25.17 24.02
N MET C 129 -30.64 -24.28 23.11
CA MET C 129 -29.71 -23.26 22.55
C MET C 129 -29.49 -22.17 23.61
N LEU C 130 -30.49 -21.95 24.46
CA LEU C 130 -30.39 -20.84 25.46
C LEU C 130 -29.59 -21.32 26.67
N ARG C 131 -29.80 -22.57 27.09
CA ARG C 131 -29.06 -23.13 28.25
C ARG C 131 -27.56 -22.96 28.00
N ASP C 132 -27.15 -23.03 26.74
CA ASP C 132 -25.72 -22.89 26.35
C ASP C 132 -25.29 -21.44 26.61
N TRP C 133 -26.24 -20.50 26.54
CA TRP C 133 -25.95 -19.07 26.75
C TRP C 133 -25.42 -18.85 28.16
N LYS C 134 -25.04 -17.60 28.46
CA LYS C 134 -24.44 -17.22 29.76
C LYS C 134 -25.02 -15.92 30.30
N ASP C 135 -26.25 -15.95 30.84
CA ASP C 135 -26.77 -14.96 31.81
C ASP C 135 -27.01 -13.60 31.13
N ALA C 136 -25.97 -13.01 30.54
CA ALA C 136 -26.04 -11.81 29.66
C ALA C 136 -24.99 -11.92 28.55
N GLY C 137 -25.27 -11.35 27.38
CA GLY C 137 -24.34 -11.38 26.23
C GLY C 137 -24.87 -10.72 24.99
N THR C 138 -24.19 -10.93 23.86
CA THR C 138 -24.64 -10.46 22.51
C THR C 138 -24.63 -11.60 21.50
N ILE C 139 -25.73 -11.77 20.77
CA ILE C 139 -25.91 -12.83 19.72
C ILE C 139 -26.34 -12.14 18.43
N ASP C 140 -26.08 -12.78 17.28
CA ASP C 140 -26.73 -12.44 15.99
C ASP C 140 -28.12 -13.08 15.95
N LEU C 141 -29.17 -12.25 15.97
CA LEU C 141 -30.58 -12.70 16.08
C LEU C 141 -30.94 -13.58 14.87
N LEU C 142 -30.48 -13.23 13.67
CA LEU C 142 -30.84 -14.01 12.45
C LEU C 142 -30.08 -15.33 12.43
N GLU C 143 -28.78 -15.33 12.77
CA GLU C 143 -27.94 -16.56 12.80
C GLU C 143 -28.58 -17.59 13.73
N LEU C 144 -29.11 -17.17 14.88
CA LEU C 144 -29.67 -18.08 15.91
C LEU C 144 -31.11 -18.46 15.53
N THR C 145 -31.82 -17.55 14.85
CA THR C 145 -33.21 -17.79 14.35
C THR C 145 -33.20 -18.86 13.25
N LYS C 146 -32.21 -18.80 12.35
CA LYS C 146 -32.05 -19.75 11.21
C LYS C 146 -31.78 -21.15 11.77
N GLU C 147 -30.81 -21.24 12.68
CA GLU C 147 -30.40 -22.52 13.32
C GLU C 147 -31.59 -23.09 14.09
N LEU C 148 -32.25 -22.27 14.90
CA LEU C 148 -33.37 -22.70 15.78
C LEU C 148 -34.49 -23.30 14.93
N THR C 149 -34.90 -22.62 13.86
CA THR C 149 -36.05 -23.08 13.03
C THR C 149 -35.71 -24.40 12.34
N ILE C 150 -34.41 -24.65 12.10
CA ILE C 150 -33.96 -25.95 11.52
C ILE C 150 -34.36 -27.06 12.50
N TYR C 151 -33.80 -27.01 13.71
CA TYR C 151 -34.10 -27.98 14.80
C TYR C 151 -35.61 -28.10 15.02
N THR C 152 -36.28 -26.98 15.26
CA THR C 152 -37.72 -26.98 15.61
C THR C 152 -38.56 -27.67 14.52
N SER C 153 -38.27 -27.41 13.24
CA SER C 153 -39.15 -27.91 12.17
C SER C 153 -38.75 -29.35 11.80
N SER C 154 -37.47 -29.67 12.02
CA SER C 154 -36.98 -31.05 11.73
C SER C 154 -37.64 -31.97 12.76
N HIS C 155 -37.58 -31.53 14.01
CA HIS C 155 -38.15 -32.33 15.14
C HIS C 155 -39.65 -32.46 14.92
N CYS C 156 -40.34 -31.35 14.67
CA CYS C 156 -41.83 -31.34 14.64
C CYS C 156 -42.34 -32.13 13.43
N LEU C 157 -41.78 -31.90 12.25
CA LEU C 157 -42.40 -32.29 10.95
C LEU C 157 -41.80 -33.59 10.42
N LEU C 158 -40.55 -33.92 10.80
CA LEU C 158 -39.82 -35.12 10.34
C LEU C 158 -39.53 -36.08 11.49
N GLY C 159 -39.49 -35.57 12.73
CA GLY C 159 -39.36 -36.38 13.96
C GLY C 159 -37.98 -36.31 14.56
N ALA C 160 -37.82 -36.88 15.76
CA ALA C 160 -36.59 -36.80 16.59
C ALA C 160 -35.46 -37.58 15.91
N GLU C 161 -35.85 -38.62 15.15
CA GLU C 161 -34.89 -39.54 14.46
C GLU C 161 -34.07 -38.70 13.48
N PHE C 162 -34.73 -37.94 12.59
CA PHE C 162 -34.08 -37.07 11.58
C PHE C 162 -33.36 -35.90 12.28
N ARG C 163 -34.00 -35.28 13.29
CA ARG C 163 -33.42 -34.09 13.97
C ARG C 163 -32.06 -34.46 14.56
N HIS C 164 -31.92 -35.71 15.03
CA HIS C 164 -30.67 -36.15 15.71
C HIS C 164 -29.51 -36.24 14.71
N GLU C 165 -29.81 -36.30 13.41
CA GLU C 165 -28.79 -36.55 12.35
C GLU C 165 -28.18 -35.23 11.86
N LEU C 166 -28.66 -34.10 12.38
CA LEU C 166 -28.25 -32.76 11.88
C LEU C 166 -26.88 -32.40 12.47
N ASN C 167 -25.92 -32.06 11.61
CA ASN C 167 -24.55 -31.64 12.01
C ASN C 167 -24.30 -30.24 11.45
N THR C 168 -23.04 -29.84 11.32
CA THR C 168 -22.70 -28.54 10.67
C THR C 168 -22.80 -28.78 9.15
N GLU C 169 -22.58 -30.03 8.76
CA GLU C 169 -22.66 -30.45 7.34
C GLU C 169 -24.07 -30.10 6.83
N PHE C 170 -25.08 -30.51 7.60
CA PHE C 170 -26.50 -30.34 7.17
C PHE C 170 -26.79 -28.84 7.12
N ALA C 171 -26.28 -28.10 8.10
CA ALA C 171 -26.46 -26.63 8.17
C ALA C 171 -25.91 -25.99 6.89
N GLY C 172 -24.63 -26.25 6.56
CA GLY C 172 -23.99 -25.66 5.37
C GLY C 172 -24.67 -26.14 4.10
N ILE C 173 -25.12 -27.40 4.09
CA ILE C 173 -25.84 -27.99 2.93
C ILE C 173 -27.10 -27.17 2.64
N TYR C 174 -27.83 -26.79 3.70
CA TYR C 174 -29.09 -26.00 3.58
C TYR C 174 -28.75 -24.55 3.22
N ARG C 175 -27.61 -24.01 3.65
CA ARG C 175 -27.21 -22.64 3.23
C ARG C 175 -26.94 -22.66 1.72
N ASP C 176 -26.17 -23.66 1.26
CA ASP C 176 -25.79 -23.81 -0.18
C ASP C 176 -27.06 -24.02 -1.01
N LEU C 177 -28.02 -24.78 -0.46
CA LEU C 177 -29.29 -25.06 -1.18
C LEU C 177 -30.10 -23.77 -1.27
N GLU C 178 -30.16 -23.01 -0.17
CA GLU C 178 -30.94 -21.75 -0.07
C GLU C 178 -30.33 -20.72 -1.05
N MET C 179 -28.99 -20.67 -1.11
CA MET C 179 -28.23 -19.74 -1.99
C MET C 179 -28.53 -20.05 -3.47
N GLY C 180 -29.12 -21.21 -3.76
CA GLY C 180 -29.51 -21.56 -5.14
C GLY C 180 -30.67 -20.70 -5.61
N ILE C 181 -31.35 -20.05 -4.67
CA ILE C 181 -32.53 -19.21 -5.06
C ILE C 181 -32.03 -17.84 -5.53
N GLN C 182 -31.84 -17.68 -6.84
CA GLN C 182 -31.17 -16.52 -7.49
C GLN C 182 -32.10 -15.91 -8.54
N PRO C 183 -32.15 -14.57 -8.67
CA PRO C 183 -32.96 -13.93 -9.70
C PRO C 183 -32.73 -14.54 -11.10
N ILE C 184 -31.49 -14.88 -11.43
CA ILE C 184 -31.16 -15.42 -12.79
C ILE C 184 -31.76 -16.83 -12.91
N ALA C 185 -31.87 -17.55 -11.79
CA ALA C 185 -32.22 -19.00 -11.73
C ALA C 185 -33.69 -19.25 -12.08
N TYR C 186 -34.55 -18.22 -12.05
CA TYR C 186 -35.96 -18.31 -12.51
C TYR C 186 -36.01 -18.59 -14.01
N VAL C 187 -35.01 -18.12 -14.75
CA VAL C 187 -34.98 -18.26 -16.24
C VAL C 187 -34.03 -19.38 -16.63
N PHE C 188 -32.80 -19.36 -16.10
CA PHE C 188 -31.74 -20.35 -16.38
C PHE C 188 -31.27 -20.95 -15.06
N PRO C 189 -31.97 -22.00 -14.57
CA PRO C 189 -31.63 -22.65 -13.31
C PRO C 189 -30.36 -23.50 -13.39
N ASN C 190 -29.89 -23.82 -14.60
CA ASN C 190 -28.56 -24.46 -14.77
C ASN C 190 -27.63 -23.53 -15.58
N LEU C 191 -26.51 -23.15 -14.97
CA LEU C 191 -25.45 -22.30 -15.55
C LEU C 191 -24.13 -22.64 -14.86
N PRO C 192 -23.00 -22.60 -15.62
CA PRO C 192 -21.69 -22.84 -15.04
C PRO C 192 -21.26 -21.70 -14.10
N LEU C 193 -21.89 -21.61 -12.93
CA LEU C 193 -21.62 -20.56 -11.91
C LEU C 193 -21.19 -21.26 -10.62
N PRO C 194 -20.35 -20.60 -9.80
CA PRO C 194 -19.94 -21.16 -8.52
C PRO C 194 -21.09 -21.34 -7.50
N VAL C 195 -22.16 -20.55 -7.56
CA VAL C 195 -23.31 -20.62 -6.62
C VAL C 195 -24.14 -21.86 -6.94
N PHE C 196 -24.22 -22.19 -8.24
CA PHE C 196 -25.00 -23.35 -8.76
C PHE C 196 -24.24 -24.66 -8.50
N LYS C 197 -22.93 -24.71 -8.74
CA LYS C 197 -22.13 -25.95 -8.54
C LYS C 197 -22.24 -26.30 -7.04
N ARG C 198 -22.19 -25.27 -6.20
CA ARG C 198 -22.19 -25.46 -4.73
C ARG C 198 -23.55 -26.01 -4.29
N ARG C 199 -24.63 -25.59 -4.96
CA ARG C 199 -26.01 -26.05 -4.65
C ARG C 199 -26.19 -27.51 -5.10
N ASP C 200 -25.68 -27.80 -6.29
CA ASP C 200 -25.69 -29.17 -6.87
C ASP C 200 -24.90 -30.11 -5.96
N GLN C 201 -23.73 -29.67 -5.48
CA GLN C 201 -22.85 -30.50 -4.60
C GLN C 201 -23.57 -30.73 -3.27
N ALA C 202 -24.20 -29.68 -2.73
CA ALA C 202 -25.00 -29.75 -1.49
C ALA C 202 -26.06 -30.84 -1.63
N ARG C 203 -26.80 -30.85 -2.75
CA ARG C 203 -27.93 -31.81 -2.93
C ARG C 203 -27.39 -33.23 -3.06
N VAL C 204 -26.34 -33.42 -3.87
CA VAL C 204 -25.71 -34.75 -4.09
C VAL C 204 -25.24 -35.29 -2.72
N ARG C 205 -24.61 -34.44 -1.91
CA ARG C 205 -24.08 -34.87 -0.59
C ARG C 205 -25.23 -35.15 0.38
N LEU C 206 -26.30 -34.35 0.38
CA LEU C 206 -27.47 -34.61 1.25
C LEU C 206 -28.11 -35.94 0.84
N GLN C 207 -28.14 -36.28 -0.45
CA GLN C 207 -28.73 -37.56 -0.91
C GLN C 207 -27.82 -38.73 -0.52
N GLU C 208 -26.50 -38.50 -0.53
CA GLU C 208 -25.47 -39.47 -0.05
C GLU C 208 -25.74 -39.78 1.43
N LEU C 209 -25.99 -38.75 2.25
CA LEU C 209 -26.16 -38.94 3.71
C LEU C 209 -27.51 -39.60 4.01
N VAL C 210 -28.58 -39.18 3.35
CA VAL C 210 -29.94 -39.76 3.54
C VAL C 210 -29.94 -41.24 3.15
N THR C 211 -29.38 -41.62 2.00
CA THR C 211 -29.26 -43.05 1.60
C THR C 211 -28.52 -43.83 2.69
N GLN C 212 -27.43 -43.29 3.23
CA GLN C 212 -26.60 -43.94 4.28
C GLN C 212 -27.45 -44.12 5.54
N ILE C 213 -28.17 -43.08 5.96
CA ILE C 213 -29.01 -43.12 7.19
C ILE C 213 -30.11 -44.16 6.98
N MET C 214 -30.57 -44.30 5.74
CA MET C 214 -31.64 -45.26 5.37
C MET C 214 -31.08 -46.68 5.51
N GLU C 215 -29.83 -46.88 5.10
CA GLU C 215 -29.18 -48.22 5.10
C GLU C 215 -28.91 -48.67 6.54
N ARG C 216 -28.62 -47.75 7.44
CA ARG C 216 -28.41 -48.10 8.88
C ARG C 216 -29.79 -48.29 9.52
N ARG C 217 -30.78 -47.47 9.16
CA ARG C 217 -32.17 -47.65 9.67
C ARG C 217 -32.64 -49.06 9.32
N ALA C 218 -32.06 -49.65 8.28
CA ALA C 218 -32.36 -51.04 7.86
C ALA C 218 -31.65 -52.02 8.80
N ARG C 219 -30.35 -51.82 9.02
CA ARG C 219 -29.56 -52.76 9.87
C ARG C 219 -29.90 -52.59 11.35
N SER C 220 -30.88 -51.74 11.70
CA SER C 220 -31.11 -51.45 13.14
C SER C 220 -32.49 -51.93 13.59
N GLN C 221 -33.28 -52.47 12.67
CA GLN C 221 -34.69 -52.87 12.99
C GLN C 221 -35.35 -51.94 14.01
N GLU C 222 -35.42 -50.64 13.71
CA GLU C 222 -36.12 -49.67 14.60
C GLU C 222 -36.48 -48.40 13.84
N ASN C 226 -42.31 -42.37 13.10
CA ASN C 226 -41.48 -41.30 12.48
C ASN C 226 -41.96 -41.04 11.05
N VAL C 227 -42.38 -39.81 10.76
CA VAL C 227 -42.77 -39.41 9.37
C VAL C 227 -41.62 -39.80 8.46
N PHE C 228 -40.40 -39.62 8.96
CA PHE C 228 -39.17 -39.94 8.20
C PHE C 228 -39.17 -41.45 7.92
N GLN C 229 -39.58 -42.25 8.91
CA GLN C 229 -39.72 -43.71 8.68
C GLN C 229 -40.78 -43.91 7.59
N MET C 230 -41.84 -43.10 7.64
CA MET C 230 -42.90 -43.18 6.59
C MET C 230 -42.28 -42.92 5.22
N LEU C 231 -41.62 -41.78 5.05
CA LEU C 231 -41.07 -41.40 3.73
C LEU C 231 -40.16 -42.55 3.28
N ILE C 232 -39.43 -43.14 4.23
CA ILE C 232 -38.47 -44.24 3.92
C ILE C 232 -39.26 -45.45 3.38
N ASP C 233 -40.46 -45.69 3.91
CA ASP C 233 -41.30 -46.88 3.61
C ASP C 233 -42.39 -46.52 2.60
N ALA C 234 -42.45 -45.24 2.21
CA ALA C 234 -43.60 -44.64 1.47
C ALA C 234 -43.64 -45.21 0.06
N SER C 235 -44.87 -45.37 -0.47
CA SER C 235 -45.11 -45.66 -1.89
C SER C 235 -46.21 -44.72 -2.39
N TYR C 236 -46.30 -44.51 -3.70
CA TYR C 236 -47.45 -43.79 -4.30
C TYR C 236 -48.65 -44.76 -4.35
N ASP C 237 -49.84 -44.20 -4.60
CA ASP C 237 -51.12 -44.94 -4.77
C ASP C 237 -51.00 -46.01 -5.86
N ASP C 238 -50.16 -45.81 -6.87
CA ASP C 238 -49.91 -46.81 -7.94
C ASP C 238 -48.93 -47.88 -7.43
N GLY C 239 -48.49 -47.75 -6.17
CA GLY C 239 -47.57 -48.72 -5.53
C GLY C 239 -46.12 -48.54 -5.96
N SER C 240 -45.78 -47.46 -6.68
CA SER C 240 -44.36 -47.11 -6.93
C SER C 240 -43.72 -46.73 -5.60
N LYS C 241 -42.55 -47.28 -5.29
CA LYS C 241 -41.76 -46.97 -4.07
C LYS C 241 -41.07 -45.61 -4.27
N LEU C 242 -41.14 -44.71 -3.29
CA LEU C 242 -40.31 -43.47 -3.27
C LEU C 242 -38.83 -43.86 -3.23
N THR C 243 -38.02 -43.24 -4.09
CA THR C 243 -36.55 -43.49 -4.17
C THR C 243 -35.81 -42.64 -3.14
N PRO C 244 -34.53 -42.93 -2.84
CA PRO C 244 -33.71 -42.03 -2.02
C PRO C 244 -33.72 -40.59 -2.58
N HIS C 245 -33.73 -40.45 -3.90
CA HIS C 245 -33.72 -39.15 -4.60
C HIS C 245 -34.95 -38.31 -4.21
N GLU C 246 -36.13 -38.94 -4.34
CA GLU C 246 -37.42 -38.29 -3.99
C GLU C 246 -37.45 -37.95 -2.49
N ILE C 247 -37.05 -38.92 -1.67
CA ILE C 247 -37.07 -38.80 -0.19
C ILE C 247 -36.22 -37.59 0.19
N THR C 248 -35.01 -37.51 -0.38
CA THR C 248 -34.07 -36.38 -0.11
C THR C 248 -34.74 -35.06 -0.51
N GLY C 249 -35.41 -35.03 -1.66
CA GLY C 249 -36.11 -33.83 -2.16
C GLY C 249 -37.20 -33.37 -1.23
N MET C 250 -37.89 -34.31 -0.58
CA MET C 250 -39.06 -33.96 0.27
C MET C 250 -38.59 -33.60 1.69
N LEU C 251 -37.38 -34.04 2.06
CA LEU C 251 -36.74 -33.62 3.32
C LEU C 251 -36.24 -32.18 3.17
N ILE C 252 -35.77 -31.81 1.98
CA ILE C 252 -35.30 -30.43 1.68
C ILE C 252 -36.53 -29.51 1.62
N ALA C 253 -37.55 -29.95 0.91
CA ALA C 253 -38.78 -29.14 0.70
C ALA C 253 -39.46 -28.88 2.05
N THR C 254 -39.27 -29.78 3.02
CA THR C 254 -39.93 -29.67 4.35
C THR C 254 -39.12 -28.71 5.22
N ILE C 255 -37.80 -28.71 5.06
CA ILE C 255 -36.95 -27.71 5.81
C ILE C 255 -37.12 -26.33 5.19
N PHE C 256 -37.23 -26.22 3.87
CA PHE C 256 -37.53 -24.92 3.21
C PHE C 256 -38.86 -24.39 3.77
N ALA C 257 -39.90 -25.22 3.79
CA ALA C 257 -41.24 -24.84 4.26
C ALA C 257 -41.18 -24.45 5.74
N GLY C 258 -40.53 -25.27 6.58
CA GLY C 258 -40.60 -25.13 8.04
C GLY C 258 -39.61 -24.12 8.58
N HIS C 259 -38.52 -23.88 7.84
CA HIS C 259 -37.34 -23.15 8.36
C HIS C 259 -37.05 -21.88 7.53
N HIS C 260 -36.93 -22.03 6.21
CA HIS C 260 -36.44 -20.94 5.32
C HIS C 260 -37.53 -19.87 5.14
N THR C 261 -38.80 -20.24 5.30
CA THR C 261 -39.94 -19.29 5.23
C THR C 261 -39.94 -18.41 6.49
N SER C 262 -39.39 -18.93 7.59
CA SER C 262 -39.84 -18.55 8.95
C SER C 262 -38.69 -17.92 9.75
N SER C 263 -37.43 -18.15 9.35
CA SER C 263 -36.26 -17.62 10.10
C SER C 263 -36.34 -16.09 10.15
N GLY C 264 -36.47 -15.46 8.99
CA GLY C 264 -36.57 -13.98 8.87
C GLY C 264 -37.69 -13.44 9.72
N THR C 265 -38.89 -14.00 9.58
CA THR C 265 -40.13 -13.35 10.10
C THR C 265 -40.18 -13.56 11.62
N THR C 266 -39.46 -14.55 12.16
CA THR C 266 -39.38 -14.73 13.63
C THR C 266 -38.41 -13.68 14.17
N ALA C 267 -37.26 -13.49 13.52
CA ALA C 267 -36.31 -12.39 13.86
C ALA C 267 -37.06 -11.05 13.87
N TRP C 268 -37.86 -10.79 12.83
CA TRP C 268 -38.54 -9.48 12.62
C TRP C 268 -39.49 -9.19 13.78
N VAL C 269 -40.25 -10.19 14.23
CA VAL C 269 -41.22 -10.06 15.37
C VAL C 269 -40.47 -9.43 16.55
N LEU C 270 -39.36 -10.06 16.96
CA LEU C 270 -38.53 -9.61 18.11
C LEU C 270 -38.00 -8.20 17.84
N ILE C 271 -37.43 -7.96 16.65
CA ILE C 271 -36.86 -6.64 16.25
C ILE C 271 -37.96 -5.57 16.37
N GLU C 272 -39.11 -5.81 15.73
CA GLU C 272 -40.19 -4.79 15.55
C GLU C 272 -40.98 -4.58 16.84
N LEU C 273 -40.76 -5.40 17.87
CA LEU C 273 -41.40 -5.19 19.19
C LEU C 273 -40.42 -4.38 20.04
N LEU C 274 -39.11 -4.66 19.94
CA LEU C 274 -38.07 -3.86 20.64
C LEU C 274 -38.05 -2.44 20.06
N ARG C 275 -38.42 -2.29 18.78
CA ARG C 275 -38.46 -0.96 18.12
C ARG C 275 -39.67 -0.16 18.61
N ARG C 276 -40.78 -0.85 18.87
CA ARG C 276 -42.06 -0.22 19.34
C ARG C 276 -42.40 -0.73 20.72
N PRO C 277 -41.70 -0.27 21.80
CA PRO C 277 -41.84 -0.88 23.12
C PRO C 277 -43.27 -0.88 23.67
N GLU C 278 -44.16 -0.06 23.08
CA GLU C 278 -45.60 -0.03 23.42
C GLU C 278 -46.26 -1.37 23.09
N TYR C 279 -45.82 -2.04 22.02
CA TYR C 279 -46.37 -3.36 21.61
C TYR C 279 -45.63 -4.50 22.32
N LEU C 280 -44.35 -4.29 22.63
CA LEU C 280 -43.57 -5.22 23.52
C LEU C 280 -44.31 -5.40 24.85
N ARG C 281 -44.73 -4.29 25.47
CA ARG C 281 -45.43 -4.29 26.79
C ARG C 281 -46.72 -5.11 26.66
N ARG C 282 -47.51 -4.93 25.59
CA ARG C 282 -48.83 -5.59 25.43
C ARG C 282 -48.69 -7.07 25.07
N VAL C 283 -47.62 -7.43 24.35
CA VAL C 283 -47.35 -8.87 24.03
C VAL C 283 -46.75 -9.52 25.28
N ARG C 284 -45.77 -8.87 25.92
CA ARG C 284 -45.13 -9.49 27.11
C ARG C 284 -46.17 -9.64 28.23
N ALA C 285 -47.20 -8.79 28.24
CA ALA C 285 -48.35 -8.89 29.16
C ALA C 285 -49.08 -10.22 28.93
N GLU C 286 -49.54 -10.49 27.70
CA GLU C 286 -50.45 -11.63 27.41
C GLU C 286 -49.65 -12.95 27.42
N ILE C 287 -48.32 -12.88 27.37
CA ILE C 287 -47.42 -14.06 27.50
C ILE C 287 -47.37 -14.46 28.97
N ASP C 288 -46.97 -13.52 29.84
CA ASP C 288 -46.83 -13.79 31.29
C ASP C 288 -48.24 -14.04 31.85
N ALA C 289 -49.29 -13.51 31.22
CA ALA C 289 -50.70 -13.74 31.60
C ALA C 289 -51.06 -15.22 31.45
N LEU C 290 -50.49 -15.90 30.45
CA LEU C 290 -50.76 -17.35 30.19
C LEU C 290 -49.65 -18.21 30.79
N PHE C 291 -48.51 -17.62 31.14
CA PHE C 291 -47.51 -18.18 32.06
C PHE C 291 -48.12 -18.31 33.45
N GLU C 292 -48.90 -17.30 33.88
CA GLU C 292 -49.62 -17.31 35.18
C GLU C 292 -50.76 -18.33 35.11
N THR C 293 -51.76 -18.11 34.26
CA THR C 293 -53.04 -18.89 34.26
C THR C 293 -52.78 -20.36 33.92
N HIS C 294 -52.06 -20.64 32.83
CA HIS C 294 -51.67 -22.04 32.49
C HIS C 294 -50.38 -22.37 33.25
N GLY C 295 -49.80 -23.53 32.97
CA GLY C 295 -48.55 -23.96 33.65
C GLY C 295 -47.34 -23.58 32.82
N ARG C 296 -47.06 -24.40 31.81
CA ARG C 296 -46.06 -24.07 30.75
C ARG C 296 -46.83 -23.67 29.49
N VAL C 297 -46.18 -23.60 28.33
CA VAL C 297 -46.81 -23.15 27.04
C VAL C 297 -47.54 -24.33 26.40
N THR C 298 -48.87 -24.22 26.32
CA THR C 298 -49.76 -25.27 25.77
C THR C 298 -50.05 -24.94 24.30
N PHE C 299 -50.71 -25.85 23.57
CA PHE C 299 -51.23 -25.56 22.20
C PHE C 299 -52.42 -24.61 22.27
N GLU C 300 -53.34 -24.83 23.22
CA GLU C 300 -54.59 -24.04 23.24
C GLU C 300 -54.29 -22.63 23.75
N SER C 301 -53.35 -22.50 24.70
CA SER C 301 -52.94 -21.14 25.15
C SER C 301 -52.56 -20.31 23.91
N LEU C 302 -51.57 -20.77 23.15
CA LEU C 302 -51.06 -20.03 21.96
C LEU C 302 -52.24 -19.59 21.09
N ARG C 303 -53.25 -20.43 20.93
CA ARG C 303 -54.37 -20.09 20.02
C ARG C 303 -55.09 -18.84 20.52
N GLN C 304 -55.06 -18.59 21.84
CA GLN C 304 -55.70 -17.42 22.49
C GLN C 304 -54.63 -16.39 22.87
N MET C 305 -53.90 -15.88 21.87
CA MET C 305 -52.88 -14.81 22.05
C MET C 305 -53.02 -13.78 20.94
N PRO C 306 -54.04 -12.90 21.00
CA PRO C 306 -54.39 -12.03 19.88
C PRO C 306 -53.35 -10.93 19.62
N GLN C 307 -52.75 -10.38 20.69
CA GLN C 307 -51.70 -9.34 20.59
C GLN C 307 -50.57 -9.87 19.71
N LEU C 308 -50.01 -11.03 20.07
CA LEU C 308 -48.84 -11.63 19.38
C LEU C 308 -49.24 -12.06 17.96
N GLU C 309 -50.41 -12.69 17.81
CA GLU C 309 -50.92 -13.18 16.50
C GLU C 309 -50.97 -12.01 15.51
N ASN C 310 -51.29 -10.81 15.98
CA ASN C 310 -51.45 -9.63 15.09
C ASN C 310 -50.09 -8.96 14.88
N VAL C 311 -49.19 -9.03 15.85
CA VAL C 311 -47.82 -8.46 15.65
C VAL C 311 -47.13 -9.29 14.58
N ILE C 312 -47.45 -10.58 14.45
CA ILE C 312 -46.80 -11.47 13.44
C ILE C 312 -47.52 -11.26 12.11
N LYS C 313 -48.83 -11.05 12.15
CA LYS C 313 -49.65 -10.68 10.97
C LYS C 313 -49.12 -9.38 10.35
N GLU C 314 -48.66 -8.43 11.16
CA GLU C 314 -48.22 -7.10 10.67
C GLU C 314 -46.78 -7.22 10.15
N VAL C 315 -45.96 -8.02 10.84
CA VAL C 315 -44.58 -8.39 10.41
C VAL C 315 -44.65 -8.99 9.01
N LEU C 316 -45.64 -9.86 8.75
CA LEU C 316 -45.83 -10.50 7.43
C LEU C 316 -46.32 -9.49 6.39
N ARG C 317 -47.06 -8.46 6.78
CA ARG C 317 -47.50 -7.42 5.80
C ARG C 317 -46.26 -6.65 5.31
N LEU C 318 -45.35 -6.27 6.21
CA LEU C 318 -44.21 -5.37 5.91
C LEU C 318 -42.95 -6.18 5.57
N HIS C 319 -42.86 -7.42 6.05
CA HIS C 319 -41.69 -8.32 5.81
C HIS C 319 -42.19 -9.67 5.30
N PRO C 320 -42.96 -9.67 4.19
CA PRO C 320 -43.35 -10.90 3.50
C PRO C 320 -42.12 -11.55 2.90
N PRO C 321 -41.73 -12.75 3.36
CA PRO C 321 -40.47 -13.36 2.93
C PRO C 321 -40.46 -13.76 1.44
N LEU C 322 -41.58 -14.27 0.92
CA LEU C 322 -41.71 -14.58 -0.53
C LEU C 322 -42.35 -13.39 -1.23
N ILE C 323 -41.57 -12.68 -2.05
CA ILE C 323 -41.95 -11.34 -2.60
C ILE C 323 -42.35 -11.49 -4.08
N LEU C 324 -42.06 -12.64 -4.68
CA LEU C 324 -42.39 -12.87 -6.12
C LEU C 324 -42.99 -14.27 -6.32
N LEU C 325 -44.31 -14.33 -6.44
CA LEU C 325 -45.03 -15.58 -6.80
C LEU C 325 -45.33 -15.51 -8.31
N MET C 326 -45.20 -16.64 -9.00
CA MET C 326 -45.20 -16.66 -10.48
C MET C 326 -46.08 -17.80 -11.01
N ARG C 327 -46.66 -17.58 -12.18
CA ARG C 327 -47.28 -18.67 -12.99
C ARG C 327 -46.92 -18.45 -14.47
N LYS C 328 -46.68 -19.55 -15.21
CA LYS C 328 -46.70 -19.55 -16.69
C LYS C 328 -48.16 -19.43 -17.17
N VAL C 329 -48.42 -18.53 -18.14
CA VAL C 329 -49.76 -18.37 -18.76
C VAL C 329 -49.90 -19.39 -19.90
N MET C 330 -50.81 -20.35 -19.72
CA MET C 330 -50.99 -21.53 -20.59
C MET C 330 -52.06 -21.23 -21.64
N LYS C 331 -53.00 -20.35 -21.27
CA LYS C 331 -54.10 -19.89 -22.15
C LYS C 331 -54.32 -18.39 -21.95
N ASP C 332 -54.51 -17.63 -23.03
CA ASP C 332 -54.79 -16.16 -22.99
C ASP C 332 -55.82 -15.92 -21.87
N PHE C 333 -55.65 -14.88 -21.06
CA PHE C 333 -56.71 -14.41 -20.11
C PHE C 333 -56.55 -12.90 -19.87
N GLU C 334 -57.62 -12.27 -19.40
CA GLU C 334 -57.72 -10.78 -19.29
C GLU C 334 -57.69 -10.38 -17.81
N VAL C 335 -57.08 -9.22 -17.51
CA VAL C 335 -57.24 -8.51 -16.21
C VAL C 335 -57.36 -7.01 -16.51
N GLN C 336 -58.36 -6.36 -15.90
CA GLN C 336 -58.62 -4.92 -16.12
C GLN C 336 -58.65 -4.66 -17.64
N GLY C 337 -59.20 -5.60 -18.40
CA GLY C 337 -59.47 -5.46 -19.85
C GLY C 337 -58.20 -5.47 -20.68
N MET C 338 -57.14 -6.12 -20.21
CA MET C 338 -55.88 -6.29 -20.98
C MET C 338 -55.60 -7.78 -21.21
N ARG C 339 -55.33 -8.16 -22.46
CA ARG C 339 -55.08 -9.58 -22.85
C ARG C 339 -53.64 -9.93 -22.46
N ILE C 340 -53.48 -10.74 -21.42
CA ILE C 340 -52.18 -11.40 -21.08
C ILE C 340 -52.09 -12.70 -21.88
N GLU C 341 -51.19 -12.72 -22.86
CA GLU C 341 -51.12 -13.78 -23.89
C GLU C 341 -50.41 -15.02 -23.34
N ALA C 342 -50.86 -16.22 -23.74
CA ALA C 342 -50.21 -17.50 -23.43
C ALA C 342 -48.72 -17.41 -23.82
N GLY C 343 -47.83 -17.95 -22.99
CA GLY C 343 -46.38 -17.91 -23.21
C GLY C 343 -45.72 -16.88 -22.31
N LYS C 344 -46.45 -15.81 -22.00
CA LYS C 344 -46.02 -14.84 -20.96
C LYS C 344 -46.08 -15.52 -19.60
N PHE C 345 -45.58 -14.80 -18.59
CA PHE C 345 -45.61 -15.27 -17.18
C PHE C 345 -46.28 -14.15 -16.37
N VAL C 346 -46.94 -14.54 -15.27
CA VAL C 346 -47.66 -13.56 -14.41
C VAL C 346 -46.95 -13.54 -13.05
N CYS C 347 -46.98 -12.40 -12.37
CA CYS C 347 -46.22 -12.26 -11.10
C CYS C 347 -47.09 -11.59 -10.04
N ALA C 348 -47.04 -12.09 -8.80
CA ALA C 348 -47.70 -11.41 -7.67
C ALA C 348 -46.58 -10.84 -6.79
N ALA C 349 -46.89 -9.81 -6.00
CA ALA C 349 -45.83 -9.11 -5.22
C ALA C 349 -46.42 -8.67 -3.89
N PRO C 350 -46.46 -9.59 -2.90
CA PRO C 350 -46.94 -9.26 -1.56
C PRO C 350 -46.26 -7.99 -1.03
N SER C 351 -44.93 -7.93 -1.15
CA SER C 351 -44.12 -6.76 -0.74
C SER C 351 -44.79 -5.45 -1.21
N VAL C 352 -45.32 -5.39 -2.43
CA VAL C 352 -45.81 -4.12 -3.03
C VAL C 352 -47.32 -3.98 -2.85
N THR C 353 -48.10 -5.04 -3.07
CA THR C 353 -49.58 -4.97 -2.84
C THR C 353 -49.87 -4.58 -1.39
N HIS C 354 -49.06 -5.05 -0.43
CA HIS C 354 -49.21 -4.79 1.02
C HIS C 354 -48.94 -3.30 1.33
N ARG C 355 -48.31 -2.57 0.42
CA ARG C 355 -47.90 -1.18 0.78
C ARG C 355 -48.81 -0.21 0.03
N ILE C 356 -49.88 -0.71 -0.61
CA ILE C 356 -50.91 0.11 -1.30
C ILE C 356 -51.80 0.80 -0.27
N PRO C 357 -51.88 2.15 -0.25
CA PRO C 357 -52.58 2.87 0.81
C PRO C 357 -54.11 2.72 0.80
N GLU C 358 -54.68 2.52 -0.40
CA GLU C 358 -56.12 2.21 -0.57
C GLU C 358 -56.48 0.90 0.14
N LEU C 359 -55.50 0.02 0.44
CA LEU C 359 -55.76 -1.30 1.06
C LEU C 359 -55.31 -1.28 2.52
N PHE C 360 -54.20 -0.58 2.82
CA PHE C 360 -53.64 -0.45 4.18
C PHE C 360 -53.32 1.02 4.43
N PRO C 361 -54.33 1.81 4.85
CA PRO C 361 -54.14 3.24 5.11
C PRO C 361 -52.88 3.49 5.96
N ASN C 362 -52.02 4.38 5.47
CA ASN C 362 -50.70 4.71 6.09
C ASN C 362 -49.83 3.45 6.08
N PRO C 363 -49.53 2.91 4.87
CA PRO C 363 -48.99 1.55 4.75
C PRO C 363 -47.68 1.35 5.53
N GLU C 364 -46.84 2.39 5.63
CA GLU C 364 -45.46 2.27 6.16
C GLU C 364 -45.50 2.30 7.70
N LEU C 365 -46.68 2.50 8.28
CA LEU C 365 -46.85 2.44 9.76
C LEU C 365 -47.00 0.96 10.17
N PHE C 366 -46.18 0.52 11.13
CA PHE C 366 -46.36 -0.79 11.81
C PHE C 366 -47.52 -0.66 12.81
N ASP C 367 -48.69 -1.19 12.46
CA ASP C 367 -49.91 -1.14 13.31
C ASP C 367 -50.56 -2.52 13.30
N PRO C 368 -50.43 -3.31 14.38
CA PRO C 368 -51.11 -4.60 14.45
C PRO C 368 -52.60 -4.44 14.78
N ASP C 369 -53.37 -3.79 13.91
CA ASP C 369 -54.83 -3.60 14.16
C ASP C 369 -55.38 -4.48 13.04
N ARG C 370 -55.41 -5.79 13.35
CA ARG C 370 -55.89 -6.79 12.36
C ARG C 370 -56.97 -7.67 13.00
N TYR C 371 -56.70 -8.32 14.15
CA TYR C 371 -57.77 -9.13 14.81
C TYR C 371 -58.92 -8.20 15.22
N THR C 372 -58.72 -6.90 14.96
CA THR C 372 -59.72 -5.88 15.35
C THR C 372 -60.83 -5.83 14.31
N PRO C 373 -61.92 -5.05 14.55
CA PRO C 373 -63.00 -4.89 13.58
C PRO C 373 -62.56 -4.20 12.28
N GLU C 374 -61.33 -3.69 12.25
CA GLU C 374 -60.76 -3.14 10.98
C GLU C 374 -60.60 -4.32 10.02
N ARG C 375 -59.95 -5.39 10.47
CA ARG C 375 -59.90 -6.67 9.72
C ARG C 375 -59.33 -6.49 8.32
N ALA C 376 -58.20 -5.89 8.06
CA ALA C 376 -57.74 -5.55 6.70
C ALA C 376 -57.23 -6.79 5.94
N GLU C 377 -56.97 -7.89 6.65
CA GLU C 377 -56.41 -9.12 6.04
C GLU C 377 -57.54 -9.92 5.38
N ASP C 378 -58.71 -10.02 6.03
CA ASP C 378 -59.87 -10.76 5.47
C ASP C 378 -60.70 -9.79 4.62
N LYS C 379 -60.54 -8.49 4.84
CA LYS C 379 -61.24 -7.43 4.05
C LYS C 379 -61.23 -7.88 2.58
N ASP C 380 -60.05 -8.26 2.09
CA ASP C 380 -59.89 -8.80 0.70
C ASP C 380 -58.84 -9.91 0.77
N LEU C 381 -59.27 -11.17 0.67
CA LEU C 381 -58.35 -12.33 0.79
C LEU C 381 -57.23 -12.16 -0.25
N TYR C 382 -57.42 -11.24 -1.20
CA TYR C 382 -56.51 -10.99 -2.35
C TYR C 382 -55.78 -9.65 -2.15
N GLY C 383 -55.92 -9.07 -0.95
CA GLY C 383 -55.12 -7.91 -0.51
C GLY C 383 -53.88 -8.35 0.23
N TRP C 384 -54.01 -8.57 1.55
CA TRP C 384 -53.00 -9.26 2.38
C TRP C 384 -52.73 -10.66 1.79
N GLN C 385 -51.49 -10.98 1.43
CA GLN C 385 -51.17 -12.22 0.65
C GLN C 385 -49.76 -12.73 0.95
N ALA C 386 -49.31 -12.66 2.21
CA ALA C 386 -48.03 -13.26 2.63
C ALA C 386 -48.03 -14.77 2.38
N PHE C 387 -49.20 -15.42 2.47
CA PHE C 387 -49.36 -16.89 2.34
C PHE C 387 -49.98 -17.24 0.98
N GLY C 388 -50.05 -16.26 0.07
CA GLY C 388 -50.69 -16.42 -1.24
C GLY C 388 -52.20 -16.42 -1.14
N GLY C 389 -52.88 -17.17 -2.02
CA GLY C 389 -54.35 -17.23 -2.12
C GLY C 389 -54.86 -18.21 -3.15
N GLY C 390 -56.18 -18.42 -3.18
CA GLY C 390 -56.84 -19.31 -4.15
C GLY C 390 -56.37 -20.75 -3.99
N ARG C 391 -56.43 -21.55 -5.06
CA ARG C 391 -56.24 -23.03 -4.93
C ARG C 391 -54.92 -23.31 -4.20
N HIS C 392 -53.84 -22.61 -4.54
CA HIS C 392 -52.45 -23.01 -4.18
C HIS C 392 -51.94 -22.18 -3.00
N LYS C 393 -52.86 -21.61 -2.22
CA LYS C 393 -52.56 -20.88 -0.95
C LYS C 393 -51.67 -21.76 -0.06
N CYS C 394 -50.83 -21.16 0.80
CA CYS C 394 -50.03 -21.93 1.78
C CYS C 394 -50.94 -22.91 2.52
N SER C 395 -50.60 -24.20 2.58
CA SER C 395 -51.33 -25.21 3.40
C SER C 395 -50.57 -25.48 4.70
N GLY C 396 -49.68 -24.57 5.11
CA GLY C 396 -48.86 -24.75 6.33
C GLY C 396 -48.91 -23.54 7.26
N ASN C 397 -49.81 -22.58 6.98
CA ASN C 397 -49.88 -21.29 7.71
C ASN C 397 -50.17 -21.55 9.20
N ALA C 398 -51.08 -22.47 9.50
CA ALA C 398 -51.47 -22.86 10.88
C ALA C 398 -50.21 -23.20 11.69
N PHE C 399 -49.34 -24.07 11.15
CA PHE C 399 -48.09 -24.50 11.83
C PHE C 399 -47.08 -23.35 11.82
N ALA C 400 -47.02 -22.57 10.74
CA ALA C 400 -46.07 -21.45 10.58
C ALA C 400 -46.28 -20.43 11.70
N MET C 401 -47.52 -19.96 11.86
CA MET C 401 -47.94 -18.98 12.90
C MET C 401 -47.66 -19.58 14.29
N PHE C 402 -47.99 -20.88 14.43
CA PHE C 402 -47.83 -21.64 15.70
C PHE C 402 -46.35 -21.64 16.10
N GLN C 403 -45.48 -21.96 15.14
CA GLN C 403 -44.05 -22.24 15.41
C GLN C 403 -43.37 -20.96 15.91
N ILE C 404 -43.68 -19.82 15.27
CA ILE C 404 -43.00 -18.53 15.58
C ILE C 404 -43.58 -17.97 16.89
N LYS C 405 -44.90 -18.09 17.09
CA LYS C 405 -45.55 -17.80 18.40
C LYS C 405 -44.78 -18.52 19.52
N ALA C 406 -44.77 -19.86 19.44
CA ALA C 406 -44.13 -20.76 20.42
C ALA C 406 -42.69 -20.29 20.70
N ILE C 407 -41.93 -19.97 19.64
CA ILE C 407 -40.49 -19.61 19.78
C ILE C 407 -40.38 -18.28 20.54
N VAL C 408 -41.19 -17.28 20.19
CA VAL C 408 -41.03 -15.92 20.80
C VAL C 408 -41.58 -15.92 22.23
N CYS C 409 -42.69 -16.62 22.47
CA CYS C 409 -43.34 -16.63 23.81
C CYS C 409 -42.51 -17.44 24.80
N VAL C 410 -41.38 -18.00 24.35
CA VAL C 410 -40.48 -18.77 25.25
C VAL C 410 -39.16 -18.01 25.41
N LEU C 411 -38.81 -17.20 24.40
CA LEU C 411 -37.55 -16.42 24.44
C LEU C 411 -37.77 -15.15 25.26
N LEU C 412 -38.97 -14.58 25.18
CA LEU C 412 -39.28 -13.37 25.98
C LEU C 412 -39.57 -13.78 27.43
N ARG C 413 -40.03 -15.01 27.65
CA ARG C 413 -40.46 -15.41 29.01
C ARG C 413 -39.26 -15.49 29.96
N ASN C 414 -38.04 -15.68 29.43
CA ASN C 414 -36.84 -15.86 30.30
C ASN C 414 -35.61 -15.12 29.75
N TYR C 415 -35.78 -14.19 28.80
CA TYR C 415 -34.66 -13.33 28.36
C TYR C 415 -35.16 -11.93 28.01
N GLU C 416 -34.41 -10.90 28.43
CA GLU C 416 -34.76 -9.49 28.11
C GLU C 416 -33.93 -9.10 26.89
N PHE C 417 -34.53 -8.39 25.93
CA PHE C 417 -33.79 -8.14 24.66
C PHE C 417 -33.61 -6.64 24.40
N GLU C 418 -32.49 -6.29 23.76
CA GLU C 418 -32.16 -4.87 23.50
C GLU C 418 -31.38 -4.80 22.18
N LEU C 419 -31.71 -3.81 21.34
CA LEU C 419 -31.13 -3.65 19.98
C LEU C 419 -29.67 -3.19 20.09
N ALA C 420 -28.71 -4.02 19.70
CA ALA C 420 -27.26 -3.79 19.86
C ALA C 420 -26.78 -2.64 18.96
N ALA C 421 -27.67 -2.10 18.12
CA ALA C 421 -27.37 -0.97 17.21
C ALA C 421 -28.60 -0.07 17.07
N ALA C 422 -28.52 0.94 16.20
CA ALA C 422 -29.55 2.00 16.05
C ALA C 422 -30.85 1.39 15.51
N PRO C 423 -32.03 1.69 16.09
CA PRO C 423 -33.29 1.12 15.61
C PRO C 423 -33.52 1.12 14.09
N GLU C 424 -33.07 2.16 13.40
CA GLU C 424 -33.32 2.30 11.94
C GLU C 424 -32.27 1.52 11.16
N SER C 425 -31.19 1.11 11.82
CA SER C 425 -30.10 0.29 11.22
C SER C 425 -30.68 -1.04 10.71
N TYR C 426 -31.73 -1.54 11.35
CA TYR C 426 -32.39 -2.85 11.05
C TYR C 426 -33.31 -2.69 9.84
N ARG C 427 -32.89 -3.25 8.71
CA ARG C 427 -33.61 -3.17 7.40
C ARG C 427 -33.70 -4.56 6.78
N ASP C 428 -34.56 -4.74 5.77
CA ASP C 428 -34.64 -5.97 4.93
C ASP C 428 -33.48 -5.95 3.93
N ASP C 429 -32.78 -7.08 3.76
CA ASP C 429 -31.85 -7.31 2.64
C ASP C 429 -32.66 -7.60 1.38
N TYR C 430 -33.01 -6.54 0.64
CA TYR C 430 -33.96 -6.60 -0.51
C TYR C 430 -33.20 -7.07 -1.75
N ARG C 431 -31.97 -7.55 -1.60
CA ARG C 431 -31.21 -8.11 -2.75
C ARG C 431 -31.53 -9.60 -2.92
N LYS C 432 -32.18 -10.22 -1.93
CA LYS C 432 -32.49 -11.67 -1.90
C LYS C 432 -33.96 -11.87 -2.30
N MET C 433 -34.33 -13.07 -2.74
CA MET C 433 -35.70 -13.42 -3.20
C MET C 433 -36.52 -13.96 -2.03
N VAL C 434 -35.82 -14.61 -1.10
CA VAL C 434 -36.45 -14.94 0.20
C VAL C 434 -35.95 -13.82 1.11
N VAL C 435 -36.78 -12.79 1.26
CA VAL C 435 -36.31 -11.53 1.92
C VAL C 435 -36.24 -11.74 3.43
N GLU C 436 -35.04 -11.49 3.96
CA GLU C 436 -34.79 -11.61 5.42
C GLU C 436 -34.08 -10.34 5.86
N PRO C 437 -34.17 -9.98 7.16
CA PRO C 437 -33.42 -8.85 7.71
C PRO C 437 -31.93 -8.90 7.35
N ALA C 438 -31.22 -7.76 7.48
CA ALA C 438 -29.84 -7.58 6.94
C ALA C 438 -28.79 -8.50 7.57
N SER C 439 -27.67 -8.60 6.71
CA SER C 439 -26.64 -9.61 7.10
C SER C 439 -26.16 -9.67 8.54
N PRO C 440 -25.55 -8.61 9.15
CA PRO C 440 -25.22 -8.62 10.57
C PRO C 440 -26.39 -8.02 11.36
N CYS C 441 -27.07 -8.86 12.15
CA CYS C 441 -28.33 -8.49 12.84
C CYS C 441 -28.19 -8.77 14.35
N LEU C 442 -27.53 -7.87 15.09
CA LEU C 442 -27.07 -8.11 16.48
C LEU C 442 -28.14 -7.72 17.51
N ILE C 443 -28.11 -8.37 18.67
CA ILE C 443 -29.11 -8.20 19.78
C ILE C 443 -28.41 -8.52 21.12
N ARG C 444 -29.03 -8.07 22.22
CA ARG C 444 -28.46 -8.32 23.58
C ARG C 444 -29.55 -8.93 24.47
N TYR C 445 -29.16 -9.74 25.45
CA TYR C 445 -30.15 -10.50 26.26
C TYR C 445 -29.74 -10.53 27.73
N ARG C 446 -30.72 -10.79 28.62
CA ARG C 446 -30.39 -10.99 30.06
C ARG C 446 -31.50 -11.85 30.68
N ARG C 447 -31.15 -12.84 31.51
CA ARG C 447 -32.17 -13.74 32.11
C ARG C 447 -33.16 -12.92 32.94
N ARG C 448 -34.34 -13.49 33.20
CA ARG C 448 -35.33 -12.94 34.18
C ARG C 448 -35.49 -13.93 35.34
N SER D 6 32.80 12.79 -18.15
CA SER D 6 32.36 12.32 -16.81
C SER D 6 30.87 11.96 -16.85
N ASN D 7 30.28 11.61 -15.70
CA ASN D 7 28.84 11.30 -15.54
C ASN D 7 28.02 12.57 -15.76
N THR D 8 26.72 12.44 -16.05
CA THR D 8 25.83 13.60 -16.31
C THR D 8 24.72 13.63 -15.26
N PRO D 9 23.88 14.68 -15.18
CA PRO D 9 22.88 14.79 -14.12
C PRO D 9 21.76 13.76 -14.22
N PRO D 10 21.19 13.30 -13.09
CA PRO D 10 19.99 12.46 -13.12
C PRO D 10 18.79 13.21 -13.71
N VAL D 11 18.16 12.62 -14.73
CA VAL D 11 16.99 13.22 -15.42
C VAL D 11 15.71 12.61 -14.82
N LYS D 12 14.73 13.47 -14.48
CA LYS D 12 13.44 12.99 -13.89
C LYS D 12 12.62 12.28 -14.96
N PRO D 13 12.06 11.09 -14.66
CA PRO D 13 11.16 10.42 -15.60
C PRO D 13 9.75 11.02 -15.60
N GLY D 14 8.91 10.53 -16.53
CA GLY D 14 7.47 10.83 -16.56
C GLY D 14 7.18 11.98 -17.50
N GLY D 15 8.24 12.53 -18.11
CA GLY D 15 8.14 13.71 -18.98
C GLY D 15 7.31 13.40 -20.21
N LEU D 16 6.25 14.17 -20.43
CA LEU D 16 5.34 13.90 -21.58
C LEU D 16 6.06 14.28 -22.85
N PRO D 17 5.73 13.63 -23.97
CA PRO D 17 6.34 13.98 -25.25
C PRO D 17 5.98 15.41 -25.67
N LEU D 18 6.99 16.25 -25.92
CA LEU D 18 6.82 17.63 -26.44
C LEU D 18 6.50 18.63 -25.33
N LEU D 19 6.22 18.17 -24.11
CA LEU D 19 5.76 19.08 -23.02
C LEU D 19 6.73 18.91 -21.85
N GLY D 20 7.46 17.79 -21.82
CA GLY D 20 8.32 17.43 -20.68
C GLY D 20 7.52 17.46 -19.39
N HIS D 21 8.04 18.15 -18.36
CA HIS D 21 7.42 18.21 -17.01
C HIS D 21 6.70 19.56 -16.81
N ILE D 22 6.40 20.29 -17.89
CA ILE D 22 5.80 21.66 -17.80
C ILE D 22 4.48 21.63 -17.03
N LEU D 23 3.66 20.60 -17.22
CA LEU D 23 2.30 20.51 -16.63
C LEU D 23 2.41 20.30 -15.11
N GLU D 24 3.30 19.42 -14.66
CA GLU D 24 3.55 19.14 -13.22
C GLU D 24 4.18 20.38 -12.55
N PHE D 25 5.22 20.95 -13.16
CA PHE D 25 5.91 22.16 -12.64
C PHE D 25 4.92 23.33 -12.61
N GLY D 26 4.22 23.55 -13.71
CA GLY D 26 3.30 24.69 -13.90
C GLY D 26 2.21 24.75 -12.85
N LYS D 27 1.65 23.60 -12.46
CA LYS D 27 0.62 23.56 -11.39
C LYS D 27 1.22 24.19 -10.13
N ASN D 28 2.43 23.79 -9.72
CA ASN D 28 3.06 24.26 -8.47
C ASN D 28 4.58 24.15 -8.59
N PRO D 29 5.24 25.20 -9.13
CA PRO D 29 6.68 25.18 -9.37
C PRO D 29 7.52 24.85 -8.13
N HIS D 30 7.22 25.50 -6.99
CA HIS D 30 7.91 25.24 -5.71
C HIS D 30 7.87 23.74 -5.40
N ALA D 31 6.67 23.16 -5.41
CA ALA D 31 6.39 21.75 -5.04
C ALA D 31 7.17 20.82 -5.98
N PHE D 32 7.17 21.13 -7.28
CA PHE D 32 7.94 20.35 -8.29
C PHE D 32 9.43 20.35 -7.91
N LEU D 33 9.97 21.55 -7.66
CA LEU D 33 11.43 21.72 -7.42
C LEU D 33 11.83 21.03 -6.11
N MET D 34 11.03 21.18 -5.05
CA MET D 34 11.23 20.46 -3.77
C MET D 34 11.32 18.95 -4.04
N ALA D 35 10.29 18.39 -4.68
CA ALA D 35 10.18 16.95 -5.01
C ALA D 35 11.38 16.51 -5.85
N LEU D 36 11.84 17.36 -6.78
CA LEU D 36 12.96 17.01 -7.68
C LEU D 36 14.25 16.87 -6.84
N ARG D 37 14.44 17.77 -5.86
CA ARG D 37 15.66 17.69 -5.00
C ARG D 37 15.55 16.43 -4.14
N HIS D 38 14.40 16.23 -3.49
CA HIS D 38 14.18 15.05 -2.61
C HIS D 38 14.54 13.78 -3.38
N GLU D 39 14.13 13.71 -4.65
CA GLU D 39 14.31 12.48 -5.47
C GLU D 39 15.78 12.32 -5.87
N PHE D 40 16.43 13.36 -6.40
CA PHE D 40 17.75 13.20 -7.06
C PHE D 40 18.86 14.02 -6.38
N GLY D 41 18.54 14.84 -5.37
CA GLY D 41 19.56 15.59 -4.61
C GLY D 41 19.93 16.91 -5.26
N ASP D 42 21.23 17.24 -5.26
CA ASP D 42 21.76 18.63 -5.37
C ASP D 42 21.73 19.09 -6.83
N VAL D 43 21.85 18.13 -7.76
CA VAL D 43 21.87 18.37 -9.24
C VAL D 43 20.89 17.40 -9.90
N ALA D 44 19.85 17.93 -10.55
CA ALA D 44 18.70 17.16 -11.09
C ALA D 44 18.14 17.85 -12.34
N GLU D 45 18.03 17.08 -13.43
CA GLU D 45 17.53 17.60 -14.73
C GLU D 45 16.03 17.32 -14.85
N PHE D 46 15.29 18.29 -15.38
CA PHE D 46 13.89 18.11 -15.84
C PHE D 46 13.72 18.89 -17.15
N ARG D 47 12.57 18.74 -17.81
CA ARG D 47 12.37 19.33 -19.17
C ARG D 47 11.16 20.27 -19.12
N MET D 48 11.32 21.47 -19.68
CA MET D 48 10.20 22.43 -19.91
C MET D 48 10.01 22.57 -21.43
N PHE D 49 9.04 21.83 -21.97
CA PHE D 49 8.97 21.46 -23.41
C PHE D 49 10.30 20.80 -23.78
N HIS D 50 10.96 21.30 -24.83
CA HIS D 50 12.24 20.76 -25.38
C HIS D 50 13.42 21.19 -24.50
N GLN D 51 13.23 22.18 -23.63
CA GLN D 51 14.36 22.82 -22.89
C GLN D 51 14.77 21.90 -21.73
N ARG D 52 16.07 21.55 -21.70
CA ARG D 52 16.63 20.66 -20.65
C ARG D 52 17.16 21.55 -19.52
N MET D 53 16.62 21.39 -18.31
CA MET D 53 16.84 22.32 -17.16
C MET D 53 17.50 21.54 -16.03
N VAL D 54 18.56 22.08 -15.42
CA VAL D 54 19.23 21.38 -14.28
C VAL D 54 19.00 22.22 -13.01
N LEU D 55 18.26 21.68 -12.05
CA LEU D 55 18.11 22.41 -10.76
C LEU D 55 19.37 22.20 -9.92
N LEU D 56 19.89 23.30 -9.39
CA LEU D 56 21.11 23.31 -8.55
C LEU D 56 20.72 23.80 -7.15
N THR D 57 20.79 22.89 -6.18
CA THR D 57 20.30 23.19 -4.80
C THR D 57 21.37 22.84 -3.77
N GLY D 58 21.30 23.45 -2.59
CA GLY D 58 22.32 23.30 -1.54
C GLY D 58 23.52 24.20 -1.79
N SER D 59 24.43 24.29 -0.83
CA SER D 59 25.55 25.28 -0.82
C SER D 59 26.46 25.10 -2.03
N GLN D 60 27.09 23.92 -2.16
CA GLN D 60 28.08 23.62 -3.24
C GLN D 60 27.47 24.02 -4.58
N ALA D 61 26.29 23.47 -4.89
CA ALA D 61 25.61 23.65 -6.19
C ALA D 61 25.21 25.12 -6.36
N SER D 62 24.61 25.73 -5.33
CA SER D 62 24.26 27.18 -5.38
C SER D 62 25.51 28.00 -5.72
N GLU D 63 26.65 27.64 -5.12
CA GLU D 63 27.93 28.39 -5.28
C GLU D 63 28.30 28.40 -6.76
N ALA D 64 28.29 27.23 -7.40
CA ALA D 64 28.66 27.07 -8.83
C ALA D 64 27.75 27.96 -9.68
N PHE D 65 26.47 28.06 -9.33
CA PHE D 65 25.44 28.84 -10.07
C PHE D 65 25.83 30.33 -10.03
N TYR D 66 25.97 30.87 -8.82
CA TYR D 66 26.13 32.33 -8.57
C TYR D 66 27.56 32.78 -8.94
N ARG D 67 28.55 31.88 -8.85
CA ARG D 67 29.98 32.27 -9.00
C ARG D 67 30.47 32.04 -10.43
N ALA D 68 29.61 31.55 -11.33
CA ALA D 68 30.01 31.18 -12.71
C ALA D 68 30.26 32.44 -13.52
N PRO D 69 31.34 32.47 -14.35
CA PRO D 69 31.54 33.59 -15.28
C PRO D 69 30.36 33.76 -16.25
N ASP D 70 30.11 34.98 -16.73
CA ASP D 70 29.00 35.31 -17.66
C ASP D 70 29.20 34.59 -19.01
N GLU D 71 30.43 34.11 -19.27
CA GLU D 71 30.81 33.47 -20.55
C GLU D 71 30.42 31.99 -20.52
N VAL D 72 30.14 31.45 -19.33
CA VAL D 72 29.65 30.05 -19.18
C VAL D 72 28.16 30.05 -18.85
N LEU D 73 27.70 31.03 -18.05
CA LEU D 73 26.28 31.10 -17.61
C LEU D 73 25.71 32.48 -17.94
N ASP D 74 24.79 32.57 -18.91
CA ASP D 74 24.18 33.86 -19.33
C ASP D 74 22.71 33.92 -18.91
N GLN D 75 22.27 35.06 -18.37
CA GLN D 75 20.87 35.24 -17.90
C GLN D 75 20.02 35.81 -19.05
N GLY D 76 20.63 36.04 -20.22
CA GLY D 76 19.95 36.66 -21.38
C GLY D 76 18.89 35.74 -21.99
N PRO D 77 19.32 34.62 -22.62
CA PRO D 77 18.40 33.65 -23.20
C PRO D 77 17.39 33.10 -22.18
N ALA D 78 17.80 32.93 -20.92
CA ALA D 78 16.99 32.32 -19.84
C ALA D 78 15.79 33.23 -19.52
N TYR D 79 15.88 34.54 -19.77
CA TYR D 79 14.87 35.52 -19.29
C TYR D 79 14.17 36.21 -20.46
N ARG D 80 14.05 35.51 -21.59
CA ARG D 80 13.26 35.99 -22.74
C ARG D 80 11.83 36.31 -22.29
N ILE D 81 11.39 35.66 -21.21
CA ILE D 81 10.03 35.88 -20.61
C ILE D 81 9.80 37.38 -20.42
N MET D 82 10.85 38.13 -20.13
CA MET D 82 10.71 39.56 -19.75
C MET D 82 10.63 40.43 -21.01
N THR D 83 11.05 39.91 -22.17
CA THR D 83 11.17 40.75 -23.40
C THR D 83 9.83 41.36 -23.77
N PRO D 84 8.70 40.61 -23.73
CA PRO D 84 7.40 41.20 -24.07
C PRO D 84 6.89 42.19 -23.00
N ILE D 85 7.53 42.18 -21.82
CA ILE D 85 7.08 43.01 -20.67
C ILE D 85 7.87 44.32 -20.67
N PHE D 86 9.20 44.23 -20.79
CA PHE D 86 10.14 45.39 -20.72
C PHE D 86 10.30 46.00 -22.12
N GLY D 87 10.12 45.18 -23.16
CA GLY D 87 10.33 45.59 -24.55
C GLY D 87 11.63 45.01 -25.09
N ARG D 88 11.79 45.06 -26.41
CA ARG D 88 13.01 44.52 -27.05
C ARG D 88 14.17 45.52 -26.85
N GLY D 89 15.36 45.02 -26.51
CA GLY D 89 16.55 45.84 -26.31
C GLY D 89 16.66 46.37 -24.90
N VAL D 90 15.75 45.99 -23.99
CA VAL D 90 15.75 46.45 -22.59
C VAL D 90 16.28 45.33 -21.69
N VAL D 91 17.08 45.67 -20.68
CA VAL D 91 17.79 44.72 -19.77
C VAL D 91 18.18 43.47 -20.56
N PHE D 92 17.51 42.32 -20.36
CA PHE D 92 18.05 40.99 -20.73
C PHE D 92 17.99 40.78 -22.24
N ASP D 93 17.22 41.58 -22.98
CA ASP D 93 17.14 41.45 -24.46
C ASP D 93 18.15 42.40 -25.11
N ALA D 94 19.03 43.01 -24.32
CA ALA D 94 20.05 43.98 -24.79
C ALA D 94 21.43 43.30 -24.85
N ARG D 95 22.33 43.89 -25.63
CA ARG D 95 23.76 43.48 -25.52
C ARG D 95 24.21 43.89 -24.11
N ILE D 96 25.27 43.26 -23.61
CA ILE D 96 25.77 43.50 -22.22
C ILE D 96 26.07 44.98 -22.02
N GLU D 97 26.77 45.64 -22.96
CA GLU D 97 27.26 47.02 -22.78
C GLU D 97 26.05 47.94 -22.59
N ARG D 98 24.94 47.66 -23.29
CA ARG D 98 23.74 48.52 -23.21
C ARG D 98 22.97 48.17 -21.93
N LYS D 99 22.99 46.89 -21.55
CA LYS D 99 22.31 46.41 -20.32
C LYS D 99 22.94 47.08 -19.09
N ASN D 100 24.26 46.99 -18.97
CA ASN D 100 25.03 47.57 -17.84
C ASN D 100 24.74 49.07 -17.74
N GLN D 101 24.72 49.76 -18.89
CA GLN D 101 24.46 51.21 -18.90
C GLN D 101 23.03 51.49 -18.43
N GLN D 102 22.09 50.61 -18.80
CA GLN D 102 20.67 50.79 -18.39
C GLN D 102 20.58 50.60 -16.87
N LEU D 103 21.23 49.57 -16.34
CA LEU D 103 21.24 49.30 -14.87
C LEU D 103 21.93 50.47 -14.16
N GLN D 104 22.99 51.02 -14.76
CA GLN D 104 23.81 52.10 -14.14
C GLN D 104 22.99 53.39 -14.01
N MET D 105 21.92 53.56 -14.80
CA MET D 105 21.10 54.80 -14.77
C MET D 105 20.12 54.79 -13.58
N LEU D 106 19.84 53.65 -12.93
CA LEU D 106 19.03 53.61 -11.67
C LEU D 106 19.94 53.79 -10.47
N MET D 107 21.12 53.18 -10.51
CA MET D 107 22.06 53.18 -9.36
C MET D 107 22.05 54.57 -8.71
N PRO D 108 22.10 55.67 -9.49
CA PRO D 108 22.04 57.01 -8.92
C PRO D 108 21.01 57.16 -7.79
N ALA D 109 19.84 56.54 -7.93
CA ALA D 109 18.75 56.74 -6.94
C ALA D 109 19.00 55.87 -5.70
N LEU D 110 20.08 55.10 -5.70
CA LEU D 110 20.34 54.11 -4.62
C LEU D 110 21.45 54.60 -3.68
N ARG D 111 21.93 55.83 -3.90
CA ARG D 111 23.09 56.40 -3.18
C ARG D 111 22.76 56.77 -1.73
N ASP D 112 23.77 56.93 -0.86
CA ASP D 112 23.58 57.33 0.55
C ASP D 112 22.67 58.56 0.61
N LYS D 113 22.87 59.51 -0.32
CA LYS D 113 22.38 60.91 -0.22
C LYS D 113 20.86 60.93 -0.44
N PRO D 114 20.34 60.39 -1.57
CA PRO D 114 18.90 60.41 -1.83
C PRO D 114 18.13 59.46 -0.90
N MET D 115 18.84 58.56 -0.23
CA MET D 115 18.24 57.59 0.73
C MET D 115 17.72 58.36 1.96
N ARG D 116 18.47 59.36 2.44
CA ARG D 116 17.97 60.23 3.55
C ARG D 116 16.65 60.87 3.11
N THR D 117 16.48 61.20 1.83
CA THR D 117 15.29 61.92 1.31
C THR D 117 14.03 61.05 1.26
N TYR D 118 14.09 59.88 0.62
CA TYR D 118 12.89 59.05 0.32
C TYR D 118 12.11 58.73 1.60
N SER D 119 12.70 58.90 2.79
CA SER D 119 12.04 58.48 4.06
C SER D 119 10.74 59.25 4.28
N GLU D 120 10.74 60.55 3.93
CA GLU D 120 9.53 61.39 4.14
C GLU D 120 8.43 60.91 3.20
N ILE D 121 8.77 60.77 1.92
CA ILE D 121 7.77 60.44 0.86
C ILE D 121 7.02 59.17 1.26
N ILE D 122 7.76 58.09 1.53
CA ILE D 122 7.09 56.80 1.84
C ILE D 122 6.08 57.09 2.96
N VAL D 123 6.49 57.88 3.96
CA VAL D 123 5.63 58.16 5.14
C VAL D 123 4.39 58.93 4.68
N ALA D 124 4.59 59.95 3.85
CA ALA D 124 3.45 60.78 3.41
C ALA D 124 2.52 59.88 2.60
N GLU D 125 3.07 59.00 1.76
CA GLU D 125 2.24 58.09 0.96
C GLU D 125 1.60 57.10 1.93
N VAL D 126 2.39 56.56 2.86
CA VAL D 126 1.70 55.59 3.77
C VAL D 126 0.54 56.34 4.43
N GLU D 127 0.83 57.51 4.99
CA GLU D 127 -0.17 58.39 5.67
C GLU D 127 -1.22 58.84 4.65
N ALA D 128 -0.81 59.08 3.40
CA ALA D 128 -1.69 59.55 2.30
C ALA D 128 -2.83 58.56 2.08
N MET D 129 -2.54 57.26 2.16
CA MET D 129 -3.57 56.19 1.94
C MET D 129 -4.35 55.93 3.23
N LEU D 130 -3.77 56.28 4.38
CA LEU D 130 -4.36 56.01 5.72
C LEU D 130 -5.39 57.09 6.08
N ARG D 131 -5.23 58.31 5.54
CA ARG D 131 -6.18 59.42 5.82
C ARG D 131 -7.59 59.02 5.37
N ASP D 132 -7.70 58.28 4.27
CA ASP D 132 -8.99 57.89 3.63
C ASP D 132 -9.63 56.74 4.42
N TRP D 133 -8.90 56.14 5.37
CA TRP D 133 -9.44 55.04 6.23
C TRP D 133 -10.39 55.65 7.27
N LYS D 134 -10.86 54.84 8.22
CA LYS D 134 -11.97 55.22 9.15
C LYS D 134 -11.82 54.46 10.47
N ASP D 135 -10.80 54.80 11.27
CA ASP D 135 -10.76 54.55 12.74
C ASP D 135 -10.64 53.06 13.04
N ALA D 136 -11.50 52.24 12.43
CA ALA D 136 -11.49 50.76 12.58
C ALA D 136 -12.23 50.13 11.39
N GLY D 137 -11.82 48.94 10.94
CA GLY D 137 -12.45 48.32 9.75
C GLY D 137 -11.68 47.14 9.19
N THR D 138 -12.01 46.71 7.96
CA THR D 138 -11.39 45.51 7.35
C THR D 138 -10.86 45.82 5.94
N ILE D 139 -9.58 45.51 5.69
CA ILE D 139 -8.93 45.74 4.36
C ILE D 139 -8.31 44.41 3.89
N ASP D 140 -8.12 44.25 2.58
CA ASP D 140 -7.25 43.21 1.99
C ASP D 140 -5.80 43.69 2.09
N LEU D 141 -4.99 43.00 2.90
CA LEU D 141 -3.59 43.40 3.21
C LEU D 141 -2.76 43.41 1.92
N LEU D 142 -2.95 42.43 1.03
CA LEU D 142 -2.13 42.32 -0.20
C LEU D 142 -2.55 43.40 -1.20
N GLU D 143 -3.86 43.62 -1.36
CA GLU D 143 -4.41 44.64 -2.30
C GLU D 143 -3.83 46.01 -1.95
N LEU D 144 -3.72 46.34 -0.65
CA LEU D 144 -3.26 47.67 -0.19
C LEU D 144 -1.73 47.73 -0.21
N THR D 145 -1.07 46.60 0.03
CA THR D 145 0.41 46.46 -0.03
C THR D 145 0.93 46.68 -1.46
N LYS D 146 0.21 46.11 -2.44
CA LYS D 146 0.55 46.22 -3.88
C LYS D 146 0.44 47.68 -4.32
N GLU D 147 -0.69 48.30 -4.01
CA GLU D 147 -0.96 49.72 -4.38
C GLU D 147 0.09 50.62 -3.71
N LEU D 148 0.33 50.43 -2.41
CA LEU D 148 1.25 51.28 -1.61
C LEU D 148 2.65 51.22 -2.20
N THR D 149 3.17 50.03 -2.50
CA THR D 149 4.57 49.88 -3.00
C THR D 149 4.69 50.52 -4.39
N ILE D 150 3.57 50.65 -5.10
CA ILE D 150 3.56 51.32 -6.43
C ILE D 150 3.92 52.79 -6.18
N TYR D 151 3.09 53.50 -5.42
CA TYR D 151 3.32 54.94 -5.10
C TYR D 151 4.69 55.12 -4.45
N THR D 152 4.99 54.26 -3.48
CA THR D 152 6.29 54.35 -2.75
C THR D 152 7.46 54.28 -3.74
N SER D 153 7.49 53.27 -4.61
CA SER D 153 8.66 53.05 -5.51
C SER D 153 8.63 54.04 -6.67
N SER D 154 7.43 54.56 -6.96
CA SER D 154 7.27 55.52 -8.07
C SER D 154 7.93 56.85 -7.72
N HIS D 155 7.36 57.54 -6.73
CA HIS D 155 7.83 58.85 -6.21
C HIS D 155 9.31 58.78 -5.80
N CYS D 156 9.73 57.69 -5.15
CA CYS D 156 11.11 57.62 -4.60
C CYS D 156 12.12 57.36 -5.72
N LEU D 157 11.85 56.41 -6.62
CA LEU D 157 12.86 56.00 -7.63
C LEU D 157 12.70 56.82 -8.92
N LEU D 158 11.48 57.19 -9.29
CA LEU D 158 11.23 57.91 -10.57
C LEU D 158 10.90 59.38 -10.28
N GLY D 159 10.55 59.71 -9.03
CA GLY D 159 10.31 61.09 -8.59
C GLY D 159 8.82 61.44 -8.56
N ALA D 160 8.48 62.60 -7.98
CA ALA D 160 7.10 63.05 -7.72
C ALA D 160 6.38 63.31 -9.05
N GLU D 161 7.12 63.64 -10.10
CA GLU D 161 6.47 63.97 -11.39
C GLU D 161 5.74 62.72 -11.92
N PHE D 162 6.46 61.60 -12.06
CA PHE D 162 5.89 60.33 -12.57
C PHE D 162 4.77 59.83 -11.64
N ARG D 163 5.01 59.86 -10.33
CA ARG D 163 4.00 59.38 -9.35
C ARG D 163 2.70 60.16 -9.54
N HIS D 164 2.80 61.46 -9.84
CA HIS D 164 1.59 62.33 -10.04
C HIS D 164 0.64 61.67 -11.05
N GLU D 165 1.15 60.81 -11.93
CA GLU D 165 0.32 60.05 -12.90
C GLU D 165 -0.09 58.71 -12.28
N LEU D 166 -1.24 58.68 -11.60
CA LEU D 166 -1.66 57.52 -10.77
C LEU D 166 -3.13 57.20 -11.05
N ASN D 167 -3.44 56.86 -12.30
CA ASN D 167 -4.83 56.52 -12.70
C ASN D 167 -5.02 54.99 -12.60
N THR D 168 -6.27 54.53 -12.56
CA THR D 168 -6.55 53.07 -12.44
C THR D 168 -6.05 52.36 -13.70
N GLU D 169 -5.92 53.10 -14.81
CA GLU D 169 -5.28 52.58 -16.05
C GLU D 169 -3.90 52.02 -15.69
N PHE D 170 -3.03 52.90 -15.15
CA PHE D 170 -1.65 52.55 -14.71
C PHE D 170 -1.70 51.33 -13.78
N ALA D 171 -2.62 51.35 -12.82
CA ALA D 171 -2.76 50.24 -11.85
C ALA D 171 -3.00 48.93 -12.61
N GLY D 172 -4.05 48.90 -13.45
CA GLY D 172 -4.40 47.73 -14.27
C GLY D 172 -3.27 47.34 -15.21
N ILE D 173 -2.59 48.33 -15.79
CA ILE D 173 -1.47 48.11 -16.76
C ILE D 173 -0.39 47.26 -16.09
N TYR D 174 -0.08 47.55 -14.83
CA TYR D 174 0.98 46.83 -14.07
C TYR D 174 0.46 45.46 -13.65
N ARG D 175 -0.83 45.30 -13.39
CA ARG D 175 -1.38 43.94 -13.09
C ARG D 175 -1.28 43.08 -14.35
N ASP D 176 -1.68 43.63 -15.52
CA ASP D 176 -1.62 42.93 -16.82
C ASP D 176 -0.16 42.57 -17.15
N LEU D 177 0.77 43.49 -16.85
CA LEU D 177 2.21 43.25 -17.12
C LEU D 177 2.69 42.12 -16.21
N GLU D 178 2.30 42.16 -14.93
CA GLU D 178 2.72 41.17 -13.91
C GLU D 178 2.19 39.79 -14.30
N MET D 179 0.94 39.72 -14.76
CA MET D 179 0.27 38.47 -15.17
C MET D 179 0.99 37.84 -16.36
N GLY D 180 1.86 38.59 -17.04
CA GLY D 180 2.67 38.08 -18.17
C GLY D 180 3.72 37.10 -17.68
N ILE D 181 3.97 37.11 -16.38
CA ILE D 181 5.01 36.20 -15.81
C ILE D 181 4.39 34.82 -15.58
N GLN D 182 4.54 33.94 -16.58
CA GLN D 182 3.84 32.63 -16.68
C GLN D 182 4.88 31.52 -16.82
N PRO D 183 4.69 30.37 -16.15
CA PRO D 183 5.60 29.23 -16.32
C PRO D 183 5.87 28.92 -17.80
N ILE D 184 4.85 29.01 -18.66
CA ILE D 184 5.01 28.64 -20.10
C ILE D 184 5.90 29.70 -20.78
N ALA D 185 5.86 30.94 -20.28
CA ALA D 185 6.45 32.13 -20.92
C ALA D 185 7.98 32.11 -20.82
N TYR D 186 8.58 31.28 -19.97
CA TYR D 186 10.06 31.06 -19.92
C TYR D 186 10.54 30.42 -21.23
N VAL D 187 9.70 29.61 -21.87
CA VAL D 187 10.08 28.88 -23.11
C VAL D 187 9.48 29.57 -24.34
N PHE D 188 8.18 29.86 -24.30
CA PHE D 188 7.41 30.50 -25.40
C PHE D 188 6.73 31.74 -24.85
N PRO D 189 7.48 32.87 -24.81
CA PRO D 189 6.95 34.12 -24.27
C PRO D 189 5.90 34.78 -25.18
N ASN D 190 5.83 34.38 -26.45
CA ASN D 190 4.75 34.83 -27.36
C ASN D 190 3.90 33.64 -27.81
N LEU D 191 2.60 33.71 -27.50
CA LEU D 191 1.60 32.68 -27.86
C LEU D 191 0.25 33.39 -27.97
N PRO D 192 -0.63 32.94 -28.88
CA PRO D 192 -1.96 33.54 -29.01
C PRO D 192 -2.85 33.18 -27.81
N LEU D 193 -2.56 33.76 -26.64
CA LEU D 193 -3.29 33.48 -25.38
C LEU D 193 -3.86 34.80 -24.87
N PRO D 194 -5.00 34.76 -24.15
CA PRO D 194 -5.59 36.01 -23.65
C PRO D 194 -4.76 36.73 -22.58
N VAL D 195 -3.92 36.02 -21.82
CA VAL D 195 -3.07 36.61 -20.75
C VAL D 195 -1.92 37.39 -21.40
N PHE D 196 -1.43 36.89 -22.53
CA PHE D 196 -0.31 37.46 -23.34
C PHE D 196 -0.80 38.69 -24.10
N LYS D 197 -1.96 38.63 -24.75
CA LYS D 197 -2.51 39.76 -25.54
C LYS D 197 -2.69 40.95 -24.57
N ARG D 198 -3.17 40.62 -23.37
CA ARG D 198 -3.50 41.67 -22.37
C ARG D 198 -2.21 42.33 -21.87
N ARG D 199 -1.11 41.58 -21.77
CA ARG D 199 0.19 42.13 -21.34
C ARG D 199 0.75 43.01 -22.46
N ASP D 200 0.68 42.51 -23.69
CA ASP D 200 1.15 43.23 -24.89
C ASP D 200 0.40 44.56 -25.03
N GLN D 201 -0.92 44.53 -24.81
CA GLN D 201 -1.77 45.75 -24.91
C GLN D 201 -1.37 46.71 -23.78
N ALA D 202 -1.18 46.19 -22.57
CA ALA D 202 -0.72 46.97 -21.40
C ALA D 202 0.56 47.73 -21.77
N ARG D 203 1.55 47.06 -22.37
CA ARG D 203 2.85 47.70 -22.64
C ARG D 203 2.72 48.74 -23.76
N VAL D 204 1.95 48.43 -24.81
CA VAL D 204 1.70 49.40 -25.92
C VAL D 204 1.06 50.65 -25.31
N ARG D 205 0.03 50.44 -24.48
CA ARG D 205 -0.72 51.55 -23.82
C ARG D 205 0.26 52.36 -22.94
N LEU D 206 1.06 51.70 -22.10
CA LEU D 206 1.99 52.40 -21.18
C LEU D 206 3.02 53.20 -21.99
N GLN D 207 3.47 52.70 -23.15
CA GLN D 207 4.42 53.44 -24.02
C GLN D 207 3.72 54.65 -24.66
N GLU D 208 2.44 54.51 -24.99
CA GLU D 208 1.56 55.60 -25.48
C GLU D 208 1.49 56.70 -24.40
N LEU D 209 1.28 56.33 -23.14
CA LEU D 209 1.06 57.30 -22.02
C LEU D 209 2.37 58.00 -21.66
N VAL D 210 3.48 57.25 -21.63
CA VAL D 210 4.84 57.77 -21.31
C VAL D 210 5.28 58.73 -22.41
N THR D 211 5.15 58.34 -23.68
CA THR D 211 5.67 59.19 -24.79
C THR D 211 4.97 60.55 -24.72
N GLN D 212 3.66 60.54 -24.52
CA GLN D 212 2.88 61.79 -24.35
C GLN D 212 3.42 62.56 -23.15
N ILE D 213 3.60 61.90 -22.00
CA ILE D 213 4.16 62.53 -20.78
C ILE D 213 5.51 63.18 -21.13
N MET D 214 6.45 62.40 -21.67
CA MET D 214 7.83 62.86 -22.00
C MET D 214 7.79 64.09 -22.91
N GLU D 215 6.94 64.07 -23.95
CA GLU D 215 6.84 65.20 -24.91
C GLU D 215 6.60 66.50 -24.15
N ARG D 216 5.60 66.52 -23.26
CA ARG D 216 5.24 67.74 -22.51
C ARG D 216 6.24 67.99 -21.37
N ARG D 217 6.91 66.96 -20.85
CA ARG D 217 7.78 67.16 -19.67
C ARG D 217 9.06 67.87 -20.07
N ALA D 218 9.68 67.43 -21.17
CA ALA D 218 10.95 68.02 -21.66
C ALA D 218 10.66 69.40 -22.25
N ARG D 219 9.82 69.47 -23.29
CA ARG D 219 9.56 70.78 -23.93
C ARG D 219 9.39 71.83 -22.82
N SER D 220 8.86 71.42 -21.67
CA SER D 220 8.65 72.35 -20.53
C SER D 220 9.94 72.49 -19.71
N GLN D 221 10.82 73.43 -20.09
CA GLN D 221 12.13 73.60 -19.40
C GLN D 221 11.92 73.74 -17.89
N GLU D 222 11.02 74.64 -17.47
CA GLU D 222 10.74 74.84 -16.03
C GLU D 222 12.03 74.57 -15.26
N VAL D 227 15.02 61.93 -12.12
CA VAL D 227 15.65 60.72 -12.75
C VAL D 227 14.87 60.39 -14.02
N PHE D 228 13.55 60.31 -13.94
CA PHE D 228 12.73 60.10 -15.16
C PHE D 228 13.19 61.15 -16.19
N GLN D 229 13.32 62.40 -15.76
CA GLN D 229 13.79 63.49 -16.66
C GLN D 229 15.20 63.12 -17.11
N MET D 230 16.07 62.73 -16.18
CA MET D 230 17.40 62.25 -16.61
C MET D 230 17.20 61.23 -17.75
N LEU D 231 16.35 60.24 -17.53
CA LEU D 231 16.01 59.19 -18.54
C LEU D 231 15.52 59.87 -19.83
N ILE D 232 14.59 60.83 -19.70
CA ILE D 232 14.00 61.57 -20.85
C ILE D 232 15.15 62.20 -21.66
N ASP D 233 16.22 62.65 -20.98
CA ASP D 233 17.36 63.40 -21.57
C ASP D 233 18.54 62.46 -21.81
N ALA D 234 18.42 61.19 -21.38
CA ALA D 234 19.55 60.23 -21.28
C ALA D 234 20.05 59.85 -22.66
N SER D 235 21.34 59.53 -22.72
CA SER D 235 21.94 58.97 -23.96
C SER D 235 23.00 57.94 -23.53
N TYR D 236 23.32 56.99 -24.41
CA TYR D 236 24.39 56.00 -24.13
C TYR D 236 25.76 56.67 -24.34
N ASP D 237 26.81 55.98 -23.89
CA ASP D 237 28.23 56.42 -24.00
C ASP D 237 28.62 56.64 -25.47
N ASP D 238 27.96 55.94 -26.42
CA ASP D 238 28.18 56.16 -27.87
C ASP D 238 27.37 57.36 -28.35
N GLY D 239 26.63 58.02 -27.44
CA GLY D 239 25.83 59.21 -27.76
C GLY D 239 24.51 58.90 -28.46
N SER D 240 24.11 57.62 -28.54
CA SER D 240 22.75 57.25 -28.97
C SER D 240 21.75 57.74 -27.90
N LYS D 241 20.67 58.41 -28.33
CA LYS D 241 19.55 58.85 -27.47
C LYS D 241 18.70 57.64 -27.09
N LEU D 242 18.34 57.48 -25.81
CA LEU D 242 17.30 56.52 -25.38
C LEU D 242 15.96 56.91 -26.04
N THR D 243 15.25 55.91 -26.59
CA THR D 243 13.94 56.12 -27.26
C THR D 243 12.80 56.09 -26.25
N PRO D 244 11.58 56.53 -26.62
CA PRO D 244 10.41 56.33 -25.77
C PRO D 244 10.26 54.86 -25.35
N HIS D 245 10.55 53.94 -26.29
CA HIS D 245 10.39 52.47 -26.11
C HIS D 245 11.29 51.99 -24.97
N GLU D 246 12.57 52.36 -25.03
CA GLU D 246 13.58 52.00 -24.00
C GLU D 246 13.17 52.62 -22.66
N ILE D 247 12.81 53.90 -22.68
CA ILE D 247 12.47 54.68 -21.45
C ILE D 247 11.29 53.99 -20.77
N THR D 248 10.26 53.64 -21.55
CA THR D 248 9.04 52.95 -21.04
C THR D 248 9.49 51.64 -20.39
N GLY D 249 10.34 50.88 -21.08
CA GLY D 249 10.86 49.59 -20.61
C GLY D 249 11.53 49.71 -19.25
N MET D 250 12.28 50.81 -19.05
CA MET D 250 13.12 50.95 -17.82
C MET D 250 12.25 51.50 -16.68
N LEU D 251 11.16 52.20 -17.00
CA LEU D 251 10.19 52.63 -15.97
C LEU D 251 9.41 51.40 -15.48
N ILE D 252 9.01 50.52 -16.39
CA ILE D 252 8.29 49.26 -16.05
C ILE D 252 9.22 48.42 -15.16
N ALA D 253 10.48 48.27 -15.57
CA ALA D 253 11.49 47.51 -14.81
C ALA D 253 11.62 48.07 -13.40
N THR D 254 11.61 49.40 -13.23
CA THR D 254 11.81 50.06 -11.91
C THR D 254 10.56 49.88 -11.04
N ILE D 255 9.36 49.92 -11.63
CA ILE D 255 8.10 49.68 -10.87
C ILE D 255 8.02 48.19 -10.49
N PHE D 256 8.61 47.30 -11.29
CA PHE D 256 8.59 45.84 -11.01
C PHE D 256 9.59 45.53 -9.90
N ALA D 257 10.76 46.16 -9.98
CA ALA D 257 11.84 45.97 -8.96
C ALA D 257 11.36 46.51 -7.61
N GLY D 258 10.72 47.68 -7.57
CA GLY D 258 10.41 48.33 -6.28
C GLY D 258 9.08 47.87 -5.69
N HIS D 259 8.21 47.24 -6.48
CA HIS D 259 6.82 46.94 -6.05
C HIS D 259 6.49 45.45 -6.09
N HIS D 260 6.68 44.81 -7.24
CA HIS D 260 6.25 43.39 -7.44
C HIS D 260 7.21 42.47 -6.70
N THR D 261 8.41 42.94 -6.39
CA THR D 261 9.36 42.12 -5.62
C THR D 261 9.05 42.25 -4.13
N SER D 262 8.31 43.30 -3.76
CA SER D 262 8.24 43.65 -2.31
C SER D 262 6.82 43.57 -1.74
N SER D 263 5.75 43.67 -2.54
CA SER D 263 4.38 43.72 -1.97
C SER D 263 4.07 42.47 -1.14
N GLY D 264 4.26 41.28 -1.73
CA GLY D 264 4.02 40.04 -0.98
C GLY D 264 4.86 39.95 0.27
N THR D 265 6.16 40.27 0.17
CA THR D 265 7.08 40.09 1.32
C THR D 265 6.72 41.08 2.43
N THR D 266 6.28 42.29 2.04
CA THR D 266 5.78 43.25 3.06
C THR D 266 4.62 42.58 3.80
N ALA D 267 3.60 42.16 3.04
CA ALA D 267 2.39 41.58 3.65
C ALA D 267 2.79 40.46 4.62
N TRP D 268 3.76 39.63 4.24
CA TRP D 268 4.20 38.46 5.06
C TRP D 268 4.75 38.95 6.41
N VAL D 269 5.51 40.04 6.41
CA VAL D 269 6.14 40.60 7.65
C VAL D 269 5.04 40.81 8.69
N LEU D 270 4.01 41.59 8.33
CA LEU D 270 2.92 41.93 9.28
C LEU D 270 2.12 40.67 9.63
N ILE D 271 1.81 39.82 8.64
CA ILE D 271 1.04 38.57 8.89
C ILE D 271 1.82 37.69 9.87
N GLU D 272 3.13 37.55 9.64
CA GLU D 272 3.98 36.61 10.42
C GLU D 272 4.15 37.14 11.85
N LEU D 273 4.18 38.46 12.03
CA LEU D 273 4.23 39.04 13.40
C LEU D 273 2.92 38.73 14.12
N LEU D 274 1.78 39.02 13.47
CA LEU D 274 0.44 38.80 14.09
C LEU D 274 0.27 37.31 14.43
N ARG D 275 0.87 36.44 13.61
CA ARG D 275 0.74 34.97 13.83
C ARG D 275 1.71 34.56 14.94
N ARG D 276 2.81 35.30 15.10
CA ARG D 276 3.80 35.00 16.17
C ARG D 276 3.94 36.23 17.07
N PRO D 277 3.06 36.42 18.09
CA PRO D 277 3.06 37.64 18.89
C PRO D 277 4.39 37.94 19.60
N GLU D 278 5.08 36.90 20.09
CA GLU D 278 6.41 37.10 20.73
C GLU D 278 7.22 38.12 19.94
N TYR D 279 7.23 38.03 18.61
CA TYR D 279 8.06 38.91 17.76
C TYR D 279 7.31 40.22 17.45
N LEU D 280 5.97 40.18 17.43
CA LEU D 280 5.22 41.46 17.35
C LEU D 280 5.61 42.36 18.53
N ARG D 281 5.62 41.82 19.75
CA ARG D 281 5.95 42.56 21.00
C ARG D 281 7.37 43.14 20.86
N ARG D 282 8.34 42.34 20.41
CA ARG D 282 9.77 42.77 20.31
C ARG D 282 9.93 43.83 19.21
N VAL D 283 9.28 43.62 18.06
CA VAL D 283 9.33 44.58 16.90
C VAL D 283 8.63 45.86 17.32
N ARG D 284 7.41 45.80 17.86
CA ARG D 284 6.71 47.07 18.19
C ARG D 284 7.51 47.79 19.28
N ALA D 285 8.15 47.04 20.19
CA ALA D 285 9.04 47.65 21.21
C ALA D 285 10.03 48.60 20.52
N GLU D 286 10.73 48.15 19.49
CA GLU D 286 11.81 48.98 18.86
C GLU D 286 11.23 50.11 17.99
N ILE D 287 10.11 49.87 17.30
CA ILE D 287 9.49 50.92 16.46
C ILE D 287 9.03 52.06 17.38
N ASP D 288 8.22 51.69 18.38
CA ASP D 288 7.73 52.65 19.41
C ASP D 288 8.96 53.34 20.03
N ALA D 289 10.08 52.63 20.11
CA ALA D 289 11.32 53.15 20.74
C ALA D 289 11.83 54.34 19.93
N LEU D 290 11.87 54.25 18.59
CA LEU D 290 12.48 55.31 17.74
C LEU D 290 11.49 56.47 17.59
N PHE D 291 10.19 56.19 17.71
CA PHE D 291 9.16 57.27 17.74
C PHE D 291 9.49 58.16 18.93
N GLU D 292 10.01 57.57 20.01
CA GLU D 292 10.35 58.30 21.25
C GLU D 292 11.77 58.87 21.13
N THR D 293 12.82 58.05 21.16
CA THR D 293 14.19 58.64 21.17
C THR D 293 14.36 59.63 20.00
N HIS D 294 14.06 59.21 18.77
CA HIS D 294 14.07 60.15 17.62
C HIS D 294 12.72 60.86 17.58
N GLY D 295 12.49 61.76 16.61
CA GLY D 295 11.16 62.39 16.49
C GLY D 295 10.29 61.55 15.60
N ARG D 296 10.37 61.79 14.29
CA ARG D 296 9.65 60.94 13.31
C ARG D 296 10.62 59.85 12.82
N VAL D 297 10.28 59.10 11.76
CA VAL D 297 11.10 57.96 11.26
C VAL D 297 12.19 58.51 10.33
N THR D 298 13.45 58.21 10.66
CA THR D 298 14.61 58.72 9.88
C THR D 298 15.26 57.56 9.13
N PHE D 299 15.88 57.85 7.98
CA PHE D 299 16.62 56.84 7.19
C PHE D 299 17.72 56.24 8.06
N GLU D 300 18.03 56.91 9.19
CA GLU D 300 19.12 56.46 10.10
C GLU D 300 18.53 55.56 11.20
N SER D 301 17.47 55.99 11.87
CA SER D 301 16.84 55.23 12.99
C SER D 301 16.45 53.84 12.50
N LEU D 302 16.23 53.71 11.19
CA LEU D 302 15.76 52.46 10.52
C LEU D 302 16.94 51.49 10.35
N ARG D 303 18.12 52.04 10.04
CA ARG D 303 19.32 51.20 9.89
C ARG D 303 19.64 50.60 11.26
N GLN D 304 18.91 51.03 12.30
CA GLN D 304 19.17 50.55 13.67
C GLN D 304 17.92 49.89 14.27
N MET D 305 17.28 48.95 13.57
CA MET D 305 16.20 48.12 14.15
C MET D 305 16.52 46.66 13.83
N PRO D 306 17.32 45.97 14.68
CA PRO D 306 17.76 44.60 14.43
C PRO D 306 16.62 43.58 14.49
N GLN D 307 15.66 43.77 15.41
CA GLN D 307 14.49 42.88 15.56
C GLN D 307 13.75 42.80 14.22
N LEU D 308 13.38 43.96 13.67
CA LEU D 308 12.59 44.05 12.42
C LEU D 308 13.43 43.56 11.24
N GLU D 309 14.66 44.03 11.13
CA GLU D 309 15.63 43.57 10.09
C GLU D 309 15.58 42.04 10.03
N ASN D 310 15.48 41.37 11.19
CA ASN D 310 15.60 39.89 11.27
C ASN D 310 14.28 39.24 10.88
N VAL D 311 13.13 39.83 11.22
CA VAL D 311 11.82 39.24 10.84
C VAL D 311 11.70 39.30 9.32
N ILE D 312 12.19 40.38 8.69
CA ILE D 312 12.19 40.54 7.21
C ILE D 312 13.14 39.48 6.62
N LYS D 313 14.33 39.32 7.23
CA LYS D 313 15.33 38.31 6.80
C LYS D 313 14.71 36.91 6.86
N GLU D 314 13.87 36.62 7.86
CA GLU D 314 13.29 35.27 8.05
C GLU D 314 12.10 35.10 7.12
N VAL D 315 11.31 36.17 6.94
CA VAL D 315 10.21 36.25 5.93
C VAL D 315 10.77 35.89 4.54
N LEU D 316 11.95 36.43 4.20
CA LEU D 316 12.61 36.17 2.89
C LEU D 316 13.14 34.73 2.82
N ARG D 317 13.49 34.09 3.95
CA ARG D 317 13.96 32.68 3.90
C ARG D 317 12.76 31.79 3.53
N LEU D 318 11.60 32.03 4.13
CA LEU D 318 10.41 31.13 4.04
C LEU D 318 9.47 31.61 2.92
N HIS D 319 9.52 32.91 2.58
CA HIS D 319 8.68 33.53 1.52
C HIS D 319 9.56 34.32 0.56
N PRO D 320 10.57 33.65 -0.04
CA PRO D 320 11.37 34.25 -1.11
C PRO D 320 10.50 34.45 -2.35
N PRO D 321 10.27 35.72 -2.78
CA PRO D 321 9.32 35.98 -3.84
C PRO D 321 9.80 35.44 -5.20
N LEU D 322 11.10 35.52 -5.51
CA LEU D 322 11.65 34.93 -6.75
C LEU D 322 12.17 33.52 -6.44
N ILE D 323 11.49 32.48 -6.93
CA ILE D 323 11.72 31.07 -6.52
C ILE D 323 12.49 30.30 -7.61
N LEU D 324 12.63 30.88 -8.80
CA LEU D 324 13.35 30.22 -9.93
C LEU D 324 14.24 31.25 -10.64
N LEU D 325 15.54 31.20 -10.35
CA LEU D 325 16.56 31.98 -11.08
C LEU D 325 17.21 31.05 -12.11
N MET D 326 17.52 31.57 -13.30
CA MET D 326 17.90 30.72 -14.46
C MET D 326 19.10 31.33 -15.20
N ARG D 327 19.90 30.46 -15.81
CA ARG D 327 20.92 30.86 -16.82
C ARG D 327 20.94 29.82 -17.95
N LYS D 328 21.15 30.27 -19.19
CA LYS D 328 21.56 29.42 -20.33
C LYS D 328 23.03 29.01 -20.13
N VAL D 329 23.34 27.73 -20.32
CA VAL D 329 24.74 27.20 -20.27
C VAL D 329 25.39 27.39 -21.64
N MET D 330 26.41 28.25 -21.71
CA MET D 330 27.05 28.70 -22.97
C MET D 330 28.30 27.83 -23.23
N LYS D 331 28.87 27.28 -22.15
CA LYS D 331 30.05 26.38 -22.19
C LYS D 331 29.87 25.24 -21.17
N ASP D 332 30.17 24.00 -21.56
CA ASP D 332 30.15 22.82 -20.65
C ASP D 332 30.80 23.24 -19.32
N PHE D 333 30.23 22.86 -18.17
CA PHE D 333 30.88 23.01 -16.86
C PHE D 333 30.35 21.93 -15.90
N GLU D 334 31.09 21.67 -14.82
CA GLU D 334 30.84 20.54 -13.89
C GLU D 334 30.34 21.09 -12.54
N VAL D 335 29.44 20.35 -11.88
CA VAL D 335 29.11 20.52 -10.44
C VAL D 335 28.99 19.12 -9.81
N GLN D 336 29.63 18.92 -8.66
CA GLN D 336 29.64 17.61 -7.95
C GLN D 336 29.96 16.52 -8.99
N GLY D 337 30.90 16.81 -9.89
CA GLY D 337 31.48 15.80 -10.81
C GLY D 337 30.50 15.37 -11.88
N MET D 338 29.53 16.22 -12.23
CA MET D 338 28.57 15.93 -13.34
C MET D 338 28.70 17.01 -14.42
N ARG D 339 28.83 16.59 -15.67
CA ARG D 339 29.01 17.54 -16.83
C ARG D 339 27.64 18.08 -17.22
N ILE D 340 27.38 19.36 -16.91
CA ILE D 340 26.21 20.12 -17.44
C ILE D 340 26.60 20.72 -18.80
N GLU D 341 25.99 20.19 -19.87
CA GLU D 341 26.41 20.45 -21.27
C GLU D 341 25.86 21.81 -21.72
N ALA D 342 26.64 22.52 -22.54
CA ALA D 342 26.22 23.77 -23.21
C ALA D 342 24.91 23.50 -23.96
N GLY D 343 23.98 24.47 -23.93
CA GLY D 343 22.66 24.37 -24.58
C GLY D 343 21.58 24.03 -23.56
N LYS D 344 21.94 23.30 -22.50
CA LYS D 344 21.06 23.11 -21.32
C LYS D 344 20.90 24.46 -20.60
N PHE D 345 19.94 24.52 -19.69
CA PHE D 345 19.73 25.67 -18.78
C PHE D 345 19.94 25.17 -17.34
N VAL D 346 20.04 26.12 -16.42
CA VAL D 346 20.51 25.84 -15.03
C VAL D 346 19.71 26.76 -14.11
N CYS D 347 19.28 26.21 -12.97
CA CYS D 347 18.24 26.84 -12.12
C CYS D 347 18.74 26.87 -10.67
N ALA D 348 18.46 27.97 -9.98
CA ALA D 348 18.58 28.09 -8.51
C ALA D 348 17.18 28.24 -7.93
N ALA D 349 16.94 27.66 -6.76
CA ALA D 349 15.61 27.67 -6.10
C ALA D 349 15.79 28.16 -4.67
N PRO D 350 15.66 29.49 -4.44
CA PRO D 350 15.72 30.02 -3.07
C PRO D 350 14.77 29.25 -2.14
N SER D 351 13.53 28.99 -2.56
CA SER D 351 12.51 28.32 -1.72
C SER D 351 12.97 26.92 -1.26
N VAL D 352 13.65 26.18 -2.13
CA VAL D 352 14.08 24.78 -1.88
C VAL D 352 15.36 24.78 -1.02
N THR D 353 16.37 25.54 -1.44
CA THR D 353 17.69 25.59 -0.72
C THR D 353 17.49 26.13 0.70
N HIS D 354 16.57 27.07 0.90
CA HIS D 354 16.26 27.70 2.22
C HIS D 354 15.62 26.69 3.17
N ARG D 355 15.14 25.55 2.68
CA ARG D 355 14.39 24.64 3.59
C ARG D 355 15.25 23.40 3.84
N ILE D 356 16.52 23.44 3.41
CA ILE D 356 17.49 22.34 3.65
C ILE D 356 17.93 22.36 5.12
N PRO D 357 17.71 21.27 5.89
CA PRO D 357 17.92 21.29 7.34
C PRO D 357 19.40 21.37 7.76
N GLU D 358 20.30 20.83 6.93
CA GLU D 358 21.77 20.96 7.10
C GLU D 358 22.19 22.44 7.08
N LEU D 359 21.40 23.35 6.51
CA LEU D 359 21.86 24.76 6.43
C LEU D 359 20.98 25.60 7.36
N PHE D 360 19.74 25.17 7.54
CA PHE D 360 18.78 25.89 8.40
C PHE D 360 18.07 24.88 9.30
N PRO D 361 18.59 24.68 10.53
CA PRO D 361 18.08 23.61 11.39
C PRO D 361 16.60 23.85 11.70
N ASN D 362 15.78 22.80 11.58
CA ASN D 362 14.30 22.90 11.77
C ASN D 362 13.76 23.93 10.79
N PRO D 363 13.92 23.67 9.46
CA PRO D 363 13.77 24.72 8.45
C PRO D 363 12.39 25.38 8.47
N GLU D 364 11.34 24.64 8.82
CA GLU D 364 9.93 25.08 8.67
C GLU D 364 9.55 25.98 9.85
N LEU D 365 10.51 26.22 10.75
CA LEU D 365 10.25 27.04 11.96
C LEU D 365 10.60 28.49 11.69
N PHE D 366 9.64 29.39 11.88
CA PHE D 366 9.90 30.85 11.76
C PHE D 366 10.71 31.30 12.97
N ASP D 367 12.02 31.50 12.80
CA ASP D 367 12.94 31.95 13.88
C ASP D 367 13.86 33.03 13.33
N PRO D 368 13.71 34.31 13.77
CA PRO D 368 14.54 35.39 13.26
C PRO D 368 15.92 35.46 13.93
N ASP D 369 16.50 34.33 14.34
CA ASP D 369 17.90 34.28 14.84
C ASP D 369 18.84 34.36 13.64
N ARG D 370 19.06 35.61 13.22
CA ARG D 370 19.74 36.01 11.96
C ARG D 370 20.92 36.91 12.34
N TYR D 371 20.66 38.12 12.84
CA TYR D 371 21.68 39.11 13.25
C TYR D 371 22.48 38.58 14.45
N THR D 372 22.02 37.44 14.98
CA THR D 372 22.65 36.82 16.16
C THR D 372 24.06 36.34 15.80
N PRO D 373 24.88 35.95 16.79
CA PRO D 373 26.20 35.37 16.52
C PRO D 373 26.24 34.37 15.36
N GLU D 374 25.36 33.36 15.39
CA GLU D 374 25.43 32.24 14.42
C GLU D 374 25.44 32.79 12.98
N ARG D 375 24.52 33.70 12.65
CA ARG D 375 24.46 34.31 11.30
C ARG D 375 24.44 33.32 10.13
N ALA D 376 23.44 32.43 10.09
CA ALA D 376 23.28 31.44 9.01
C ALA D 376 23.26 32.06 7.60
N GLU D 377 22.76 33.28 7.45
CA GLU D 377 22.63 33.92 6.11
C GLU D 377 24.03 34.18 5.54
N ASP D 378 24.97 34.65 6.36
CA ASP D 378 26.34 35.00 5.89
C ASP D 378 27.23 33.76 6.02
N LYS D 379 26.83 32.82 6.89
CA LYS D 379 27.62 31.57 7.08
C LYS D 379 27.98 31.02 5.70
N ASP D 380 27.00 30.98 4.79
CA ASP D 380 27.25 30.59 3.37
C ASP D 380 26.47 31.55 2.46
N LEU D 381 27.18 32.48 1.82
CA LEU D 381 26.53 33.52 0.96
C LEU D 381 25.71 32.81 -0.12
N TYR D 382 25.92 31.50 -0.28
CA TYR D 382 25.30 30.66 -1.33
C TYR D 382 24.27 29.71 -0.70
N GLY D 383 23.98 29.93 0.58
CA GLY D 383 22.88 29.24 1.30
C GLY D 383 21.60 30.04 1.22
N TRP D 384 21.42 30.98 2.16
CA TRP D 384 20.40 32.06 2.06
C TRP D 384 20.60 32.85 0.77
N GLN D 385 19.61 32.93 -0.11
CA GLN D 385 19.79 33.48 -1.48
C GLN D 385 18.49 34.11 -2.01
N ALA D 386 17.74 34.81 -1.16
CA ALA D 386 16.53 35.55 -1.58
C ALA D 386 16.91 36.65 -2.58
N PHE D 387 18.12 37.21 -2.46
CA PHE D 387 18.62 38.33 -3.30
C PHE D 387 19.64 37.80 -4.32
N GLY D 388 19.73 36.47 -4.46
CA GLY D 388 20.68 35.81 -5.37
C GLY D 388 22.09 35.82 -4.81
N GLY D 389 23.10 35.91 -5.68
CA GLY D 389 24.53 35.86 -5.27
C GLY D 389 25.48 36.03 -6.44
N GLY D 390 26.77 36.21 -6.13
CA GLY D 390 27.83 36.36 -7.14
C GLY D 390 27.62 37.61 -7.98
N ARG D 391 28.12 37.63 -9.22
CA ARG D 391 28.17 38.87 -10.03
C ARG D 391 26.78 39.53 -10.05
N HIS D 392 25.70 38.77 -10.27
CA HIS D 392 24.39 39.33 -10.67
C HIS D 392 23.42 39.36 -9.48
N LYS D 393 23.98 39.34 -8.26
CA LYS D 393 23.25 39.55 -6.98
C LYS D 393 22.38 40.81 -7.07
N CYS D 394 21.26 40.86 -6.35
CA CYS D 394 20.41 42.08 -6.28
C CYS D 394 21.28 43.30 -6.01
N SER D 395 21.17 44.37 -6.82
CA SER D 395 21.86 45.65 -6.53
C SER D 395 20.90 46.66 -5.90
N GLY D 396 19.77 46.21 -5.33
CA GLY D 396 18.76 47.10 -4.75
C GLY D 396 18.31 46.65 -3.37
N ASN D 397 19.04 45.73 -2.74
CA ASN D 397 18.63 45.08 -1.46
C ASN D 397 18.56 46.16 -0.36
N ALA D 398 19.53 47.07 -0.34
CA ALA D 398 19.59 48.20 0.62
C ALA D 398 18.26 48.94 0.63
N PHE D 399 17.77 49.34 -0.54
CA PHE D 399 16.50 50.10 -0.70
C PHE D 399 15.31 49.18 -0.42
N ALA D 400 15.39 47.91 -0.84
CA ALA D 400 14.31 46.92 -0.68
C ALA D 400 13.97 46.78 0.81
N MET D 401 14.99 46.58 1.66
CA MET D 401 14.79 46.45 3.12
C MET D 401 14.26 47.75 3.71
N PHE D 402 14.75 48.89 3.21
CA PHE D 402 14.36 50.22 3.75
C PHE D 402 12.88 50.47 3.47
N GLN D 403 12.42 50.14 2.26
CA GLN D 403 11.02 50.49 1.89
C GLN D 403 10.07 49.64 2.73
N ILE D 404 10.43 48.39 3.02
CA ILE D 404 9.47 47.53 3.77
C ILE D 404 9.57 47.85 5.27
N LYS D 405 10.78 48.06 5.78
CA LYS D 405 11.01 48.59 7.16
C LYS D 405 10.15 49.84 7.35
N ALA D 406 10.43 50.87 6.54
CA ALA D 406 9.76 52.19 6.57
C ALA D 406 8.24 52.00 6.58
N ILE D 407 7.73 51.14 5.69
CA ILE D 407 6.25 50.95 5.53
C ILE D 407 5.68 50.31 6.80
N VAL D 408 6.26 49.22 7.29
CA VAL D 408 5.68 48.48 8.44
C VAL D 408 5.79 49.34 9.69
N CYS D 409 6.95 49.98 9.91
CA CYS D 409 7.16 50.83 11.11
C CYS D 409 6.14 51.98 11.15
N VAL D 410 5.61 52.38 9.99
CA VAL D 410 4.67 53.54 9.92
C VAL D 410 3.23 53.04 10.05
N LEU D 411 2.97 51.78 9.67
CA LEU D 411 1.64 51.14 9.80
C LEU D 411 1.39 50.79 11.28
N LEU D 412 2.36 50.15 11.94
CA LEU D 412 2.14 49.64 13.31
C LEU D 412 2.17 50.81 14.30
N ARG D 413 2.82 51.91 13.94
CA ARG D 413 2.96 53.04 14.90
C ARG D 413 1.57 53.65 15.18
N ASN D 414 0.62 53.54 14.26
CA ASN D 414 -0.70 54.21 14.43
C ASN D 414 -1.87 53.30 14.00
N TYR D 415 -1.66 51.99 13.84
CA TYR D 415 -2.79 51.05 13.60
C TYR D 415 -2.52 49.70 14.26
N GLU D 416 -3.53 49.14 14.93
CA GLU D 416 -3.42 47.83 15.63
C GLU D 416 -4.14 46.80 14.76
N PHE D 417 -3.50 45.70 14.41
CA PHE D 417 -4.06 44.75 13.41
C PHE D 417 -4.39 43.38 14.02
N GLU D 418 -5.41 42.72 13.48
CA GLU D 418 -5.82 41.35 13.88
C GLU D 418 -6.12 40.53 12.62
N LEU D 419 -5.73 39.26 12.59
CA LEU D 419 -6.02 38.34 11.45
C LEU D 419 -7.53 38.13 11.29
N ALA D 420 -8.09 38.56 10.17
CA ALA D 420 -9.55 38.47 9.91
C ALA D 420 -9.98 37.02 9.70
N ALA D 421 -9.04 36.06 9.69
CA ALA D 421 -9.30 34.62 9.52
C ALA D 421 -8.33 33.80 10.37
N ALA D 422 -8.42 32.47 10.28
CA ALA D 422 -7.62 31.51 11.08
C ALA D 422 -6.14 31.63 10.70
N PRO D 423 -5.21 31.63 11.69
CA PRO D 423 -3.79 31.86 11.42
C PRO D 423 -3.11 30.91 10.43
N GLU D 424 -3.71 29.75 10.17
CA GLU D 424 -3.13 28.74 9.24
C GLU D 424 -3.77 28.92 7.86
N SER D 425 -4.84 29.72 7.79
CA SER D 425 -5.53 30.07 6.52
C SER D 425 -4.54 30.79 5.59
N TYR D 426 -3.59 31.54 6.17
CA TYR D 426 -2.61 32.40 5.45
C TYR D 426 -1.47 31.54 4.91
N ARG D 427 -1.46 31.33 3.59
CA ARG D 427 -0.46 30.45 2.91
C ARG D 427 0.10 31.20 1.69
N ASP D 428 1.19 30.70 1.11
CA ASP D 428 1.74 31.20 -0.19
C ASP D 428 0.90 30.65 -1.33
N ASP D 429 0.53 31.50 -2.30
CA ASP D 429 0.01 31.07 -3.63
C ASP D 429 1.18 30.56 -4.46
N TYR D 430 1.48 29.26 -4.35
CA TYR D 430 2.67 28.62 -4.96
C TYR D 430 2.38 28.29 -6.43
N ARG D 431 1.28 28.80 -6.98
CA ARG D 431 0.96 28.60 -8.42
C ARG D 431 1.63 29.70 -9.24
N LYS D 432 2.10 30.77 -8.58
CA LYS D 432 2.72 31.94 -9.26
C LYS D 432 4.25 31.81 -9.17
N MET D 433 4.97 32.51 -10.06
CA MET D 433 6.45 32.52 -10.15
C MET D 433 7.01 33.63 -9.26
N VAL D 434 6.22 34.70 -9.13
CA VAL D 434 6.46 35.77 -8.11
C VAL D 434 5.49 35.52 -6.95
N VAL D 435 5.97 34.81 -5.92
CA VAL D 435 5.11 34.14 -4.91
C VAL D 435 4.72 35.17 -3.85
N GLU D 436 3.41 35.30 -3.61
CA GLU D 436 2.87 36.27 -2.61
C GLU D 436 1.79 35.54 -1.81
N PRO D 437 1.25 36.12 -0.71
CA PRO D 437 0.23 35.43 0.09
C PRO D 437 -0.98 35.00 -0.75
N ALA D 438 -1.92 34.26 -0.14
CA ALA D 438 -3.12 33.75 -0.84
C ALA D 438 -3.95 34.90 -1.43
N SER D 439 -4.83 34.61 -2.40
CA SER D 439 -5.58 35.65 -3.15
C SER D 439 -6.39 36.56 -2.23
N PRO D 440 -7.41 36.07 -1.50
CA PRO D 440 -8.12 36.91 -0.53
C PRO D 440 -7.38 36.91 0.81
N CYS D 441 -6.76 38.03 1.16
CA CYS D 441 -5.80 38.12 2.30
C CYS D 441 -6.24 39.24 3.26
N LEU D 442 -7.22 38.94 4.12
CA LEU D 442 -7.98 39.97 4.89
C LEU D 442 -7.31 40.24 6.24
N ILE D 443 -7.51 41.46 6.76
CA ILE D 443 -6.88 41.97 8.02
C ILE D 443 -7.80 43.04 8.64
N ARG D 444 -7.63 43.34 9.93
CA ARG D 444 -8.46 44.37 10.63
C ARG D 444 -7.57 45.39 11.32
N TYR D 445 -8.03 46.64 11.43
CA TYR D 445 -7.24 47.79 11.95
C TYR D 445 -8.02 48.56 13.02
N ARG D 446 -7.29 49.18 13.96
CA ARG D 446 -7.81 50.25 14.86
C ARG D 446 -6.70 51.27 15.12
N ARG D 447 -6.99 52.58 15.11
CA ARG D 447 -5.98 53.63 15.42
C ARG D 447 -5.43 53.43 16.84
N ARG D 448 -4.27 54.05 17.12
CA ARG D 448 -3.71 54.15 18.50
C ARG D 448 -3.66 55.63 18.90
CHA HEM E . -0.24 -10.81 -22.93
CHB HEM E . 0.56 -15.22 -21.07
CHC HEM E . 3.26 -13.24 -17.53
CHD HEM E . 2.40 -8.84 -19.39
C1A HEM E . -0.23 -12.18 -22.71
C2A HEM E . -0.91 -13.10 -23.53
C3A HEM E . -0.68 -14.34 -23.02
C4A HEM E . 0.12 -14.19 -21.88
CMA HEM E . -1.18 -15.65 -23.58
CAA HEM E . -1.69 -12.76 -24.78
CBA HEM E . -3.19 -12.74 -24.52
CGA HEM E . -3.88 -12.44 -25.83
O1A HEM E . -5.00 -11.90 -25.87
O2A HEM E . -3.32 -12.76 -26.91
C1B HEM E . 1.36 -15.00 -19.94
C2B HEM E . 1.77 -16.09 -19.13
C3B HEM E . 2.54 -15.57 -18.14
C4B HEM E . 2.56 -14.10 -18.38
CMB HEM E . 1.42 -17.53 -19.36
CAB HEM E . 3.21 -16.29 -17.04
CBB HEM E . 3.84 -17.44 -17.25
C1C HEM E . 3.29 -11.86 -17.73
C2C HEM E . 3.94 -10.92 -16.91
C3C HEM E . 3.68 -9.67 -17.43
C4C HEM E . 2.87 -9.85 -18.58
CMC HEM E . 4.75 -11.28 -15.69
CAC HEM E . 4.15 -8.35 -16.95
CBC HEM E . 5.06 -8.21 -16.00
C1D HEM E . 1.60 -9.09 -20.51
C2D HEM E . 1.11 -7.95 -21.30
C3D HEM E . 0.38 -8.50 -22.30
C4D HEM E . 0.43 -9.95 -22.07
CMD HEM E . 1.38 -6.49 -21.08
CAD HEM E . -0.35 -7.74 -23.39
CBD HEM E . 0.43 -7.72 -24.70
CGD HEM E . -0.17 -6.70 -25.63
O1D HEM E . 0.56 -5.82 -26.12
O2D HEM E . -1.39 -6.68 -25.90
NA HEM E . 0.40 -12.85 -21.69
NB HEM E . 1.85 -13.84 -19.48
NC HEM E . 2.64 -11.20 -18.74
ND HEM E . 1.18 -10.26 -21.00
FE HEM E . 1.52 -11.95 -20.34
C6 LAN F . -4.90 -11.63 -19.00
C5 LAN F . -5.55 -12.27 -17.83
C4 LAN F . -6.94 -12.83 -18.11
C3 LAN F . -6.94 -13.50 -19.47
C25 LAN F . -8.10 -14.53 -19.68
C26 LAN F . -9.50 -13.88 -19.58
C27 LAN F . -8.04 -15.64 -18.63
C28 LAN F . -7.93 -15.15 -21.07
O29 LAN F . -9.10 -15.92 -21.39
C30 LAN F . -7.69 -14.16 -22.19
C31 LAN F . -6.50 -13.26 -21.89
C1 LAN F . -6.69 -12.45 -20.59
C2 LAN F . -7.81 -11.42 -20.81
C24 LAN F . -5.41 -11.66 -20.25
C23 LAN F . -4.83 -10.84 -21.37
C22 LAN F . -3.74 -9.82 -21.02
C10 LAN F . -3.80 -9.43 -19.56
C11 LAN F . -5.13 -8.70 -19.26
C7 LAN F . -3.70 -10.75 -18.72
C8 LAN F . -2.45 -11.59 -19.10
C9 LAN F . -3.49 -10.24 -17.28
C21 LAN F . -2.74 -8.90 -17.44
C12 LAN F . -2.63 -8.59 -18.97
C13 LAN F . -2.55 -7.09 -19.25
C20 LAN F . -2.33 -6.77 -20.72
C14 LAN F . -1.45 -6.46 -18.39
C15 LAN F . -1.02 -5.05 -18.80
C16 LAN F . -0.17 -4.39 -17.76
C17 LAN F . -0.36 -3.22 -17.18
C19 LAN F . 0.24 -2.88 -15.84
C18 LAN F . -1.17 -2.12 -17.79
CHA HEM G . 31.26 -13.52 16.72
CHB HEM G . 30.62 -8.84 15.57
CHC HEM G . 26.90 -8.59 18.71
CHD HEM G . 27.44 -13.29 19.70
C1A HEM G . 31.40 -12.27 16.15
C2A HEM G . 32.40 -11.92 15.22
C3A HEM G . 32.20 -10.62 14.89
C4A HEM G . 31.11 -10.13 15.62
CMA HEM G . 33.02 -9.82 13.90
CAA HEM G . 33.43 -12.86 14.63
CBA HEM G . 34.80 -12.74 15.31
CGA HEM G . 35.80 -13.59 14.56
O1A HEM G . 36.91 -13.87 15.06
O2A HEM G . 35.54 -14.04 13.42
C1B HEM G . 29.55 -8.41 16.36
C2B HEM G . 29.09 -7.06 16.32
C3B HEM G . 28.04 -6.97 17.18
C4B HEM G . 27.90 -8.32 17.77
CMB HEM G . 29.68 -5.96 15.48
CAB HEM G . 27.20 -5.81 17.54
CBB HEM G . 26.87 -4.86 16.67
C1C HEM G . 26.70 -9.86 19.23
C2C HEM G . 25.71 -10.20 20.17
C3C HEM G . 25.87 -11.53 20.46
C4C HEM G . 26.98 -12.00 19.70
CMC HEM G . 24.69 -9.23 20.71
CAC HEM G . 25.10 -12.38 21.38
CBC HEM G . 24.03 -11.94 22.04
C1D HEM G . 28.55 -13.68 18.94
C2D HEM G . 29.05 -15.05 19.05
C3D HEM G . 30.10 -15.14 18.21
C4D HEM G . 30.25 -13.78 17.64
CMD HEM G . 28.50 -16.17 19.90
CAD HEM G . 30.97 -16.36 17.99
CBD HEM G . 30.67 -17.05 16.67
CGD HEM G . 31.37 -18.40 16.64
O1D HEM G . 30.70 -19.42 16.37
O2D HEM G . 32.59 -18.49 16.87
NA HEM G . 30.61 -11.16 16.39
NB HEM G . 28.81 -9.14 17.21
NC HEM G . 27.47 -10.96 18.94
ND HEM G . 29.29 -12.96 18.09
FE HEM G . 29.06 -11.19 17.62
C6 LAN H . 34.78 -10.55 20.72
C5 LAN H . 35.14 -9.35 21.53
C4 LAN H . 36.64 -9.02 21.51
C3 LAN H . 37.16 -9.20 20.09
C25 LAN H . 38.49 -8.43 19.79
C26 LAN H . 39.66 -8.90 20.66
C27 LAN H . 38.31 -6.92 20.03
C28 LAN H . 38.83 -8.66 18.31
O29 LAN H . 40.12 -8.14 18.02
C30 LAN H . 38.77 -10.10 17.87
C31 LAN H . 37.41 -10.74 18.17
C1 LAN H . 37.07 -10.69 19.67
C2 LAN H . 38.02 -11.65 20.41
C24 LAN H . 35.64 -11.20 19.92
C23 LAN H . 35.29 -12.54 19.32
C22 LAN H . 33.99 -13.23 19.76
C10 LAN H . 33.51 -12.70 21.12
C11 LAN H . 34.50 -13.10 22.22
C7 LAN H . 33.40 -11.13 20.99
C8 LAN H . 32.50 -10.68 19.81
C9 LAN H . 32.70 -10.75 22.29
C21 LAN H . 31.69 -11.91 22.52
C12 LAN H . 32.06 -13.06 21.55
C13 LAN H . 31.78 -14.44 22.16
C20 LAN H . 31.91 -15.58 21.14
C14 LAN H . 30.38 -14.45 22.80
C15 LAN H . 29.83 -15.84 23.12
C16 LAN H . 28.75 -15.80 24.16
C17 LAN H . 28.72 -16.45 25.31
C19 LAN H . 27.56 -16.39 26.25
C18 LAN H . 29.85 -17.31 25.78
CHA HEM I . -47.26 -22.41 -0.33
CHB HEM I . -45.81 -18.54 2.21
CHC HEM I . -44.72 -21.44 5.98
CHD HEM I . -46.09 -25.31 3.38
C1A HEM I . -46.97 -21.13 0.08
C2A HEM I . -47.16 -19.99 -0.74
C3A HEM I . -46.76 -18.90 -0.03
C4A HEM I . -46.30 -19.36 1.22
CMA HEM I . -46.79 -17.46 -0.48
CAA HEM I . -47.75 -20.00 -2.13
CBA HEM I . -46.69 -19.56 -3.14
CGA HEM I . -47.29 -19.66 -4.52
O1A HEM I . -46.60 -20.06 -5.48
O2A HEM I . -48.47 -19.33 -4.71
C1B HEM I . -45.38 -19.07 3.44
C2B HEM I . -44.86 -18.19 4.43
C3B HEM I . -44.55 -18.98 5.50
C4B HEM I . -44.89 -20.37 5.10
CMB HEM I . -44.71 -16.70 4.30
CAB HEM I . -43.99 -18.55 6.79
CBB HEM I . -44.49 -17.50 7.44
C1C HEM I . -45.00 -22.75 5.61
C2C HEM I . -44.78 -23.89 6.41
C3C HEM I . -45.17 -25.00 5.67
C4C HEM I . -45.63 -24.52 4.41
CMC HEM I . -44.24 -23.87 7.82
CAC HEM I . -45.14 -26.41 6.09
CBC HEM I . -45.52 -26.76 7.32
C1D HEM I . -46.50 -24.77 2.17
C2D HEM I . -46.98 -25.66 1.10
C3D HEM I . -47.30 -24.85 0.07
C4D HEM I . -47.03 -23.48 0.52
CMD HEM I . -47.08 -27.16 1.13
CAD HEM I . -47.83 -25.29 -1.27
CBD HEM I . -49.36 -25.13 -1.30
CGD HEM I . -49.84 -25.72 -2.61
O1D HEM I . -50.97 -26.25 -2.68
O2D HEM I . -49.09 -25.71 -3.62
NA HEM I . -46.43 -20.72 1.28
NB HEM I . -45.39 -20.34 3.87
NC HEM I . -45.53 -23.14 4.41
ND HEM I . -46.56 -23.48 1.78
FE HEM I . -46.07 -21.98 2.77
C6 LAN J . -41.25 -21.83 -1.72
C5 LAN J . -39.89 -21.30 -1.45
C4 LAN J . -39.26 -20.55 -2.62
C3 LAN J . -40.31 -19.67 -3.28
C25 LAN J . -39.73 -18.52 -4.16
C26 LAN J . -38.84 -19.03 -5.31
C27 LAN J . -38.87 -17.58 -3.30
C28 LAN J . -40.91 -17.72 -4.75
O29 LAN J . -40.43 -16.81 -5.73
C30 LAN J . -41.99 -18.57 -5.37
C31 LAN J . -42.53 -19.60 -4.38
C1 LAN J . -41.43 -20.56 -3.91
C2 LAN J . -40.98 -21.45 -5.09
C24 LAN J . -41.97 -21.50 -2.82
C23 LAN J . -43.30 -22.15 -3.12
C22 LAN J . -43.77 -23.29 -2.21
C10 LAN J . -42.57 -23.97 -1.55
C11 LAN J . -41.67 -24.60 -2.63
C7 LAN J . -41.78 -22.87 -0.76
C8 LAN J . -42.69 -22.11 0.25
C9 LAN J . -40.78 -23.70 0.04
C21 LAN J . -41.56 -24.99 0.42
C12 LAN J . -42.85 -25.03 -0.43
C13 LAN J . -43.24 -26.46 -0.84
C20 LAN J . -44.58 -26.52 -1.56
C14 LAN J . -43.24 -27.39 0.38
C15 LAN J . -43.49 -28.85 0.06
C16 LAN J . -43.17 -29.76 1.21
C17 LAN J . -43.22 -31.08 1.25
C19 LAN J . -42.78 -31.88 2.43
C18 LAN J . -43.73 -31.90 0.10
CHA HEM K . 18.40 41.30 -9.16
CHB HEM K . 15.62 39.73 -5.50
CHC HEM K . 14.11 44.29 -4.69
CHD HEM K . 17.00 45.85 -8.26
C1A HEM K . 17.78 40.52 -8.21
C2A HEM K . 18.00 39.13 -8.09
C3A HEM K . 17.23 38.68 -7.07
C4A HEM K . 16.52 39.78 -6.55
CMA HEM K . 17.15 37.27 -6.57
CAA HEM K . 18.94 38.30 -8.93
CBA HEM K . 18.16 37.49 -9.96
CGA HEM K . 19.13 36.61 -10.72
O1A HEM K . 18.86 36.21 -11.88
O2A HEM K . 20.19 36.23 -10.17
C1B HEM K . 14.99 40.87 -5.02
C2B HEM K . 14.04 40.77 -3.97
C3B HEM K . 13.61 42.03 -3.71
C4B HEM K . 14.31 42.91 -4.67
CMB HEM K . 13.63 39.49 -3.27
CAB HEM K . 12.63 42.45 -2.69
CBB HEM K . 12.70 42.00 -1.44
C1C HEM K . 14.79 45.13 -5.57
C2C HEM K . 14.63 46.51 -5.67
C3C HEM K . 15.44 46.96 -6.70
C4C HEM K . 16.10 45.83 -7.22
CMC HEM K . 13.71 47.32 -4.77
CAC HEM K . 15.64 48.34 -7.18
CBC HEM K . 15.14 49.40 -6.56
C1D HEM K . 17.58 44.68 -8.75
C2D HEM K . 18.49 44.77 -9.90
C3D HEM K . 18.90 43.52 -10.15
C4D HEM K . 18.19 42.68 -9.17
CMD HEM K . 18.90 46.01 -10.66
CAD HEM K . 19.82 43.09 -11.27
CBD HEM K . 21.20 42.67 -10.78
CGD HEM K . 22.06 42.40 -11.98
O1D HEM K . 23.27 42.69 -11.99
O2D HEM K . 21.54 41.89 -13.00
NA HEM K . 16.87 40.92 -7.26
NB HEM K . 15.13 42.14 -5.41
NC HEM K . 15.69 44.72 -6.52
ND HEM K . 17.43 43.42 -8.35
FE HEM K . 16.40 42.80 -6.94
C6 LAN L . 12.93 40.31 -11.82
C5 LAN L . 11.46 40.09 -11.77
C4 LAN L . 10.99 38.79 -12.42
C3 LAN L . 11.97 37.67 -12.11
C25 LAN L . 11.40 36.23 -12.30
C26 LAN L . 10.95 35.94 -13.74
C27 LAN L . 10.18 36.00 -11.39
C28 LAN L . 12.49 35.23 -11.91
O29 LAN L . 12.10 33.91 -12.25
C30 LAN L . 13.85 35.51 -12.53
C31 LAN L . 14.33 36.92 -12.22
C1 LAN L . 13.35 37.99 -12.73
C2 LAN L . 13.40 38.00 -14.28
C24 LAN L . 13.81 39.38 -12.27
C23 LAN L . 15.27 39.69 -12.43
C22 LAN L . 15.73 41.14 -12.21
C10 LAN L . 14.59 42.11 -12.44
C11 LAN L . 14.12 42.03 -13.91
C7 LAN L . 13.42 41.70 -11.47
C8 LAN L . 13.88 41.64 -9.99
C9 LAN L . 12.45 42.87 -11.61
C21 LAN L . 13.37 44.12 -11.78
C12 LAN L . 14.81 43.60 -12.05
C13 LAN L . 15.57 44.50 -13.04
C20 LAN L . 17.04 44.09 -13.21
C14 LAN L . 15.47 45.98 -12.62
C15 LAN L . 16.08 46.94 -13.63
C16 LAN L . 15.64 48.36 -13.41
C17 LAN L . 15.95 49.42 -14.14
C19 LAN L . 15.42 50.79 -13.84
C18 LAN L . 16.85 49.35 -15.33
#